data_4Z6V
#
_entry.id   4Z6V
#
_cell.length_a   110.180
_cell.length_b   150.635
_cell.length_c   96.103
_cell.angle_alpha   90.000
_cell.angle_beta   90.000
_cell.angle_gamma   90.000
#
_symmetry.space_group_name_H-M   'P 21 21 2'
#
loop_
_entity.id
_entity.type
_entity.pdbx_description
1 polymer 'Homoprotocatechuate 2,3-dioxygenase'
2 non-polymer 'FE (II) ION'
3 non-polymer 'HEXAETHYLENE GLYCOL'
4 non-polymer 'CHLORIDE ION'
5 non-polymer 'CALCIUM ION'
6 non-polymer 4-NITROCATECHOL
7 water water
#
_entity_poly.entity_id   1
_entity_poly.type   'polypeptide(L)'
_entity_poly.pdbx_seq_one_letter_code
;MSNEIPKPVAPAPDILRCAYAELVVTDLAKSRNFYVDVLGLHVSYEDENQIYLRSFEEFIHHNLVLTKGPVAALKAMAFR
VRTPEDVDKAEAYYQELGCRTERRKDGFVKGIGDALRVEDPLGFPYEFFFETTHVERLHMRYDLYSAGELVRLDHFNQVT
PDVPRGRKYLEDLGFRVTEDIQDDEGTTYAAWMHRKGTVQDTALTGGNGPRLHHVAFSTHEKHNIIQICDKMGALRISDR
IERGPGRHGVSNAFYLYILDPDNHRIEIYTQDYYTGDPDNPTITWNVHDNQRRDWWGNPVVPSWYTEASKVLDLDGNVQE
IIERTDDSELEVTIGADGFSFTRAGDEDGSYHGQASKGFKLGNQL
;
_entity_poly.pdbx_strand_id   A,B,C,D
#
loop_
_chem_comp.id
_chem_comp.type
_chem_comp.name
_chem_comp.formula
4NC non-polymer 4-NITROCATECHOL 'C6 H5 N O4'
CA non-polymer 'CALCIUM ION' 'Ca 2'
CL non-polymer 'CHLORIDE ION' 'Cl -1'
FE2 non-polymer 'FE (II) ION' 'Fe 2'
P6G non-polymer 'HEXAETHYLENE GLYCOL' 'C12 H26 O7'
#
# COMPACT_ATOMS: atom_id res chain seq x y z
N GLU A 4 29.62 36.44 -8.87
CA GLU A 4 28.13 36.47 -8.90
C GLU A 4 27.64 36.59 -10.35
N ILE A 5 26.57 35.87 -10.66
CA ILE A 5 25.99 35.91 -11.98
C ILE A 5 24.97 37.03 -12.02
N PRO A 6 25.13 38.00 -12.95
CA PRO A 6 24.22 39.14 -12.96
C PRO A 6 22.80 38.74 -13.34
N LYS A 7 21.82 39.48 -12.84
CA LYS A 7 20.44 39.37 -13.31
C LYS A 7 20.24 40.13 -14.63
N PRO A 8 19.86 39.40 -15.70
CA PRO A 8 19.64 40.08 -16.97
C PRO A 8 18.55 41.14 -16.91
N VAL A 9 18.67 42.14 -17.75
CA VAL A 9 17.54 43.03 -18.01
C VAL A 9 16.43 42.26 -18.75
N ALA A 10 16.84 41.43 -19.70
CA ALA A 10 15.89 40.63 -20.47
C ALA A 10 15.04 39.70 -19.59
N PRO A 11 13.74 39.59 -19.89
CA PRO A 11 12.85 38.79 -19.04
C PRO A 11 13.20 37.31 -19.10
N ALA A 12 13.12 36.63 -17.95
CA ALA A 12 13.32 35.19 -17.95
C ALA A 12 12.17 34.49 -18.70
N PRO A 13 12.51 33.39 -19.37
CA PRO A 13 11.44 32.54 -19.91
C PRO A 13 10.59 31.94 -18.81
N ASP A 14 9.32 31.68 -19.13
CA ASP A 14 8.38 31.03 -18.22
C ASP A 14 8.58 29.51 -18.33
N ILE A 15 9.32 28.95 -17.38
CA ILE A 15 9.60 27.50 -17.37
C ILE A 15 8.47 26.74 -16.64
N LEU A 16 7.94 25.70 -17.30
CA LEU A 16 6.87 24.87 -16.71
C LEU A 16 7.38 23.84 -15.71
N ARG A 17 8.44 23.13 -16.10
CA ARG A 17 8.85 21.90 -15.42
C ARG A 17 10.07 21.33 -16.09
N CYS A 18 10.80 20.47 -15.36
CA CYS A 18 11.67 19.52 -16.03
C CYS A 18 10.87 18.61 -16.96
N ALA A 19 11.45 18.31 -18.12
CA ALA A 19 10.71 17.54 -19.15
C ALA A 19 11.40 16.24 -19.59
N TYR A 20 12.70 16.30 -19.87
CA TYR A 20 13.46 15.12 -20.27
C TYR A 20 14.95 15.36 -20.11
N ALA A 21 15.70 14.26 -20.02
CA ALA A 21 17.16 14.31 -20.08
C ALA A 21 17.61 13.49 -21.28
N GLU A 22 18.66 13.95 -21.94
CA GLU A 22 19.39 13.14 -22.91
C GLU A 22 20.69 12.67 -22.30
N LEU A 23 20.78 11.36 -22.15
CA LEU A 23 21.97 10.70 -21.61
C LEU A 23 22.70 9.97 -22.70
N VAL A 24 23.99 10.22 -22.81
CA VAL A 24 24.84 9.42 -23.67
C VAL A 24 25.23 8.16 -22.91
N VAL A 25 25.06 7.03 -23.60
CA VAL A 25 25.35 5.71 -23.07
C VAL A 25 26.29 4.96 -24.03
N THR A 26 27.03 3.99 -23.50
CA THR A 26 28.05 3.32 -24.30
C THR A 26 27.57 2.05 -25.01
N ASP A 27 26.59 1.37 -24.42
CA ASP A 27 26.09 0.13 -25.01
C ASP A 27 24.57 0.21 -24.97
N LEU A 28 24.00 0.50 -26.14
CA LEU A 28 22.59 0.84 -26.19
C LEU A 28 21.76 -0.37 -25.73
N ALA A 29 22.18 -1.60 -26.07
CA ALA A 29 21.42 -2.80 -25.68
C ALA A 29 21.43 -3.05 -24.17
N LYS A 30 22.59 -2.85 -23.54
CA LYS A 30 22.67 -3.01 -22.09
C LYS A 30 21.85 -1.93 -21.38
N SER A 31 21.91 -0.70 -21.89
CA SER A 31 21.06 0.37 -21.36
C SER A 31 19.56 0.11 -21.55
N ARG A 32 19.18 -0.35 -22.73
CA ARG A 32 17.77 -0.76 -22.96
C ARG A 32 17.30 -1.79 -21.94
N ASN A 33 18.13 -2.81 -21.70
CA ASN A 33 17.77 -3.84 -20.75
C ASN A 33 17.50 -3.24 -19.37
N PHE A 34 18.32 -2.28 -18.95
CA PHE A 34 18.12 -1.63 -17.64
C PHE A 34 16.83 -0.82 -17.61
N TYR A 35 16.68 0.08 -18.56
CA TYR A 35 15.61 1.05 -18.49
C TYR A 35 14.25 0.48 -18.93
N VAL A 36 14.26 -0.44 -19.89
CA VAL A 36 13.01 -1.04 -20.39
C VAL A 36 12.72 -2.34 -19.63
N ASP A 37 13.64 -3.30 -19.64
CA ASP A 37 13.31 -4.61 -19.06
C ASP A 37 13.30 -4.56 -17.53
N VAL A 38 14.30 -3.94 -16.91
CA VAL A 38 14.36 -3.91 -15.44
C VAL A 38 13.37 -2.85 -14.94
N LEU A 39 13.49 -1.62 -15.43
CA LEU A 39 12.67 -0.52 -14.88
C LEU A 39 11.30 -0.29 -15.50
N GLY A 40 11.03 -0.88 -16.67
CA GLY A 40 9.68 -0.79 -17.28
C GLY A 40 9.30 0.51 -17.97
N LEU A 41 10.25 1.41 -18.26
CA LEU A 41 9.90 2.61 -19.03
C LEU A 41 9.37 2.25 -20.41
N HIS A 42 8.59 3.14 -21.00
CA HIS A 42 7.85 2.87 -22.25
C HIS A 42 8.59 3.45 -23.44
N VAL A 43 8.77 2.63 -24.48
CA VAL A 43 9.47 3.07 -25.69
C VAL A 43 8.55 3.92 -26.58
N SER A 44 8.93 5.19 -26.77
CA SER A 44 8.23 6.06 -27.73
C SER A 44 8.75 5.89 -29.14
N TYR A 45 10.02 5.57 -29.25
CA TYR A 45 10.70 5.47 -30.54
C TYR A 45 12.03 4.85 -30.24
N GLU A 46 12.50 3.96 -31.11
N GLU A 46 12.52 4.04 -31.17
CA GLU A 46 13.89 3.57 -31.04
CA GLU A 46 13.80 3.36 -31.05
C GLU A 46 14.44 3.20 -32.41
C GLU A 46 14.43 3.24 -32.44
N ASP A 47 15.74 3.37 -32.52
CA ASP A 47 16.49 2.90 -33.68
C ASP A 47 17.83 2.36 -33.17
N GLU A 48 18.83 2.28 -34.05
CA GLU A 48 20.13 1.70 -33.71
C GLU A 48 21.02 2.66 -32.92
N ASN A 49 20.63 3.93 -32.87
CA ASN A 49 21.45 4.96 -32.21
C ASN A 49 20.83 5.52 -30.92
N GLN A 50 19.50 5.50 -30.85
CA GLN A 50 18.79 6.14 -29.75
C GLN A 50 17.58 5.31 -29.30
N ILE A 51 17.26 5.44 -28.01
CA ILE A 51 16.00 4.93 -27.46
C ILE A 51 15.32 6.10 -26.75
N TYR A 52 14.07 6.34 -27.11
CA TYR A 52 13.25 7.42 -26.54
C TYR A 52 12.27 6.76 -25.60
N LEU A 53 12.25 7.18 -24.34
CA LEU A 53 11.51 6.51 -23.27
C LEU A 53 10.64 7.50 -22.56
N ARG A 54 9.47 7.05 -22.11
CA ARG A 54 8.58 7.91 -21.34
C ARG A 54 7.99 7.14 -20.17
N SER A 55 7.59 7.93 -19.18
CA SER A 55 6.96 7.39 -18.00
C SER A 55 5.46 7.09 -18.27
N PHE A 56 4.83 6.41 -17.33
CA PHE A 56 3.46 5.91 -17.50
C PHE A 56 2.44 7.03 -17.76
N GLU A 57 2.62 8.20 -17.17
CA GLU A 57 1.59 9.24 -17.26
C GLU A 57 1.94 10.37 -18.23
N GLU A 58 3.03 10.21 -18.94
CA GLU A 58 3.52 11.28 -19.82
C GLU A 58 2.72 11.35 -21.12
N PHE A 59 2.44 12.56 -21.60
CA PHE A 59 1.86 12.76 -22.96
C PHE A 59 2.85 13.40 -23.94
N ILE A 60 3.89 14.10 -23.46
CA ILE A 60 4.91 14.60 -24.39
C ILE A 60 5.76 13.42 -24.86
N HIS A 61 6.58 13.65 -25.87
CA HIS A 61 7.11 12.53 -26.61
C HIS A 61 7.96 11.59 -25.75
N HIS A 62 8.76 12.17 -24.85
CA HIS A 62 9.64 11.37 -24.03
C HIS A 62 10.07 12.14 -22.79
N ASN A 63 10.53 11.37 -21.81
CA ASN A 63 11.23 11.88 -20.62
C ASN A 63 12.72 11.53 -20.54
N LEU A 64 13.18 10.63 -21.40
CA LEU A 64 14.55 10.17 -21.36
C LEU A 64 14.94 9.75 -22.76
N VAL A 65 16.05 10.30 -23.25
CA VAL A 65 16.62 9.90 -24.53
C VAL A 65 17.96 9.28 -24.23
N LEU A 66 18.12 8.03 -24.61
CA LEU A 66 19.39 7.36 -24.53
C LEU A 66 20.06 7.44 -25.90
N THR A 67 21.24 8.04 -25.95
CA THR A 67 21.93 8.30 -27.20
C THR A 67 23.27 7.57 -27.13
N LYS A 68 23.50 6.65 -28.06
CA LYS A 68 24.76 5.91 -28.08
C LYS A 68 25.93 6.89 -28.38
N GLY A 69 27.02 6.73 -27.67
CA GLY A 69 28.17 7.60 -27.85
C GLY A 69 29.37 6.96 -27.18
N PRO A 70 30.55 7.56 -27.39
CA PRO A 70 31.81 6.98 -26.88
C PRO A 70 32.06 7.24 -25.40
N VAL A 71 31.48 8.32 -24.86
CA VAL A 71 31.73 8.72 -23.48
C VAL A 71 30.40 8.96 -22.80
N ALA A 72 30.08 8.14 -21.81
CA ALA A 72 28.81 8.28 -21.08
C ALA A 72 28.77 9.62 -20.34
N ALA A 73 27.66 10.37 -20.44
CA ALA A 73 27.59 11.75 -19.96
C ALA A 73 26.16 12.26 -20.12
N LEU A 74 25.83 13.32 -19.39
CA LEU A 74 24.65 14.12 -19.69
C LEU A 74 24.88 15.00 -20.90
N LYS A 75 24.00 14.87 -21.92
CA LYS A 75 24.09 15.75 -23.09
C LYS A 75 23.17 16.96 -22.99
N ALA A 76 22.00 16.77 -22.39
CA ALA A 76 21.07 17.90 -22.21
C ALA A 76 20.09 17.56 -21.09
N MET A 77 19.82 18.57 -20.26
CA MET A 77 18.72 18.54 -19.32
C MET A 77 17.70 19.56 -19.82
N ALA A 78 16.51 19.10 -20.18
CA ALA A 78 15.51 19.92 -20.86
C ALA A 78 14.35 20.28 -19.97
N PHE A 79 13.97 21.55 -20.06
CA PHE A 79 12.83 22.12 -19.39
C PHE A 79 11.85 22.60 -20.44
N ARG A 80 10.59 22.28 -20.26
CA ARG A 80 9.56 22.81 -21.15
C ARG A 80 9.15 24.20 -20.68
N VAL A 81 8.99 25.13 -21.65
CA VAL A 81 8.51 26.50 -21.36
C VAL A 81 7.04 26.69 -21.82
N ARG A 82 6.38 27.77 -21.37
CA ARG A 82 4.93 27.85 -21.46
C ARG A 82 4.46 28.09 -22.90
N THR A 83 5.22 28.87 -23.67
CA THR A 83 4.80 29.31 -25.01
C THR A 83 5.99 29.25 -25.97
N PRO A 84 5.71 29.20 -27.28
CA PRO A 84 6.79 29.34 -28.26
C PRO A 84 7.65 30.60 -28.02
N GLU A 85 7.02 31.71 -27.63
CA GLU A 85 7.74 32.99 -27.41
C GLU A 85 8.73 32.90 -26.24
N ASP A 86 8.46 32.00 -25.29
CA ASP A 86 9.42 31.76 -24.20
C ASP A 86 10.73 31.14 -24.65
N VAL A 87 10.76 30.47 -25.80
CA VAL A 87 12.05 29.99 -26.33
C VAL A 87 12.89 31.21 -26.82
N ASP A 88 12.22 32.16 -27.47
CA ASP A 88 12.86 33.48 -27.78
C ASP A 88 13.34 34.18 -26.52
N LYS A 89 12.52 34.17 -25.47
CA LYS A 89 12.94 34.80 -24.23
C LYS A 89 14.17 34.10 -23.67
N ALA A 90 14.18 32.78 -23.69
CA ALA A 90 15.32 32.03 -23.20
C ALA A 90 16.59 32.39 -23.97
N GLU A 91 16.47 32.50 -25.29
CA GLU A 91 17.62 32.78 -26.11
C GLU A 91 18.20 34.16 -25.75
N ALA A 92 17.34 35.18 -25.66
CA ALA A 92 17.77 36.53 -25.33
C ALA A 92 18.39 36.58 -23.92
N TYR A 93 17.81 35.80 -23.00
CA TYR A 93 18.24 35.81 -21.59
C TYR A 93 19.66 35.27 -21.47
N TYR A 94 19.91 34.13 -22.10
CA TYR A 94 21.22 33.50 -22.04
C TYR A 94 22.28 34.22 -22.86
N GLN A 95 21.87 34.84 -23.96
CA GLN A 95 22.80 35.69 -24.69
C GLN A 95 23.26 36.87 -23.83
N GLU A 96 22.34 37.50 -23.10
CA GLU A 96 22.72 38.60 -22.21
C GLU A 96 23.66 38.11 -21.12
N LEU A 97 23.45 36.88 -20.66
CA LEU A 97 24.36 36.24 -19.69
C LEU A 97 25.74 35.95 -20.28
N GLY A 98 25.88 36.06 -21.60
CA GLY A 98 27.15 35.80 -22.27
C GLY A 98 27.41 34.31 -22.46
N CYS A 99 26.34 33.52 -22.44
CA CYS A 99 26.44 32.09 -22.56
C CYS A 99 26.37 31.68 -24.02
N ARG A 100 27.09 30.63 -24.34
CA ARG A 100 26.96 29.99 -25.63
C ARG A 100 25.58 29.33 -25.81
N THR A 101 24.93 29.61 -26.95
CA THR A 101 23.60 29.09 -27.26
C THR A 101 23.56 28.51 -28.66
N GLU A 102 22.62 27.57 -28.86
CA GLU A 102 22.36 27.03 -30.18
C GLU A 102 20.86 26.76 -30.31
N ARG A 103 20.26 27.31 -31.37
CA ARG A 103 18.81 27.20 -31.58
C ARG A 103 18.54 26.37 -32.83
N ARG A 104 17.65 25.39 -32.72
CA ARG A 104 17.23 24.58 -33.87
C ARG A 104 15.73 24.52 -33.95
N LYS A 105 15.19 25.06 -35.04
CA LYS A 105 13.74 25.16 -35.22
C LYS A 105 13.05 23.78 -35.32
N ASP A 106 13.78 22.75 -35.75
CA ASP A 106 13.19 21.41 -35.82
C ASP A 106 13.80 20.46 -34.78
N GLY A 107 14.43 21.02 -33.77
CA GLY A 107 14.80 20.24 -32.57
C GLY A 107 16.14 19.56 -32.69
N PHE A 108 16.67 19.13 -31.55
CA PHE A 108 17.90 18.33 -31.47
C PHE A 108 17.67 16.83 -31.41
N VAL A 109 16.50 16.43 -30.89
CA VAL A 109 16.09 15.03 -30.77
C VAL A 109 14.67 14.88 -31.29
N LYS A 110 14.32 13.66 -31.70
CA LYS A 110 12.97 13.38 -32.23
C LYS A 110 11.90 13.74 -31.21
N GLY A 111 10.78 14.29 -31.69
CA GLY A 111 9.64 14.57 -30.85
C GLY A 111 9.71 15.90 -30.12
N ILE A 112 10.75 16.66 -30.38
CA ILE A 112 10.88 18.03 -29.89
C ILE A 112 11.04 18.93 -31.11
N GLY A 113 10.29 20.04 -31.13
CA GLY A 113 10.44 21.03 -32.19
C GLY A 113 11.43 22.11 -31.80
N ASP A 114 11.04 23.35 -32.05
CA ASP A 114 11.94 24.49 -31.88
C ASP A 114 12.54 24.46 -30.46
N ALA A 115 13.86 24.35 -30.39
CA ALA A 115 14.57 24.13 -29.13
C ALA A 115 15.84 24.97 -29.04
N LEU A 116 16.12 25.46 -27.83
CA LEU A 116 17.35 26.20 -27.53
C LEU A 116 18.18 25.38 -26.56
N ARG A 117 19.39 25.03 -26.94
CA ARG A 117 20.38 24.51 -25.98
C ARG A 117 21.39 25.59 -25.63
N VAL A 118 21.80 25.59 -24.36
CA VAL A 118 22.78 26.54 -23.86
C VAL A 118 23.82 25.83 -23.01
N GLU A 119 25.03 26.37 -23.03
CA GLU A 119 26.00 26.10 -21.97
C GLU A 119 25.79 27.13 -20.88
N ASP A 120 25.19 26.71 -19.77
CA ASP A 120 24.73 27.69 -18.80
C ASP A 120 25.89 28.17 -17.94
N PRO A 121 25.63 29.18 -17.09
CA PRO A 121 26.74 29.77 -16.30
C PRO A 121 27.45 28.81 -15.34
N LEU A 122 26.84 27.66 -15.06
CA LEU A 122 27.42 26.62 -14.22
C LEU A 122 28.03 25.51 -15.03
N GLY A 123 28.08 25.67 -16.36
CA GLY A 123 28.64 24.64 -17.22
C GLY A 123 27.69 23.53 -17.66
N PHE A 124 26.38 23.68 -17.41
CA PHE A 124 25.43 22.61 -17.71
C PHE A 124 24.75 22.83 -19.05
N PRO A 125 24.49 21.76 -19.78
CA PRO A 125 23.73 21.84 -21.01
C PRO A 125 22.22 21.83 -20.74
N TYR A 126 21.62 23.00 -20.72
CA TYR A 126 20.19 23.17 -20.56
C TYR A 126 19.53 23.25 -21.95
N GLU A 127 18.37 22.61 -22.10
CA GLU A 127 17.48 22.87 -23.25
C GLU A 127 16.19 23.51 -22.79
N PHE A 128 15.69 24.45 -23.59
CA PHE A 128 14.35 24.99 -23.45
C PHE A 128 13.59 24.77 -24.75
N PHE A 129 12.37 24.28 -24.62
CA PHE A 129 11.50 24.03 -25.78
C PHE A 129 10.04 24.19 -25.33
N PHE A 130 9.18 24.48 -26.31
CA PHE A 130 7.75 24.35 -26.13
C PHE A 130 7.21 23.19 -26.98
N GLU A 131 7.51 23.19 -28.28
CA GLU A 131 6.91 22.29 -29.24
C GLU A 131 7.36 20.86 -28.98
N THR A 132 6.41 19.96 -28.87
CA THR A 132 6.72 18.54 -28.71
C THR A 132 5.56 17.70 -29.24
N THR A 133 5.92 16.56 -29.81
CA THR A 133 4.95 15.63 -30.39
C THR A 133 4.22 14.88 -29.27
N HIS A 134 2.89 15.04 -29.24
CA HIS A 134 2.09 14.32 -28.26
C HIS A 134 2.00 12.86 -28.64
N VAL A 135 1.98 12.01 -27.62
CA VAL A 135 1.89 10.56 -27.79
C VAL A 135 0.75 10.03 -26.92
N GLU A 136 0.43 8.73 -27.04
CA GLU A 136 -0.60 8.13 -26.19
C GLU A 136 -0.21 8.25 -24.72
N ARG A 137 -1.03 8.98 -23.96
CA ARG A 137 -0.85 9.07 -22.53
C ARG A 137 -1.30 7.73 -21.92
N LEU A 138 -0.37 7.02 -21.28
CA LEU A 138 -0.60 5.65 -20.84
C LEU A 138 -1.11 5.56 -19.39
N HIS A 139 -1.59 6.68 -18.86
CA HIS A 139 -1.92 6.76 -17.42
C HIS A 139 -3.02 5.83 -16.92
N MET A 140 -3.84 5.29 -17.83
CA MET A 140 -4.87 4.31 -17.46
C MET A 140 -4.63 2.95 -18.09
N ARG A 141 -3.43 2.76 -18.63
CA ARG A 141 -3.09 1.49 -19.29
C ARG A 141 -2.62 0.49 -18.24
N TYR A 142 -3.55 0.10 -17.39
CA TYR A 142 -3.23 -0.83 -16.30
C TYR A 142 -2.92 -2.23 -16.77
N ASP A 143 -3.22 -2.50 -18.04
CA ASP A 143 -2.75 -3.72 -18.70
C ASP A 143 -1.24 -3.76 -18.91
N LEU A 144 -0.60 -2.59 -18.87
CA LEU A 144 0.84 -2.45 -18.97
C LEU A 144 1.53 -2.19 -17.64
N TYR A 145 0.76 -1.80 -16.62
CA TYR A 145 1.33 -1.31 -15.37
C TYR A 145 2.19 -2.36 -14.68
N SER A 146 3.44 -1.99 -14.38
CA SER A 146 4.42 -2.82 -13.64
C SER A 146 4.24 -2.63 -12.13
N ALA A 147 4.55 -3.67 -11.37
CA ALA A 147 4.60 -3.58 -9.93
C ALA A 147 5.62 -2.49 -9.47
N GLY A 148 6.58 -2.12 -10.35
CA GLY A 148 7.54 -1.04 -10.07
C GLY A 148 7.36 0.22 -10.92
N GLU A 149 6.14 0.45 -11.44
CA GLU A 149 5.95 1.44 -12.49
C GLU A 149 6.48 2.83 -12.16
N LEU A 150 7.27 3.36 -13.08
CA LEU A 150 7.67 4.78 -13.07
C LEU A 150 6.68 5.68 -13.78
N VAL A 151 6.07 6.59 -13.04
CA VAL A 151 4.85 7.27 -13.51
C VAL A 151 5.09 8.68 -14.03
N ARG A 152 6.13 9.35 -13.55
N ARG A 152 6.08 9.39 -13.49
CA ARG A 152 6.48 10.69 -14.01
CA ARG A 152 6.44 10.75 -13.95
C ARG A 152 7.99 10.88 -13.95
C ARG A 152 7.97 10.91 -13.92
N LEU A 153 8.48 11.82 -14.75
CA LEU A 153 9.79 12.45 -14.48
C LEU A 153 9.61 13.48 -13.39
N ASP A 154 10.43 13.41 -12.33
CA ASP A 154 10.29 14.39 -11.26
C ASP A 154 11.30 15.54 -11.25
N HIS A 155 12.58 15.21 -11.37
CA HIS A 155 13.62 16.23 -11.25
C HIS A 155 14.98 15.76 -11.74
N PHE A 156 15.86 16.75 -11.83
CA PHE A 156 17.29 16.55 -12.00
C PHE A 156 18.01 17.00 -10.74
N ASN A 157 19.23 16.54 -10.57
CA ASN A 157 20.10 17.04 -9.49
C ASN A 157 21.52 17.20 -10.06
N GLN A 158 22.04 18.40 -9.88
CA GLN A 158 23.32 18.85 -10.46
C GLN A 158 24.39 19.00 -9.37
N VAL A 159 25.60 18.49 -9.60
CA VAL A 159 26.75 18.78 -8.74
C VAL A 159 27.49 20.01 -9.22
N THR A 160 27.62 21.01 -8.35
CA THR A 160 28.25 22.26 -8.70
C THR A 160 29.04 22.76 -7.48
N PRO A 161 30.20 23.42 -7.68
CA PRO A 161 31.09 23.67 -6.52
C PRO A 161 30.68 24.79 -5.57
N ASP A 162 29.94 25.76 -6.10
CA ASP A 162 29.53 26.98 -5.37
C ASP A 162 28.00 27.03 -5.40
N VAL A 163 27.37 26.58 -4.32
CA VAL A 163 25.93 26.47 -4.34
C VAL A 163 25.23 27.84 -4.31
N PRO A 164 25.70 28.77 -3.45
CA PRO A 164 25.05 30.08 -3.47
C PRO A 164 25.05 30.76 -4.84
N ARG A 165 26.17 30.66 -5.54
CA ARG A 165 26.27 31.27 -6.86
C ARG A 165 25.23 30.70 -7.82
N GLY A 166 25.12 29.39 -7.80
CA GLY A 166 24.14 28.70 -8.65
C GLY A 166 22.70 28.97 -8.24
N ARG A 167 22.48 28.98 -6.94
CA ARG A 167 21.16 29.29 -6.39
C ARG A 167 20.61 30.66 -6.87
N LYS A 168 21.43 31.70 -6.76
CA LYS A 168 21.01 33.05 -7.17
C LYS A 168 20.61 33.08 -8.64
N TYR A 169 21.43 32.44 -9.46
CA TYR A 169 21.18 32.35 -10.91
C TYR A 169 19.84 31.64 -11.21
N LEU A 170 19.59 30.53 -10.51
CA LEU A 170 18.34 29.79 -10.74
C LEU A 170 17.12 30.57 -10.22
N GLU A 171 17.29 31.32 -9.13
CA GLU A 171 16.21 32.14 -8.63
C GLU A 171 15.86 33.25 -9.64
N ASP A 172 16.88 33.89 -10.20
CA ASP A 172 16.64 34.91 -11.23
C ASP A 172 15.88 34.32 -12.43
N LEU A 173 16.18 33.05 -12.72
CA LEU A 173 15.51 32.30 -13.78
C LEU A 173 14.06 31.89 -13.43
N GLY A 174 13.67 32.04 -12.16
CA GLY A 174 12.30 31.83 -11.72
C GLY A 174 12.10 30.59 -10.85
N PHE A 175 13.17 29.81 -10.63
CA PHE A 175 13.08 28.69 -9.69
C PHE A 175 13.02 29.25 -8.28
N ARG A 176 12.17 28.65 -7.45
CA ARG A 176 12.02 29.02 -6.07
C ARG A 176 12.62 27.95 -5.18
N VAL A 177 13.53 28.36 -4.30
CA VAL A 177 14.14 27.43 -3.35
C VAL A 177 13.12 26.95 -2.32
N THR A 178 13.02 25.64 -2.15
CA THR A 178 12.06 25.04 -1.21
C THR A 178 12.76 24.55 0.07
N GLU A 179 13.92 23.95 -0.11
CA GLU A 179 14.73 23.42 1.00
C GLU A 179 16.20 23.61 0.72
N ASP A 180 16.99 23.69 1.79
CA ASP A 180 18.44 23.72 1.65
C ASP A 180 19.14 23.11 2.85
N ILE A 181 20.44 22.89 2.70
CA ILE A 181 21.30 22.41 3.78
C ILE A 181 22.45 23.39 3.95
N GLN A 182 22.60 23.90 5.17
CA GLN A 182 23.64 24.86 5.53
C GLN A 182 24.29 24.40 6.84
N ASP A 183 25.36 25.08 7.24
CA ASP A 183 25.90 24.92 8.58
C ASP A 183 25.94 26.26 9.31
N ASP A 184 26.52 26.25 10.50
CA ASP A 184 26.55 27.44 11.33
C ASP A 184 27.72 28.39 11.04
N GLU A 185 28.46 28.11 9.96
CA GLU A 185 29.65 28.84 9.58
C GLU A 185 29.51 29.49 8.21
N GLY A 186 28.27 29.56 7.71
CA GLY A 186 28.01 30.30 6.48
C GLY A 186 28.12 29.48 5.21
N THR A 187 28.29 28.16 5.34
CA THR A 187 28.43 27.29 4.16
C THR A 187 27.09 26.69 3.75
N THR A 188 26.80 26.74 2.46
CA THR A 188 25.68 26.01 1.89
C THR A 188 26.17 24.75 1.17
N TYR A 189 25.54 23.62 1.46
CA TYR A 189 25.96 22.31 0.94
C TYR A 189 25.03 21.81 -0.17
N ALA A 190 23.81 22.31 -0.22
CA ALA A 190 22.78 21.82 -1.15
C ALA A 190 21.57 22.72 -1.15
N ALA A 191 20.84 22.77 -2.27
CA ALA A 191 19.60 23.53 -2.38
C ALA A 191 18.70 22.83 -3.39
N TRP A 192 17.40 22.98 -3.17
CA TRP A 192 16.37 22.36 -4.00
C TRP A 192 15.45 23.46 -4.48
N MET A 193 15.04 23.43 -5.76
CA MET A 193 14.28 24.55 -6.29
C MET A 193 13.33 24.12 -7.42
N HIS A 194 12.21 24.83 -7.56
CA HIS A 194 11.08 24.30 -8.35
C HIS A 194 10.47 25.37 -9.24
N ARG A 195 9.82 24.87 -10.30
CA ARG A 195 8.82 25.62 -11.07
C ARG A 195 7.41 25.00 -10.94
N LYS A 196 7.31 23.68 -11.05
CA LYS A 196 6.00 23.02 -11.19
C LYS A 196 5.19 22.79 -9.90
N GLY A 197 5.72 23.12 -8.76
CA GLY A 197 4.84 23.06 -7.55
C GLY A 197 5.00 21.76 -6.76
N THR A 198 6.09 21.09 -7.04
CA THR A 198 6.62 20.05 -6.20
C THR A 198 7.93 20.57 -5.58
N VAL A 199 8.60 19.77 -4.76
CA VAL A 199 9.78 20.26 -4.07
C VAL A 199 10.87 20.74 -5.04
N GLN A 200 10.98 20.11 -6.21
CA GLN A 200 12.10 20.35 -7.10
C GLN A 200 11.79 20.03 -8.54
N ASP A 201 12.35 20.84 -9.42
CA ASP A 201 12.59 20.48 -10.80
C ASP A 201 14.06 20.30 -11.08
N THR A 202 14.90 21.09 -10.42
CA THR A 202 16.29 20.75 -10.33
C THR A 202 16.78 21.05 -8.93
N ALA A 203 18.02 20.67 -8.67
CA ALA A 203 18.59 20.77 -7.33
C ALA A 203 20.10 20.86 -7.47
N LEU A 204 20.74 21.50 -6.51
CA LEU A 204 22.20 21.67 -6.51
C LEU A 204 22.80 20.94 -5.31
N THR A 205 23.76 20.07 -5.62
CA THR A 205 24.55 19.34 -4.61
C THR A 205 25.96 19.90 -4.69
N GLY A 206 26.50 20.36 -3.57
CA GLY A 206 27.83 20.92 -3.54
C GLY A 206 28.87 19.86 -3.80
N GLY A 207 29.73 20.11 -4.78
CA GLY A 207 30.80 19.18 -5.09
C GLY A 207 31.52 19.63 -6.35
N ASN A 208 32.51 18.88 -6.74
CA ASN A 208 33.23 19.22 -7.96
C ASN A 208 32.30 19.09 -9.16
N GLY A 209 32.31 20.08 -10.04
CA GLY A 209 31.36 20.10 -11.14
C GLY A 209 31.77 21.02 -12.28
N PRO A 210 30.98 21.03 -13.36
CA PRO A 210 29.64 20.43 -13.47
C PRO A 210 29.64 18.92 -13.62
N ARG A 211 28.80 18.26 -12.83
CA ARG A 211 28.46 16.86 -13.06
C ARG A 211 26.98 16.68 -12.76
N LEU A 212 26.37 15.68 -13.39
CA LEU A 212 24.99 15.34 -13.13
C LEU A 212 24.92 14.33 -11.99
N HIS A 213 24.25 14.71 -10.91
CA HIS A 213 24.15 13.79 -9.80
C HIS A 213 23.16 12.65 -10.10
N HIS A 214 21.93 13.01 -10.49
CA HIS A 214 20.93 12.01 -10.85
C HIS A 214 19.79 12.61 -11.66
N VAL A 215 19.01 11.70 -12.26
CA VAL A 215 17.68 11.98 -12.77
C VAL A 215 16.70 11.19 -11.90
N ALA A 216 15.57 11.80 -11.55
CA ALA A 216 14.60 11.17 -10.67
C ALA A 216 13.26 10.97 -11.35
N PHE A 217 12.75 9.75 -11.21
CA PHE A 217 11.39 9.38 -11.59
C PHE A 217 10.53 9.06 -10.37
N SER A 218 9.23 9.35 -10.52
CA SER A 218 8.21 9.15 -9.48
C SER A 218 7.56 7.78 -9.64
N THR A 219 7.11 7.21 -8.52
CA THR A 219 6.11 6.15 -8.51
C THR A 219 4.83 6.67 -7.85
N HIS A 220 3.75 5.91 -7.97
CA HIS A 220 2.54 6.22 -7.22
C HIS A 220 2.72 6.02 -5.71
N GLU A 221 3.23 4.84 -5.33
CA GLU A 221 3.24 4.45 -3.95
C GLU A 221 4.57 3.92 -3.50
N LYS A 222 4.74 3.81 -2.19
CA LYS A 222 6.01 3.36 -1.64
C LYS A 222 6.30 1.90 -2.00
N HIS A 223 5.25 1.07 -2.08
CA HIS A 223 5.50 -0.34 -2.38
C HIS A 223 6.08 -0.51 -3.80
N ASN A 224 5.82 0.46 -4.70
CA ASN A 224 6.38 0.38 -6.02
C ASN A 224 7.92 0.49 -5.99
N ILE A 225 8.42 1.33 -5.09
CA ILE A 225 9.86 1.46 -4.88
C ILE A 225 10.44 0.20 -4.24
N ILE A 226 9.74 -0.34 -3.24
N ILE A 226 9.74 -0.34 -3.25
CA ILE A 226 10.13 -1.62 -2.67
CA ILE A 226 10.12 -1.61 -2.67
C ILE A 226 10.25 -2.71 -3.73
C ILE A 226 10.25 -2.71 -3.73
N GLN A 227 9.29 -2.77 -4.65
CA GLN A 227 9.31 -3.77 -5.69
C GLN A 227 10.56 -3.64 -6.61
N ILE A 228 11.00 -2.43 -6.89
CA ILE A 228 12.22 -2.26 -7.71
C ILE A 228 13.41 -2.93 -7.00
N CYS A 229 13.51 -2.73 -5.69
CA CYS A 229 14.55 -3.38 -4.91
C CYS A 229 14.41 -4.89 -4.98
N ASP A 230 13.19 -5.38 -4.76
CA ASP A 230 12.93 -6.82 -4.75
C ASP A 230 13.29 -7.46 -6.10
N LYS A 231 12.90 -6.78 -7.17
CA LYS A 231 13.23 -7.24 -8.52
C LYS A 231 14.73 -7.29 -8.78
N MET A 232 15.44 -6.27 -8.31
CA MET A 232 16.88 -6.25 -8.49
C MET A 232 17.55 -7.38 -7.68
N GLY A 233 17.00 -7.70 -6.52
CA GLY A 233 17.47 -8.87 -5.80
C GLY A 233 17.23 -10.16 -6.59
N ALA A 234 16.03 -10.29 -7.17
CA ALA A 234 15.73 -11.48 -7.96
C ALA A 234 16.59 -11.63 -9.20
N LEU A 235 16.95 -10.51 -9.81
CA LEU A 235 17.82 -10.49 -10.98
C LEU A 235 19.29 -10.60 -10.57
N ARG A 236 19.55 -10.70 -9.27
CA ARG A 236 20.89 -10.77 -8.74
C ARG A 236 21.76 -9.61 -9.21
N ILE A 237 21.17 -8.41 -9.18
CA ILE A 237 21.86 -7.15 -9.45
C ILE A 237 21.69 -6.16 -8.30
N SER A 238 21.58 -6.68 -7.08
CA SER A 238 21.45 -5.83 -5.90
C SER A 238 22.66 -4.95 -5.66
N ASP A 239 23.80 -5.31 -6.22
CA ASP A 239 24.97 -4.42 -6.20
C ASP A 239 24.78 -3.11 -6.97
N ARG A 240 23.72 -3.00 -7.77
CA ARG A 240 23.42 -1.76 -8.47
C ARG A 240 22.43 -0.89 -7.70
N ILE A 241 21.97 -1.37 -6.54
CA ILE A 241 21.30 -0.52 -5.54
C ILE A 241 22.35 0.21 -4.75
N GLU A 242 22.42 1.53 -4.91
CA GLU A 242 23.48 2.31 -4.27
C GLU A 242 23.11 2.68 -2.82
N ARG A 243 21.89 3.15 -2.64
CA ARG A 243 21.45 3.76 -1.39
C ARG A 243 19.94 3.71 -1.29
N GLY A 244 19.45 3.37 -0.11
CA GLY A 244 18.03 3.28 0.16
C GLY A 244 17.55 1.83 0.19
N PRO A 245 16.23 1.64 0.13
CA PRO A 245 15.23 2.67 0.11
C PRO A 245 15.15 3.41 1.44
N GLY A 246 14.61 4.62 1.40
CA GLY A 246 14.46 5.41 2.60
C GLY A 246 13.39 6.47 2.52
N ARG A 247 13.27 7.21 3.61
CA ARG A 247 12.52 8.44 3.67
C ARG A 247 13.52 9.56 3.71
N HIS A 248 13.39 10.53 2.80
CA HIS A 248 14.23 11.72 2.87
C HIS A 248 13.77 12.64 4.01
N GLY A 249 14.72 13.35 4.61
CA GLY A 249 14.39 14.51 5.39
C GLY A 249 13.97 15.64 4.48
N VAL A 250 14.96 16.22 3.79
CA VAL A 250 14.73 17.19 2.74
C VAL A 250 13.82 16.53 1.67
N SER A 251 12.70 17.18 1.39
CA SER A 251 11.65 16.76 0.46
C SER A 251 10.57 15.89 1.07
N ASN A 252 10.90 15.16 2.14
CA ASN A 252 9.96 14.21 2.78
C ASN A 252 9.56 13.05 1.87
N ALA A 253 10.25 12.85 0.75
CA ALA A 253 9.87 11.79 -0.21
C ALA A 253 10.46 10.45 0.17
N PHE A 254 9.73 9.41 -0.18
CA PHE A 254 10.27 8.04 -0.11
C PHE A 254 11.16 7.85 -1.36
N TYR A 255 12.29 7.19 -1.22
CA TYR A 255 13.32 7.26 -2.25
C TYR A 255 14.16 5.99 -2.37
N LEU A 256 14.86 5.93 -3.49
CA LEU A 256 15.84 4.87 -3.78
C LEU A 256 16.82 5.41 -4.82
N TYR A 257 18.09 5.06 -4.68
CA TYR A 257 19.10 5.35 -5.72
C TYR A 257 19.71 4.09 -6.27
N ILE A 258 19.68 3.99 -7.61
CA ILE A 258 20.24 2.86 -8.33
C ILE A 258 21.17 3.40 -9.43
N LEU A 259 21.96 2.50 -9.97
CA LEU A 259 22.99 2.84 -10.95
C LEU A 259 22.79 2.09 -12.26
N ASP A 260 22.72 2.84 -13.36
CA ASP A 260 22.56 2.24 -14.68
C ASP A 260 23.89 1.65 -15.18
N PRO A 261 23.88 1.06 -16.38
CA PRO A 261 25.08 0.35 -16.79
C PRO A 261 26.34 1.25 -16.95
N ASP A 262 26.14 2.55 -17.21
CA ASP A 262 27.22 3.51 -17.31
C ASP A 262 27.42 4.30 -15.99
N ASN A 263 26.81 3.79 -14.91
N ASN A 263 26.84 3.78 -14.90
CA ASN A 263 26.84 4.42 -13.59
CA ASN A 263 26.83 4.42 -13.59
C ASN A 263 26.11 5.76 -13.50
C ASN A 263 26.17 5.79 -13.55
N HIS A 264 25.28 6.07 -14.49
CA HIS A 264 24.34 7.16 -14.32
C HIS A 264 23.41 6.78 -13.17
N ARG A 265 23.23 7.71 -12.26
CA ARG A 265 22.41 7.46 -11.07
C ARG A 265 20.98 7.89 -11.31
N ILE A 266 20.07 6.99 -10.95
CA ILE A 266 18.63 7.19 -11.09
C ILE A 266 18.03 7.12 -9.70
N GLU A 267 17.28 8.16 -9.34
CA GLU A 267 16.49 8.15 -8.12
C GLU A 267 15.07 7.77 -8.48
N ILE A 268 14.48 6.96 -7.60
CA ILE A 268 13.05 6.71 -7.62
C ILE A 268 12.47 7.39 -6.39
N TYR A 269 11.31 8.00 -6.52
CA TYR A 269 10.88 9.06 -5.62
C TYR A 269 9.36 9.08 -5.53
N THR A 270 8.79 9.31 -4.36
CA THR A 270 7.33 9.51 -4.28
C THR A 270 6.94 10.32 -3.05
N GLN A 271 5.86 11.09 -3.18
CA GLN A 271 5.11 11.64 -2.05
C GLN A 271 5.84 12.76 -1.32
N ASP A 272 6.46 13.66 -2.09
CA ASP A 272 6.75 15.00 -1.57
C ASP A 272 5.48 15.87 -1.57
N TYR A 273 5.62 17.17 -1.30
CA TYR A 273 4.51 18.05 -0.94
C TYR A 273 4.38 19.20 -1.94
N TYR A 274 3.29 19.95 -1.79
CA TYR A 274 2.93 21.05 -2.69
C TYR A 274 3.68 22.32 -2.32
N THR A 275 4.26 22.96 -3.33
CA THR A 275 5.11 24.15 -3.12
C THR A 275 4.68 25.36 -3.96
N GLY A 276 3.52 25.25 -4.61
CA GLY A 276 3.12 26.23 -5.62
C GLY A 276 2.78 27.61 -5.10
N ASP A 277 2.57 27.78 -3.80
CA ASP A 277 2.29 29.12 -3.29
C ASP A 277 3.60 29.90 -3.24
N PRO A 278 3.58 31.19 -3.57
CA PRO A 278 4.84 31.91 -3.72
C PRO A 278 5.57 32.19 -2.39
N ASP A 279 4.84 32.12 -1.28
CA ASP A 279 5.43 32.24 0.06
C ASP A 279 5.58 30.87 0.75
N ASN A 280 5.61 29.83 -0.06
CA ASN A 280 5.93 28.49 0.43
C ASN A 280 7.10 28.56 1.41
N PRO A 281 6.92 28.02 2.62
CA PRO A 281 7.96 28.18 3.62
C PRO A 281 9.23 27.41 3.26
N THR A 282 10.37 28.09 3.25
CA THR A 282 11.65 27.47 2.96
C THR A 282 12.11 26.71 4.21
N ILE A 283 12.64 25.52 4.01
CA ILE A 283 13.13 24.70 5.12
C ILE A 283 14.65 24.59 5.02
N THR A 284 15.36 24.99 6.07
CA THR A 284 16.83 24.85 6.10
C THR A 284 17.25 23.84 7.15
N TRP A 285 17.99 22.83 6.74
CA TRP A 285 18.52 21.81 7.62
C TRP A 285 19.96 22.10 7.92
N ASN A 286 20.41 21.71 9.10
CA ASN A 286 21.83 21.77 9.40
C ASN A 286 22.51 20.53 8.82
N VAL A 287 23.71 20.72 8.26
CA VAL A 287 24.45 19.63 7.61
C VAL A 287 24.79 18.48 8.54
N HIS A 288 24.84 18.75 9.85
CA HIS A 288 25.18 17.72 10.81
C HIS A 288 23.97 16.96 11.36
N ASP A 289 22.78 17.30 10.90
CA ASP A 289 21.54 16.65 11.33
C ASP A 289 21.44 15.32 10.58
N ASN A 290 21.58 14.23 11.32
CA ASN A 290 21.60 12.89 10.71
C ASN A 290 20.25 12.42 10.19
N GLN A 291 19.19 13.22 10.36
CA GLN A 291 17.90 12.91 9.74
C GLN A 291 17.62 13.73 8.48
N ARG A 292 18.59 14.55 8.02
CA ARG A 292 18.31 15.47 6.92
C ARG A 292 18.23 14.79 5.54
N ARG A 293 19.02 13.75 5.34
CA ARG A 293 19.07 13.09 4.03
C ARG A 293 18.29 11.79 4.05
N ASP A 294 18.52 11.00 5.08
CA ASP A 294 17.68 9.89 5.41
C ASP A 294 17.07 10.16 6.77
N TRP A 295 15.75 10.28 6.80
CA TRP A 295 15.00 10.66 7.99
C TRP A 295 15.13 9.61 9.09
N TRP A 296 15.40 8.36 8.68
CA TRP A 296 15.56 7.26 9.63
C TRP A 296 16.97 7.13 10.18
N GLY A 297 17.83 8.05 9.76
CA GLY A 297 19.21 8.08 10.20
C GLY A 297 20.15 7.11 9.53
N ASN A 298 19.69 6.45 8.47
CA ASN A 298 20.57 5.50 7.81
C ASN A 298 21.73 6.26 7.17
N PRO A 299 22.93 5.65 7.20
CA PRO A 299 24.11 6.39 6.72
C PRO A 299 24.08 6.59 5.23
N VAL A 300 24.65 7.71 4.78
CA VAL A 300 24.83 7.99 3.37
C VAL A 300 26.18 7.43 2.91
N VAL A 301 26.17 6.46 2.00
CA VAL A 301 27.40 5.84 1.51
C VAL A 301 28.29 6.90 0.79
N PRO A 302 29.63 6.82 0.99
CA PRO A 302 30.51 7.83 0.41
C PRO A 302 30.35 8.02 -1.09
N SER A 303 30.06 6.94 -1.84
CA SER A 303 29.91 7.07 -3.30
C SER A 303 28.81 8.05 -3.69
N TRP A 304 27.81 8.20 -2.82
CA TRP A 304 26.72 9.11 -3.11
C TRP A 304 27.22 10.55 -3.18
N TYR A 305 28.22 10.85 -2.34
CA TYR A 305 28.83 12.17 -2.34
C TYR A 305 29.90 12.35 -3.42
N THR A 306 30.65 11.29 -3.73
CA THR A 306 31.82 11.43 -4.59
C THR A 306 31.56 11.17 -6.09
N GLU A 307 30.59 10.32 -6.40
CA GLU A 307 30.38 9.87 -7.79
C GLU A 307 29.23 10.61 -8.46
N ALA A 308 29.44 10.97 -9.72
CA ALA A 308 28.42 11.63 -10.52
C ALA A 308 28.85 11.62 -11.98
N SER A 309 27.91 11.89 -12.89
CA SER A 309 28.15 11.73 -14.32
C SER A 309 28.79 12.97 -14.91
N LYS A 310 29.66 12.77 -15.90
CA LYS A 310 30.16 13.88 -16.75
C LYS A 310 28.99 14.57 -17.45
N VAL A 311 29.19 15.85 -17.80
CA VAL A 311 28.26 16.58 -18.67
C VAL A 311 29.00 17.09 -19.91
N LEU A 312 28.27 17.25 -21.01
CA LEU A 312 28.83 17.71 -22.27
C LEU A 312 28.55 19.17 -22.52
N ASP A 313 29.43 19.80 -23.30
CA ASP A 313 29.16 21.11 -23.88
C ASP A 313 28.40 20.94 -25.22
N LEU A 314 28.13 22.04 -25.93
CA LEU A 314 27.26 21.97 -27.11
C LEU A 314 27.92 21.28 -28.30
N ASP A 315 29.25 21.10 -28.22
CA ASP A 315 29.99 20.34 -29.23
C ASP A 315 30.11 18.87 -28.87
N GLY A 316 29.54 18.48 -27.73
CA GLY A 316 29.56 17.10 -27.30
C GLY A 316 30.84 16.70 -26.60
N ASN A 317 31.64 17.69 -26.19
CA ASN A 317 32.85 17.42 -25.43
C ASN A 317 32.60 17.54 -23.92
N VAL A 318 33.33 16.74 -23.14
CA VAL A 318 33.13 16.70 -21.68
C VAL A 318 33.59 18.03 -21.10
N GLN A 319 32.75 18.60 -20.25
CA GLN A 319 33.08 19.81 -19.52
C GLN A 319 34.15 19.54 -18.49
N GLU A 320 35.12 20.44 -18.44
CA GLU A 320 36.13 20.43 -17.41
C GLU A 320 35.50 20.59 -16.01
N ILE A 321 36.03 19.84 -15.05
CA ILE A 321 35.49 19.82 -13.70
C ILE A 321 36.29 20.79 -12.83
N ILE A 322 35.55 21.68 -12.18
CA ILE A 322 36.10 22.67 -11.29
C ILE A 322 35.96 22.17 -9.84
N GLU A 323 37.04 22.25 -9.07
CA GLU A 323 37.04 21.74 -7.70
C GLU A 323 36.28 22.64 -6.72
N ARG A 324 35.47 22.00 -5.88
CA ARG A 324 34.86 22.70 -4.76
C ARG A 324 35.91 23.04 -3.71
N THR A 325 35.86 24.29 -3.26
CA THR A 325 36.73 24.73 -2.16
C THR A 325 35.99 24.95 -0.84
N ASP A 326 34.68 25.16 -0.91
CA ASP A 326 33.83 25.11 0.29
C ASP A 326 33.94 23.73 0.96
N ASP A 327 33.59 23.66 2.25
CA ASP A 327 33.66 22.39 2.99
C ASP A 327 32.83 21.29 2.30
N SER A 328 33.30 20.07 2.46
CA SER A 328 32.70 18.87 1.88
C SER A 328 31.69 18.28 2.84
N GLU A 329 30.47 18.06 2.34
CA GLU A 329 29.43 17.44 3.18
C GLU A 329 29.90 16.04 3.66
N LEU A 330 30.53 15.28 2.79
CA LEU A 330 31.09 13.98 3.21
C LEU A 330 32.03 14.16 4.38
N GLU A 331 33.01 15.05 4.22
CA GLU A 331 34.02 15.16 5.24
C GLU A 331 33.44 15.65 6.58
N VAL A 332 32.51 16.59 6.56
CA VAL A 332 32.05 17.20 7.81
C VAL A 332 31.03 16.32 8.53
N THR A 333 30.50 15.30 7.85
CA THR A 333 29.51 14.39 8.47
C THR A 333 30.01 12.97 8.74
N ILE A 334 30.74 12.40 7.80
CA ILE A 334 31.15 10.99 7.88
C ILE A 334 32.64 10.73 7.70
N GLY A 335 33.41 11.77 7.42
CA GLY A 335 34.87 11.64 7.34
C GLY A 335 35.50 11.50 8.70
N ALA A 336 36.82 11.36 8.73
CA ALA A 336 37.56 11.12 9.96
C ALA A 336 37.35 12.19 11.05
N ASP A 337 37.08 13.43 10.64
N ASP A 337 37.08 13.43 10.66
CA ASP A 337 36.81 14.52 11.58
CA ASP A 337 36.78 14.49 11.65
C ASP A 337 35.36 15.02 11.49
C ASP A 337 35.36 15.00 11.49
N GLY A 338 34.48 14.16 10.97
CA GLY A 338 33.07 14.51 10.80
C GLY A 338 32.27 14.33 12.06
N PHE A 339 31.03 14.82 11.99
CA PHE A 339 30.10 14.75 13.12
C PHE A 339 28.69 14.75 12.57
N SER A 340 27.83 13.95 13.19
CA SER A 340 26.40 14.16 13.05
C SER A 340 25.66 13.83 14.34
N PHE A 341 24.45 14.36 14.44
CA PHE A 341 23.60 14.18 15.61
C PHE A 341 22.26 13.62 15.23
N THR A 342 21.61 12.95 16.21
CA THR A 342 20.21 12.59 16.10
C THR A 342 19.31 13.70 16.66
N ARG A 343 19.65 14.15 17.87
CA ARG A 343 18.97 15.25 18.51
C ARG A 343 19.99 16.36 18.72
N ALA A 344 19.66 17.57 18.28
CA ALA A 344 20.58 18.68 18.44
C ALA A 344 20.92 18.83 19.91
N GLY A 345 22.22 18.94 20.21
CA GLY A 345 22.70 19.14 21.59
C GLY A 345 22.78 17.90 22.46
N ASP A 346 22.40 16.74 21.93
CA ASP A 346 22.46 15.49 22.68
C ASP A 346 23.60 14.66 22.19
N GLU A 347 24.52 14.36 23.10
CA GLU A 347 25.63 13.48 22.80
C GLU A 347 25.17 12.07 22.48
N ASP A 348 24.10 11.64 23.13
N ASP A 348 24.12 11.60 23.15
CA ASP A 348 23.55 10.33 22.88
CA ASP A 348 23.58 10.27 22.86
C ASP A 348 22.93 10.30 21.48
C ASP A 348 22.96 10.30 21.48
N GLY A 349 23.29 9.31 20.66
CA GLY A 349 22.86 9.28 19.27
C GLY A 349 23.64 10.16 18.32
N SER A 350 24.80 10.65 18.76
CA SER A 350 25.69 11.39 17.88
C SER A 350 26.83 10.50 17.44
N TYR A 351 27.45 10.91 16.34
CA TYR A 351 28.49 10.13 15.69
C TYR A 351 29.69 11.03 15.42
N HIS A 352 30.86 10.57 15.84
CA HIS A 352 32.10 11.32 15.72
C HIS A 352 33.03 10.52 14.82
N GLY A 353 33.40 11.09 13.68
CA GLY A 353 34.43 10.48 12.84
C GLY A 353 33.99 9.20 12.18
N GLN A 354 32.67 9.02 12.05
CA GLN A 354 32.12 7.84 11.41
C GLN A 354 30.67 8.06 11.09
N ALA A 355 30.17 7.16 10.25
CA ALA A 355 28.77 7.20 9.84
C ALA A 355 27.89 6.55 10.91
N SER A 356 26.59 6.80 10.79
CA SER A 356 25.60 6.29 11.72
C SER A 356 25.50 4.77 11.62
N LYS A 357 24.90 4.16 12.64
CA LYS A 357 24.48 2.77 12.63
C LYS A 357 25.69 1.85 12.35
N GLY A 358 26.84 2.17 12.93
CA GLY A 358 27.86 1.16 13.28
C GLY A 358 28.92 0.98 12.22
N GLU B 4 -24.45 33.65 -22.60
CA GLU B 4 -22.96 33.61 -22.54
C GLU B 4 -22.43 34.73 -21.64
N ILE B 5 -21.47 34.38 -20.80
CA ILE B 5 -20.84 35.35 -19.92
C ILE B 5 -19.67 35.99 -20.70
N PRO B 6 -19.68 37.32 -20.86
CA PRO B 6 -18.62 37.94 -21.65
C PRO B 6 -17.27 37.90 -20.94
N LYS B 7 -16.20 37.92 -21.73
CA LYS B 7 -14.85 38.04 -21.20
C LYS B 7 -14.60 39.52 -20.85
N PRO B 8 -14.34 39.82 -19.57
CA PRO B 8 -14.01 41.19 -19.19
C PRO B 8 -12.79 41.72 -19.93
N VAL B 9 -12.77 43.03 -20.13
CA VAL B 9 -11.55 43.71 -20.50
C VAL B 9 -10.51 43.68 -19.35
N ALA B 10 -10.98 43.83 -18.12
CA ALA B 10 -10.12 43.79 -16.93
C ALA B 10 -9.43 42.43 -16.86
N PRO B 11 -8.12 42.44 -16.49
CA PRO B 11 -7.40 41.18 -16.41
C PRO B 11 -7.85 40.27 -15.28
N ALA B 12 -7.89 38.97 -15.54
CA ALA B 12 -8.27 38.02 -14.51
C ALA B 12 -7.23 38.01 -13.38
N PRO B 13 -7.69 37.81 -12.13
CA PRO B 13 -6.71 37.56 -11.06
C PRO B 13 -5.93 36.29 -11.35
N ASP B 14 -4.67 36.23 -10.94
CA ASP B 14 -3.86 35.02 -10.99
C ASP B 14 -4.16 34.11 -9.80
N ILE B 15 -4.97 33.10 -10.07
CA ILE B 15 -5.37 32.14 -9.04
C ILE B 15 -4.36 31.00 -8.92
N LEU B 16 -3.90 30.76 -7.71
CA LEU B 16 -2.99 29.65 -7.39
C LEU B 16 -3.67 28.28 -7.35
N ARG B 17 -4.76 28.20 -6.60
CA ARG B 17 -5.31 26.92 -6.15
C ARG B 17 -6.56 27.17 -5.34
N CYS B 18 -7.40 26.14 -5.24
CA CYS B 18 -8.38 26.11 -4.15
C CYS B 18 -7.61 26.12 -2.82
N ALA B 19 -8.21 26.76 -1.82
CA ALA B 19 -7.52 26.95 -0.53
C ALA B 19 -8.34 26.56 0.69
N TYR B 20 -9.61 26.93 0.75
CA TYR B 20 -10.48 26.49 1.84
C TYR B 20 -11.94 26.65 1.47
N ALA B 21 -12.81 25.92 2.17
CA ALA B 21 -14.25 26.16 2.13
C ALA B 21 -14.73 26.55 3.51
N GLU B 22 -15.71 27.45 3.57
CA GLU B 22 -16.47 27.68 4.79
C GLU B 22 -17.85 27.04 4.60
N LEU B 23 -18.13 26.05 5.46
CA LEU B 23 -19.40 25.36 5.51
C LEU B 23 -20.15 25.80 6.75
N VAL B 24 -21.41 26.18 6.58
CA VAL B 24 -22.31 26.34 7.71
C VAL B 24 -22.85 24.98 8.13
N VAL B 25 -22.77 24.72 9.43
CA VAL B 25 -23.20 23.49 10.06
C VAL B 25 -24.15 23.80 11.20
N THR B 26 -25.07 22.88 11.49
CA THR B 26 -26.12 23.14 12.45
C THR B 26 -25.75 22.78 13.89
N ASP B 27 -24.89 21.79 14.06
CA ASP B 27 -24.48 21.32 15.38
C ASP B 27 -22.97 21.22 15.37
N LEU B 28 -22.31 22.19 15.98
CA LEU B 28 -20.88 22.32 15.84
C LEU B 28 -20.12 21.12 16.45
N ALA B 29 -20.59 20.64 17.60
CA ALA B 29 -19.95 19.50 18.26
C ALA B 29 -20.07 18.23 17.40
N LYS B 30 -21.24 18.01 16.81
CA LYS B 30 -21.41 16.82 15.95
C LYS B 30 -20.51 16.92 14.72
N SER B 31 -20.44 18.11 14.14
CA SER B 31 -19.56 18.30 12.99
C SER B 31 -18.07 18.12 13.38
N ARG B 32 -17.69 18.62 14.55
CA ARG B 32 -16.32 18.45 15.02
C ARG B 32 -15.99 16.96 15.17
N ASN B 33 -16.94 16.19 15.70
CA ASN B 33 -16.69 14.76 15.86
C ASN B 33 -16.38 14.10 14.51
N PHE B 34 -17.12 14.48 13.47
CA PHE B 34 -16.93 13.94 12.15
C PHE B 34 -15.56 14.35 11.60
N TYR B 35 -15.29 15.66 11.55
CA TYR B 35 -14.09 16.12 10.86
C TYR B 35 -12.79 15.91 11.64
N VAL B 36 -12.89 15.95 12.97
CA VAL B 36 -11.70 15.76 13.81
C VAL B 36 -11.55 14.32 14.27
N ASP B 37 -12.56 13.78 14.97
CA ASP B 37 -12.44 12.45 15.56
C ASP B 37 -12.52 11.36 14.49
N VAL B 38 -13.45 11.45 13.54
CA VAL B 38 -13.52 10.44 12.51
C VAL B 38 -12.42 10.66 11.47
N LEU B 39 -12.37 11.86 10.88
CA LEU B 39 -11.48 12.06 9.72
C LEU B 39 -10.08 12.55 10.04
N GLY B 40 -9.82 13.00 11.28
CA GLY B 40 -8.46 13.35 11.68
C GLY B 40 -7.90 14.69 11.22
N LEU B 41 -8.74 15.60 10.74
CA LEU B 41 -8.26 16.93 10.41
C LEU B 41 -7.72 17.65 11.65
N HIS B 42 -6.80 18.58 11.41
CA HIS B 42 -6.04 19.22 12.48
C HIS B 42 -6.63 20.58 12.82
N VAL B 43 -6.87 20.81 14.09
CA VAL B 43 -7.47 22.07 14.55
C VAL B 43 -6.44 23.17 14.59
N SER B 44 -6.72 24.22 13.81
CA SER B 44 -5.97 25.49 13.86
C SER B 44 -6.51 26.49 14.88
N TYR B 45 -7.83 26.49 15.08
CA TYR B 45 -8.52 27.33 16.06
C TYR B 45 -9.93 26.82 16.21
N GLU B 46 -10.49 26.98 17.40
CA GLU B 46 -11.91 26.77 17.57
C GLU B 46 -12.46 27.59 18.71
N ASP B 47 -13.74 27.89 18.59
CA ASP B 47 -14.51 28.47 19.68
C ASP B 47 -15.94 27.92 19.65
N GLU B 48 -16.86 28.53 20.39
CA GLU B 48 -18.24 28.04 20.46
C GLU B 48 -18.99 28.20 19.13
N ASN B 49 -18.42 28.96 18.19
CA ASN B 49 -19.11 29.30 16.92
C ASN B 49 -18.48 28.68 15.69
N GLN B 50 -17.17 28.41 15.74
CA GLN B 50 -16.41 27.99 14.54
C GLN B 50 -15.34 26.99 14.90
N ILE B 51 -15.04 26.11 13.95
CA ILE B 51 -13.86 25.24 14.00
C ILE B 51 -13.08 25.46 12.73
N TYR B 52 -11.79 25.71 12.87
CA TYR B 52 -10.88 25.94 11.77
C TYR B 52 -9.97 24.73 11.64
N LEU B 53 -9.95 24.09 10.47
CA LEU B 53 -9.26 22.81 10.30
C LEU B 53 -8.28 22.87 9.13
N ARG B 54 -7.18 22.12 9.23
CA ARG B 54 -6.28 22.00 8.11
C ARG B 54 -5.82 20.55 7.92
N SER B 55 -5.36 20.28 6.71
CA SER B 55 -4.81 18.99 6.34
C SER B 55 -3.34 18.86 6.78
N PHE B 56 -2.85 17.63 6.69
CA PHE B 56 -1.52 17.28 7.23
C PHE B 56 -0.37 18.12 6.66
N GLU B 57 -0.43 18.41 5.36
CA GLU B 57 0.68 19.08 4.71
C GLU B 57 0.46 20.60 4.54
N GLU B 58 -0.59 21.15 5.11
CA GLU B 58 -0.95 22.56 4.86
C GLU B 58 -0.09 23.49 5.74
N PHE B 59 0.27 24.64 5.19
CA PHE B 59 0.92 25.69 5.99
C PHE B 59 0.09 26.96 6.10
N ILE B 60 -0.88 27.17 5.22
CA ILE B 60 -1.83 28.26 5.45
C ILE B 60 -2.75 27.93 6.62
N HIS B 61 -3.50 28.91 7.11
CA HIS B 61 -4.13 28.77 8.41
C HIS B 61 -5.13 27.59 8.44
N HIS B 62 -5.89 27.39 7.36
CA HIS B 62 -6.92 26.38 7.35
C HIS B 62 -7.31 26.01 5.91
N ASN B 63 -7.88 24.82 5.79
CA ASN B 63 -8.55 24.33 4.58
C ASN B 63 -10.05 24.20 4.69
N LEU B 64 -10.59 24.31 5.91
CA LEU B 64 -12.01 24.13 6.14
C LEU B 64 -12.37 24.95 7.37
N VAL B 65 -13.42 25.76 7.23
CA VAL B 65 -14.03 26.43 8.36
C VAL B 65 -15.43 25.93 8.51
N LEU B 66 -15.76 25.46 9.73
CA LEU B 66 -17.10 25.06 10.09
C LEU B 66 -17.68 26.17 10.94
N THR B 67 -18.76 26.75 10.45
CA THR B 67 -19.40 27.88 11.11
C THR B 67 -20.83 27.50 11.51
N LYS B 68 -21.15 27.62 12.80
CA LYS B 68 -22.47 27.33 13.30
C LYS B 68 -23.48 28.31 12.69
N GLY B 69 -24.60 27.79 12.22
CA GLY B 69 -25.68 28.64 11.72
C GLY B 69 -26.97 27.85 11.58
N PRO B 70 -28.08 28.54 11.23
CA PRO B 70 -29.38 27.90 11.29
C PRO B 70 -29.64 26.94 10.13
N VAL B 71 -28.97 27.16 9.00
CA VAL B 71 -29.24 26.42 7.77
C VAL B 71 -27.92 25.95 7.17
N ALA B 72 -27.72 24.63 7.14
CA ALA B 72 -26.47 24.13 6.57
C ALA B 72 -26.35 24.46 5.09
N ALA B 73 -25.17 24.91 4.70
CA ALA B 73 -24.94 25.46 3.37
C ALA B 73 -23.46 25.76 3.19
N LEU B 74 -23.01 25.83 1.94
CA LEU B 74 -21.76 26.47 1.60
C LEU B 74 -21.85 27.98 1.78
N LYS B 75 -20.97 28.54 2.59
CA LYS B 75 -20.89 30.02 2.73
C LYS B 75 -19.82 30.65 1.83
N ALA B 76 -18.70 29.96 1.61
CA ALA B 76 -17.69 30.43 0.65
C ALA B 76 -16.77 29.31 0.20
N MET B 77 -16.47 29.28 -1.09
N MET B 77 -16.46 29.34 -1.10
CA MET B 77 -15.36 28.50 -1.58
CA MET B 77 -15.38 28.55 -1.69
C MET B 77 -14.25 29.47 -1.95
C MET B 77 -14.22 29.50 -1.98
N ALA B 78 -13.10 29.31 -1.29
CA ALA B 78 -12.00 30.25 -1.33
C ALA B 78 -10.82 29.75 -2.15
N PHE B 79 -10.33 30.61 -3.03
CA PHE B 79 -9.15 30.40 -3.82
C PHE B 79 -8.06 31.39 -3.40
N ARG B 80 -6.82 30.92 -3.28
CA ARG B 80 -5.70 31.80 -3.00
C ARG B 80 -5.18 32.35 -4.31
N VAL B 81 -4.88 33.64 -4.32
CA VAL B 81 -4.29 34.28 -5.50
C VAL B 81 -2.81 34.60 -5.27
N ARG B 82 -2.09 34.90 -6.35
CA ARG B 82 -0.63 34.91 -6.28
C ARG B 82 -0.08 36.09 -5.48
N THR B 83 -0.73 37.26 -5.57
CA THR B 83 -0.23 38.49 -4.92
C THR B 83 -1.38 39.29 -4.30
N PRO B 84 -1.06 40.21 -3.38
CA PRO B 84 -2.08 41.10 -2.85
C PRO B 84 -2.86 41.84 -3.97
N GLU B 85 -2.13 42.22 -5.01
CA GLU B 85 -2.67 43.00 -6.12
C GLU B 85 -3.71 42.19 -6.90
N ASP B 86 -3.59 40.86 -6.85
CA ASP B 86 -4.60 40.00 -7.48
C ASP B 86 -5.98 40.06 -6.82
N VAL B 87 -6.05 40.47 -5.55
CA VAL B 87 -7.35 40.65 -4.89
C VAL B 87 -8.05 41.87 -5.53
N ASP B 88 -7.29 42.95 -5.73
CA ASP B 88 -7.80 44.10 -6.50
C ASP B 88 -8.24 43.68 -7.90
N LYS B 89 -7.44 42.85 -8.58
CA LYS B 89 -7.81 42.42 -9.93
C LYS B 89 -9.11 41.61 -9.90
N ALA B 90 -9.22 40.70 -8.93
CA ALA B 90 -10.47 39.94 -8.77
C ALA B 90 -11.67 40.88 -8.59
N GLU B 91 -11.50 41.94 -7.80
CA GLU B 91 -12.62 42.84 -7.53
C GLU B 91 -13.08 43.56 -8.81
N ALA B 92 -12.10 44.09 -9.54
CA ALA B 92 -12.35 44.78 -10.82
C ALA B 92 -13.03 43.84 -11.80
N TYR B 93 -12.54 42.61 -11.86
CA TYR B 93 -13.02 41.59 -12.80
C TYR B 93 -14.48 41.24 -12.58
N TYR B 94 -14.83 40.94 -11.33
CA TYR B 94 -16.19 40.58 -10.97
C TYR B 94 -17.14 41.79 -11.09
N GLN B 95 -16.63 42.98 -10.80
CA GLN B 95 -17.44 44.17 -10.98
C GLN B 95 -17.79 44.38 -12.43
N GLU B 96 -16.81 44.15 -13.30
CA GLU B 96 -17.08 44.24 -14.74
C GLU B 96 -18.11 43.20 -15.20
N LEU B 97 -18.05 42.00 -14.62
CA LEU B 97 -19.09 40.98 -14.84
C LEU B 97 -20.48 41.31 -14.26
N GLY B 98 -20.60 42.42 -13.52
CA GLY B 98 -21.87 42.82 -12.92
C GLY B 98 -22.26 42.08 -11.66
N CYS B 99 -21.26 41.50 -11.00
CA CYS B 99 -21.50 40.70 -9.81
C CYS B 99 -21.39 41.54 -8.55
N ARG B 100 -22.19 41.19 -7.54
CA ARG B 100 -22.08 41.74 -6.18
C ARG B 100 -20.77 41.29 -5.53
N THR B 101 -20.07 42.22 -4.91
CA THR B 101 -18.78 41.95 -4.28
C THR B 101 -18.75 42.57 -2.89
N GLU B 102 -17.93 42.00 -2.01
CA GLU B 102 -17.72 42.55 -0.67
C GLU B 102 -16.26 42.36 -0.32
N ARG B 103 -15.63 43.43 0.11
CA ARG B 103 -14.21 43.49 0.38
C ARG B 103 -14.00 43.76 1.87
N ARG B 104 -13.28 42.87 2.55
CA ARG B 104 -12.93 43.08 3.97
C ARG B 104 -11.42 43.04 4.15
N LYS B 105 -10.84 44.20 4.49
CA LYS B 105 -9.40 44.35 4.60
C LYS B 105 -8.76 43.40 5.63
N ASP B 106 -9.53 43.01 6.63
CA ASP B 106 -9.04 42.12 7.68
C ASP B 106 -9.74 40.78 7.67
N GLY B 107 -10.38 40.45 6.56
CA GLY B 107 -10.85 39.10 6.31
C GLY B 107 -12.25 38.84 6.81
N PHE B 108 -12.84 37.76 6.31
CA PHE B 108 -14.14 37.28 6.74
C PHE B 108 -14.05 36.25 7.87
N VAL B 109 -12.98 35.47 7.84
CA VAL B 109 -12.75 34.40 8.82
C VAL B 109 -11.35 34.56 9.38
N LYS B 110 -11.14 34.00 10.57
CA LYS B 110 -9.85 34.11 11.20
C LYS B 110 -8.77 33.45 10.36
N GLY B 111 -7.59 34.04 10.42
CA GLY B 111 -6.42 33.56 9.68
C GLY B 111 -6.35 33.87 8.20
N ILE B 112 -7.32 34.65 7.72
CA ILE B 112 -7.29 35.25 6.41
C ILE B 112 -7.29 36.77 6.58
N GLY B 113 -6.42 37.43 5.83
CA GLY B 113 -6.35 38.89 5.73
C GLY B 113 -7.27 39.44 4.66
N ASP B 114 -6.76 40.44 3.95
CA ASP B 114 -7.54 41.13 2.93
C ASP B 114 -8.20 40.14 1.97
N ALA B 115 -9.54 40.19 1.90
CA ALA B 115 -10.29 39.17 1.18
C ALA B 115 -11.49 39.78 0.46
N LEU B 116 -11.75 39.23 -0.72
CA LEU B 116 -12.90 39.62 -1.53
C LEU B 116 -13.83 38.43 -1.65
N ARG B 117 -15.10 38.59 -1.27
CA ARG B 117 -16.11 37.59 -1.59
C ARG B 117 -17.08 38.14 -2.66
N VAL B 118 -17.57 37.25 -3.51
CA VAL B 118 -18.36 37.65 -4.67
C VAL B 118 -19.50 36.66 -4.83
N GLU B 119 -20.64 37.14 -5.32
CA GLU B 119 -21.69 36.26 -5.84
C GLU B 119 -21.35 36.14 -7.33
N ASP B 120 -20.83 34.98 -7.72
CA ASP B 120 -20.31 34.86 -9.06
C ASP B 120 -21.47 34.69 -10.06
N PRO B 121 -21.18 34.68 -11.37
CA PRO B 121 -22.25 34.64 -12.36
C PRO B 121 -23.09 33.35 -12.33
N LEU B 122 -22.60 32.31 -11.67
CA LEU B 122 -23.37 31.07 -11.49
C LEU B 122 -24.05 31.00 -10.13
N GLY B 123 -23.98 32.09 -9.36
CA GLY B 123 -24.60 32.16 -8.06
C GLY B 123 -23.81 31.59 -6.90
N PHE B 124 -22.52 31.34 -7.13
CA PHE B 124 -21.65 30.76 -6.09
C PHE B 124 -20.90 31.82 -5.32
N PRO B 125 -20.74 31.60 -4.00
CA PRO B 125 -19.97 32.52 -3.18
C PRO B 125 -18.48 32.14 -3.27
N TYR B 126 -17.73 32.86 -4.06
CA TYR B 126 -16.30 32.70 -4.18
C TYR B 126 -15.58 33.70 -3.29
N GLU B 127 -14.48 33.29 -2.67
CA GLU B 127 -13.55 34.21 -2.02
C GLU B 127 -12.22 34.17 -2.74
N PHE B 128 -11.61 35.34 -2.84
CA PHE B 128 -10.24 35.49 -3.30
C PHE B 128 -9.44 36.20 -2.21
N PHE B 129 -8.31 35.63 -1.86
CA PHE B 129 -7.42 36.24 -0.86
C PHE B 129 -5.97 35.91 -1.22
N PHE B 130 -5.05 36.74 -0.76
CA PHE B 130 -3.63 36.37 -0.67
C PHE B 130 -3.17 36.14 0.77
N GLU B 131 -3.42 37.14 1.62
CA GLU B 131 -2.90 37.17 3.00
C GLU B 131 -3.51 36.06 3.85
N THR B 132 -2.67 35.28 4.51
CA THR B 132 -3.15 34.28 5.45
C THR B 132 -2.05 33.99 6.47
N THR B 133 -2.49 33.72 7.70
CA THR B 133 -1.58 33.37 8.79
C THR B 133 -0.98 31.98 8.57
N HIS B 134 0.35 31.93 8.49
CA HIS B 134 1.05 30.65 8.43
C HIS B 134 1.01 29.93 9.78
N VAL B 135 0.91 28.61 9.71
CA VAL B 135 0.88 27.77 10.89
C VAL B 135 1.97 26.68 10.73
N GLU B 136 2.15 25.87 11.77
CA GLU B 136 3.08 24.75 11.68
C GLU B 136 2.67 23.77 10.57
N ARG B 137 3.55 23.61 9.59
CA ARG B 137 3.32 22.64 8.53
C ARG B 137 3.58 21.24 9.09
N LEU B 138 2.54 20.39 9.13
CA LEU B 138 2.66 19.11 9.84
C LEU B 138 3.11 17.95 8.97
N HIS B 139 3.74 18.23 7.84
CA HIS B 139 3.97 17.21 6.81
C HIS B 139 4.93 16.09 7.19
N MET B 140 5.77 16.36 8.19
CA MET B 140 6.66 15.33 8.75
C MET B 140 6.30 14.91 10.17
N ARG B 141 5.10 15.29 10.62
CA ARG B 141 4.67 14.99 11.97
C ARG B 141 4.07 13.59 12.04
N TYR B 142 4.91 12.61 11.75
CA TYR B 142 4.45 11.21 11.68
C TYR B 142 4.01 10.64 13.03
N ASP B 143 4.36 11.33 14.11
CA ASP B 143 3.77 11.10 15.41
C ASP B 143 2.29 11.42 15.51
N LEU B 144 1.79 12.26 14.58
CA LEU B 144 0.35 12.56 14.48
C LEU B 144 -0.37 11.81 13.39
N TYR B 145 0.38 11.25 12.45
CA TYR B 145 -0.20 10.70 11.22
C TYR B 145 -1.19 9.59 11.49
N SER B 146 -2.39 9.73 10.94
CA SER B 146 -3.48 8.77 11.04
C SER B 146 -3.36 7.75 9.91
N ALA B 147 -3.84 6.53 10.16
CA ALA B 147 -3.98 5.54 9.10
C ALA B 147 -4.86 6.01 7.93
N GLY B 148 -5.71 7.01 8.18
CA GLY B 148 -6.57 7.60 7.16
C GLY B 148 -6.22 9.03 6.82
N GLU B 149 -4.97 9.44 7.05
CA GLU B 149 -4.64 10.88 7.06
C GLU B 149 -5.01 11.62 5.77
N LEU B 150 -5.72 12.74 5.94
CA LEU B 150 -6.00 13.66 4.85
C LEU B 150 -4.86 14.65 4.75
N VAL B 151 -4.19 14.64 3.59
CA VAL B 151 -2.91 15.31 3.46
C VAL B 151 -3.00 16.70 2.79
N ARG B 152 -3.99 16.90 1.92
N ARG B 152 -3.94 16.88 1.87
CA ARG B 152 -4.15 18.17 1.20
CA ARG B 152 -4.13 18.18 1.17
C ARG B 152 -5.62 18.41 0.93
C ARG B 152 -5.61 18.41 0.94
N LEU B 153 -5.97 19.68 0.78
CA LEU B 153 -7.21 20.05 0.08
C LEU B 153 -6.95 19.91 -1.41
N ASP B 154 -7.84 19.19 -2.10
CA ASP B 154 -7.66 18.99 -3.54
C ASP B 154 -8.56 19.83 -4.43
N HIS B 155 -9.87 19.84 -4.16
CA HIS B 155 -10.81 20.54 -5.06
C HIS B 155 -12.17 20.74 -4.50
N PHE B 156 -12.94 21.56 -5.19
CA PHE B 156 -14.38 21.71 -5.00
C PHE B 156 -15.07 21.14 -6.23
N ASN B 157 -16.35 20.86 -6.06
CA ASN B 157 -17.21 20.48 -7.18
C ASN B 157 -18.58 21.10 -6.98
N GLN B 158 -19.03 21.80 -8.03
CA GLN B 158 -20.20 22.66 -8.03
C GLN B 158 -21.29 22.08 -8.93
N VAL B 159 -22.54 22.10 -8.46
CA VAL B 159 -23.68 21.71 -9.31
C VAL B 159 -24.29 22.95 -9.95
N THR B 160 -24.36 22.96 -11.26
CA THR B 160 -24.84 24.13 -11.99
C THR B 160 -25.63 23.65 -13.21
N PRO B 161 -26.70 24.36 -13.58
CA PRO B 161 -27.61 23.82 -14.59
C PRO B 161 -27.05 23.83 -16.04
N ASP B 162 -26.18 24.79 -16.35
CA ASP B 162 -25.70 25.02 -17.72
C ASP B 162 -24.18 24.92 -17.70
N VAL B 163 -23.67 23.73 -18.00
CA VAL B 163 -22.24 23.50 -17.83
C VAL B 163 -21.41 24.32 -18.86
N PRO B 164 -21.81 24.36 -20.15
CA PRO B 164 -20.99 25.17 -21.07
C PRO B 164 -20.87 26.65 -20.67
N ARG B 165 -21.96 27.21 -20.14
CA ARG B 165 -21.96 28.62 -19.71
C ARG B 165 -20.93 28.83 -18.60
N GLY B 166 -20.94 27.93 -17.61
CA GLY B 166 -19.98 28.01 -16.53
C GLY B 166 -18.54 27.74 -16.95
N ARG B 167 -18.38 26.77 -17.85
CA ARG B 167 -17.08 26.38 -18.33
C ARG B 167 -16.36 27.56 -18.98
N LYS B 168 -17.07 28.27 -19.86
CA LYS B 168 -16.46 29.38 -20.57
C LYS B 168 -16.02 30.46 -19.59
N TYR B 169 -16.89 30.78 -18.63
CA TYR B 169 -16.56 31.76 -17.59
C TYR B 169 -15.32 31.35 -16.81
N LEU B 170 -15.22 30.09 -16.43
CA LEU B 170 -14.05 29.65 -15.68
C LEU B 170 -12.77 29.61 -16.53
N GLU B 171 -12.91 29.31 -17.82
CA GLU B 171 -11.78 29.37 -18.74
C GLU B 171 -11.22 30.79 -18.87
N ASP B 172 -12.10 31.78 -18.97
CA ASP B 172 -11.71 33.19 -19.05
C ASP B 172 -10.98 33.61 -17.77
N LEU B 173 -11.40 33.03 -16.64
CA LEU B 173 -10.77 33.24 -15.34
C LEU B 173 -9.41 32.55 -15.20
N GLY B 174 -9.09 31.68 -16.15
CA GLY B 174 -7.78 31.05 -16.26
C GLY B 174 -7.76 29.57 -15.90
N PHE B 175 -8.92 28.97 -15.58
CA PHE B 175 -8.97 27.54 -15.30
C PHE B 175 -8.92 26.81 -16.65
N ARG B 176 -8.14 25.76 -16.76
CA ARG B 176 -8.14 24.97 -17.98
C ARG B 176 -8.88 23.67 -17.75
N VAL B 177 -9.76 23.34 -18.69
CA VAL B 177 -10.51 22.11 -18.62
C VAL B 177 -9.56 20.94 -18.92
N THR B 178 -9.55 19.96 -18.03
CA THR B 178 -8.71 18.78 -18.18
C THR B 178 -9.51 17.58 -18.71
N GLU B 179 -10.76 17.43 -18.24
CA GLU B 179 -11.65 16.38 -18.68
C GLU B 179 -13.06 16.87 -18.68
N ASP B 180 -13.90 16.23 -19.49
CA ASP B 180 -15.34 16.50 -19.46
C ASP B 180 -16.11 15.26 -19.87
N ILE B 181 -17.42 15.33 -19.67
CA ILE B 181 -18.33 14.27 -20.08
C ILE B 181 -19.37 14.94 -20.99
N GLN B 182 -19.50 14.44 -22.22
CA GLN B 182 -20.46 14.95 -23.19
C GLN B 182 -21.18 13.75 -23.79
N ASP B 183 -22.21 14.02 -24.59
CA ASP B 183 -22.76 12.98 -25.45
C ASP B 183 -22.63 13.41 -26.90
N ASP B 184 -23.23 12.61 -27.78
CA ASP B 184 -23.15 12.86 -29.22
C ASP B 184 -24.19 13.81 -29.75
N GLU B 185 -24.96 14.42 -28.85
CA GLU B 185 -26.03 15.35 -29.21
C GLU B 185 -25.79 16.75 -28.69
N GLY B 186 -24.55 17.05 -28.33
CA GLY B 186 -24.20 18.40 -27.98
C GLY B 186 -24.35 18.78 -26.52
N THR B 187 -24.64 17.80 -25.65
CA THR B 187 -24.87 18.09 -24.23
C THR B 187 -23.60 17.83 -23.45
N THR B 188 -23.25 18.79 -22.60
CA THR B 188 -22.19 18.61 -21.60
C THR B 188 -22.82 18.33 -20.25
N TYR B 189 -22.39 17.22 -19.64
CA TYR B 189 -22.88 16.82 -18.34
C TYR B 189 -21.97 17.22 -17.18
N ALA B 190 -20.69 17.42 -17.46
CA ALA B 190 -19.70 17.69 -16.40
C ALA B 190 -18.40 18.15 -17.02
N ALA B 191 -17.66 18.95 -16.25
CA ALA B 191 -16.35 19.41 -16.64
C ALA B 191 -15.48 19.61 -15.40
N TRP B 192 -14.19 19.40 -15.59
CA TRP B 192 -13.17 19.50 -14.56
C TRP B 192 -12.12 20.50 -15.01
N MET B 193 -11.67 21.38 -14.10
CA MET B 193 -10.75 22.45 -14.52
C MET B 193 -9.80 22.88 -13.43
N HIS B 194 -8.59 23.30 -13.80
CA HIS B 194 -7.53 23.49 -12.81
C HIS B 194 -6.79 24.80 -12.97
N ARG B 195 -6.15 25.19 -11.87
CA ARG B 195 -5.03 26.13 -11.87
C ARG B 195 -3.71 25.48 -11.42
N LYS B 196 -3.73 24.67 -10.36
CA LYS B 196 -2.49 24.19 -9.73
C LYS B 196 -1.76 23.03 -10.41
N GLY B 197 -2.30 22.45 -11.45
CA GLY B 197 -1.52 21.45 -12.17
C GLY B 197 -1.83 20.03 -11.74
N THR B 198 -2.98 19.89 -11.09
CA THR B 198 -3.64 18.59 -10.93
C THR B 198 -4.90 18.60 -11.79
N VAL B 199 -5.69 17.53 -11.77
CA VAL B 199 -6.85 17.48 -12.65
C VAL B 199 -7.83 18.64 -12.41
N GLN B 200 -7.95 19.09 -11.16
CA GLN B 200 -9.00 20.01 -10.83
C GLN B 200 -8.67 20.85 -9.59
N ASP B 201 -9.09 22.10 -9.65
CA ASP B 201 -9.33 22.93 -8.47
C ASP B 201 -10.78 23.16 -8.20
N THR B 202 -11.58 23.27 -9.27
CA THR B 202 -13.03 23.14 -9.14
C THR B 202 -13.53 22.36 -10.34
N ALA B 203 -14.81 22.08 -10.33
CA ALA B 203 -15.42 21.20 -11.30
C ALA B 203 -16.89 21.54 -11.34
N LEU B 204 -17.50 21.29 -12.49
CA LEU B 204 -18.93 21.53 -12.69
C LEU B 204 -19.63 20.22 -12.95
N THR B 205 -20.69 19.97 -12.19
CA THR B 205 -21.57 18.83 -12.40
C THR B 205 -22.93 19.37 -12.82
N GLY B 206 -23.45 18.89 -13.94
CA GLY B 206 -24.75 19.40 -14.42
C GLY B 206 -25.87 19.03 -13.45
N GLY B 207 -26.69 20.00 -13.08
CA GLY B 207 -27.84 19.73 -12.24
C GLY B 207 -28.45 21.03 -11.79
N ASN B 208 -29.52 20.94 -11.02
CA ASN B 208 -30.16 22.14 -10.49
C ASN B 208 -29.19 22.85 -9.57
N GLY B 209 -29.08 24.16 -9.69
CA GLY B 209 -28.05 24.89 -8.93
C GLY B 209 -28.31 26.38 -8.87
N PRO B 210 -27.46 27.12 -8.12
CA PRO B 210 -26.20 26.67 -7.52
C PRO B 210 -26.35 25.78 -6.27
N ARG B 211 -25.66 24.64 -6.28
CA ARG B 211 -25.46 23.85 -5.09
C ARG B 211 -24.02 23.37 -5.05
N LEU B 212 -23.51 23.07 -3.86
CA LEU B 212 -22.16 22.52 -3.72
C LEU B 212 -22.23 21.00 -3.72
N HIS B 213 -21.56 20.38 -4.70
CA HIS B 213 -21.56 18.92 -4.77
C HIS B 213 -20.67 18.32 -3.71
N HIS B 214 -19.42 18.73 -3.65
CA HIS B 214 -18.50 18.23 -2.62
C HIS B 214 -17.29 19.10 -2.45
N VAL B 215 -16.59 18.82 -1.34
CA VAL B 215 -15.23 19.28 -1.14
C VAL B 215 -14.35 18.03 -1.09
N ALA B 216 -13.19 18.05 -1.75
CA ALA B 216 -12.33 16.86 -1.83
C ALA B 216 -11.00 17.09 -1.11
N PHE B 217 -10.60 16.10 -0.29
CA PHE B 217 -9.29 16.04 0.32
C PHE B 217 -8.51 14.85 -0.21
N SER B 218 -7.19 14.98 -0.29
N SER B 218 -7.18 15.02 -0.27
CA SER B 218 -6.37 13.88 -0.77
CA SER B 218 -6.25 13.98 -0.74
C SER B 218 -5.72 13.11 0.36
C SER B 218 -5.74 13.10 0.39
N THR B 219 -5.36 11.88 0.04
CA THR B 219 -4.48 11.05 0.88
C THR B 219 -3.19 10.76 0.12
N HIS B 220 -2.21 10.16 0.81
CA HIS B 220 -1.00 9.75 0.14
C HIS B 220 -1.23 8.52 -0.74
N GLU B 221 -1.92 7.52 -0.17
CA GLU B 221 -2.01 6.21 -0.80
C GLU B 221 -3.43 5.69 -0.78
N LYS B 222 -3.66 4.67 -1.59
CA LYS B 222 -4.98 4.10 -1.69
C LYS B 222 -5.42 3.43 -0.37
N HIS B 223 -4.46 2.81 0.35
CA HIS B 223 -4.81 2.17 1.61
C HIS B 223 -5.33 3.16 2.65
N ASN B 224 -4.97 4.43 2.52
CA ASN B 224 -5.48 5.43 3.45
C ASN B 224 -6.98 5.64 3.27
N ILE B 225 -7.45 5.59 2.01
CA ILE B 225 -8.87 5.67 1.72
C ILE B 225 -9.61 4.44 2.20
N ILE B 226 -9.02 3.25 1.99
N ILE B 226 -9.01 3.25 1.98
CA ILE B 226 -9.60 2.03 2.48
CA ILE B 226 -9.57 2.02 2.48
C ILE B 226 -9.75 2.09 4.00
C ILE B 226 -9.76 2.10 3.99
N GLN B 227 -8.75 2.61 4.69
CA GLN B 227 -8.83 2.75 6.16
C GLN B 227 -10.00 3.63 6.59
N ILE B 228 -10.29 4.71 5.85
CA ILE B 228 -11.45 5.54 6.23
C ILE B 228 -12.73 4.71 6.18
N CYS B 229 -12.86 3.90 5.13
CA CYS B 229 -14.02 3.01 5.02
C CYS B 229 -14.07 2.03 6.21
N ASP B 230 -12.91 1.41 6.48
CA ASP B 230 -12.80 0.42 7.56
C ASP B 230 -13.17 1.05 8.90
N LYS B 231 -12.68 2.26 9.14
CA LYS B 231 -12.95 2.97 10.39
C LYS B 231 -14.44 3.30 10.52
N MET B 232 -15.06 3.74 9.41
CA MET B 232 -16.48 4.03 9.44
C MET B 232 -17.31 2.79 9.71
N GLY B 233 -16.87 1.64 9.21
CA GLY B 233 -17.49 0.39 9.59
C GLY B 233 -17.35 0.10 11.08
N ALA B 234 -16.15 0.31 11.62
CA ALA B 234 -15.92 0.04 13.05
C ALA B 234 -16.74 0.97 13.94
N LEU B 235 -16.93 2.21 13.49
CA LEU B 235 -17.76 3.17 14.20
C LEU B 235 -19.25 2.99 13.92
N ARG B 236 -19.60 2.00 13.09
CA ARG B 236 -20.99 1.68 12.75
C ARG B 236 -21.70 2.90 12.16
N ILE B 237 -20.96 3.60 11.28
CA ILE B 237 -21.48 4.72 10.49
C ILE B 237 -21.26 4.49 9.00
N SER B 238 -21.28 3.20 8.59
CA SER B 238 -21.15 2.89 7.17
C SER B 238 -22.28 3.48 6.31
N ASP B 239 -23.42 3.80 6.93
CA ASP B 239 -24.50 4.48 6.22
C ASP B 239 -24.12 5.88 5.77
N ARG B 240 -23.01 6.40 6.28
CA ARG B 240 -22.50 7.71 5.87
C ARG B 240 -21.45 7.60 4.76
N ILE B 241 -21.18 6.36 4.31
CA ILE B 241 -20.44 6.12 3.09
C ILE B 241 -21.45 6.13 1.95
N GLU B 242 -21.38 7.15 1.09
CA GLU B 242 -22.34 7.27 0.01
C GLU B 242 -22.02 6.42 -1.19
N ARG B 243 -20.76 6.49 -1.61
CA ARG B 243 -20.34 5.89 -2.88
C ARG B 243 -18.84 5.62 -2.85
N GLY B 244 -18.47 4.41 -3.30
CA GLY B 244 -17.09 4.05 -3.36
C GLY B 244 -16.75 2.98 -2.34
N PRO B 245 -15.44 2.74 -2.13
CA PRO B 245 -14.35 3.35 -2.85
C PRO B 245 -14.24 2.83 -4.27
N GLY B 246 -13.59 3.62 -5.12
CA GLY B 246 -13.47 3.26 -6.52
C GLY B 246 -12.24 3.84 -7.17
N ARG B 247 -12.10 3.54 -8.46
CA ARG B 247 -11.18 4.21 -9.37
C ARG B 247 -12.03 5.04 -10.27
N HIS B 248 -11.75 6.35 -10.37
CA HIS B 248 -12.46 7.18 -11.36
C HIS B 248 -11.95 6.89 -12.76
N GLY B 249 -12.83 7.02 -13.76
CA GLY B 249 -12.37 7.18 -15.14
C GLY B 249 -11.82 8.58 -15.30
N VAL B 250 -12.74 9.54 -15.26
CA VAL B 250 -12.38 10.95 -15.20
C VAL B 250 -11.48 11.19 -13.98
N SER B 251 -10.28 11.65 -14.26
CA SER B 251 -9.23 12.01 -13.26
C SER B 251 -8.31 10.86 -12.95
N ASN B 252 -8.75 9.62 -13.19
CA ASN B 252 -7.96 8.42 -12.85
C ASN B 252 -7.61 8.29 -11.35
N ALA B 253 -8.30 9.05 -10.50
CA ALA B 253 -8.01 9.01 -9.07
C ALA B 253 -8.76 7.88 -8.36
N PHE B 254 -8.15 7.35 -7.30
CA PHE B 254 -8.86 6.50 -6.38
C PHE B 254 -9.69 7.38 -5.45
N TYR B 255 -10.90 6.99 -5.13
CA TYR B 255 -11.86 7.91 -4.53
C TYR B 255 -12.82 7.26 -3.55
N LEU B 256 -13.48 8.11 -2.76
CA LEU B 256 -14.53 7.72 -1.84
C LEU B 256 -15.39 8.96 -1.59
N TYR B 257 -16.71 8.78 -1.54
CA TYR B 257 -17.61 9.86 -1.10
C TYR B 257 -18.34 9.51 0.21
N ILE B 258 -18.23 10.43 1.17
CA ILE B 258 -18.88 10.29 2.48
C ILE B 258 -19.69 11.54 2.81
N LEU B 259 -20.59 11.43 3.78
CA LEU B 259 -21.52 12.49 4.10
C LEU B 259 -21.36 12.94 5.54
N ASP B 260 -21.21 14.25 5.74
CA ASP B 260 -21.03 14.80 7.09
C ASP B 260 -22.41 14.90 7.77
N PRO B 261 -22.45 15.37 9.04
CA PRO B 261 -23.71 15.35 9.79
C PRO B 261 -24.87 16.19 9.21
N ASP B 262 -24.52 17.18 8.38
CA ASP B 262 -25.47 18.00 7.65
C ASP B 262 -25.64 17.59 6.20
N ASN B 263 -25.13 16.41 5.85
N ASN B 263 -25.17 16.39 5.85
CA ASN B 263 -25.18 15.86 4.48
CA ASN B 263 -25.18 15.86 4.48
C ASN B 263 -24.29 16.57 3.48
C ASN B 263 -24.35 16.65 3.48
N HIS B 264 -23.36 17.40 3.96
CA HIS B 264 -22.32 17.91 3.08
C HIS B 264 -21.47 16.75 2.67
N ARG B 265 -21.19 16.66 1.39
CA ARG B 265 -20.49 15.54 0.80
C ARG B 265 -19.00 15.86 0.76
N ILE B 266 -18.21 14.91 1.23
CA ILE B 266 -16.77 15.01 1.21
C ILE B 266 -16.21 13.88 0.35
N GLU B 267 -15.35 14.23 -0.60
CA GLU B 267 -14.61 13.23 -1.38
C GLU B 267 -13.22 13.06 -0.80
N ILE B 268 -12.78 11.80 -0.75
CA ILE B 268 -11.37 11.49 -0.47
C ILE B 268 -10.77 10.95 -1.77
N TYR B 269 -9.55 11.37 -2.09
CA TYR B 269 -9.04 11.33 -3.45
C TYR B 269 -7.54 11.11 -3.44
N THR B 270 -7.02 10.33 -4.39
CA THR B 270 -5.57 10.22 -4.52
C THR B 270 -5.15 9.81 -5.93
N GLN B 271 -3.99 10.28 -6.34
CA GLN B 271 -3.20 9.74 -7.46
C GLN B 271 -3.84 10.02 -8.82
N ASP B 272 -4.33 11.26 -8.98
CA ASP B 272 -4.51 11.83 -10.31
C ASP B 272 -3.14 12.25 -10.89
N TYR B 273 -3.16 12.93 -12.03
CA TYR B 273 -1.98 13.12 -12.88
C TYR B 273 -1.69 14.63 -13.07
N TYR B 274 -0.54 14.89 -13.64
CA TYR B 274 -0.04 16.24 -13.86
C TYR B 274 -0.68 16.90 -15.09
N THR B 275 -1.15 18.13 -14.89
CA THR B 275 -1.88 18.87 -15.93
C THR B 275 -1.30 20.25 -16.23
N GLY B 276 -0.15 20.58 -15.64
CA GLY B 276 0.37 21.95 -15.69
C GLY B 276 0.83 22.45 -17.05
N ASP B 277 1.10 21.56 -18.02
CA ASP B 277 1.44 22.04 -19.36
C ASP B 277 0.18 22.64 -20.03
N PRO B 278 0.35 23.78 -20.72
CA PRO B 278 -0.80 24.55 -21.22
C PRO B 278 -1.58 23.87 -22.34
N ASP B 279 -0.95 22.92 -23.03
CA ASP B 279 -1.62 22.08 -24.04
C ASP B 279 -1.94 20.67 -23.49
N ASN B 280 -2.05 20.55 -22.17
CA ASN B 280 -2.44 19.29 -21.56
C ASN B 280 -3.64 18.71 -22.34
N PRO B 281 -3.56 17.42 -22.75
CA PRO B 281 -4.68 16.92 -23.58
C PRO B 281 -5.99 16.85 -22.81
N THR B 282 -7.04 17.44 -23.35
CA THR B 282 -8.36 17.39 -22.75
C THR B 282 -9.04 16.08 -23.11
N ILE B 283 -9.52 15.35 -22.11
CA ILE B 283 -10.13 14.04 -22.32
C ILE B 283 -11.64 14.21 -22.26
N THR B 284 -12.36 13.77 -23.31
CA THR B 284 -13.81 13.81 -23.30
C THR B 284 -14.33 12.37 -23.28
N TRP B 285 -15.09 12.06 -22.24
CA TRP B 285 -15.77 10.78 -22.11
C TRP B 285 -17.20 10.91 -22.57
N ASN B 286 -17.71 9.87 -23.21
CA ASN B 286 -19.12 9.82 -23.51
C ASN B 286 -19.93 9.48 -22.26
N VAL B 287 -21.06 10.13 -22.11
CA VAL B 287 -21.92 9.96 -20.92
C VAL B 287 -22.42 8.51 -20.76
N HIS B 288 -22.49 7.75 -21.85
CA HIS B 288 -22.96 6.37 -21.78
C HIS B 288 -21.86 5.35 -21.50
N ASP B 289 -20.62 5.80 -21.39
CA ASP B 289 -19.51 4.91 -21.07
C ASP B 289 -19.56 4.57 -19.58
N ASN B 290 -19.84 3.30 -19.28
CA ASN B 290 -19.97 2.87 -17.91
C ASN B 290 -18.65 2.77 -17.12
N GLN B 291 -17.52 3.06 -17.76
CA GLN B 291 -16.25 3.21 -17.02
C GLN B 291 -15.84 4.65 -16.78
N ARG B 292 -16.68 5.62 -17.14
CA ARG B 292 -16.26 7.02 -17.07
C ARG B 292 -16.18 7.57 -15.63
N ARG B 293 -17.09 7.16 -14.75
CA ARG B 293 -17.17 7.70 -13.40
C ARG B 293 -16.56 6.73 -12.38
N ASP B 294 -16.89 5.45 -12.51
CA ASP B 294 -16.20 4.36 -11.85
C ASP B 294 -15.64 3.45 -12.95
N TRP B 295 -14.32 3.40 -13.03
CA TRP B 295 -13.56 2.68 -14.04
C TRP B 295 -13.85 1.19 -14.01
N TRP B 296 -14.27 0.71 -12.84
CA TRP B 296 -14.55 -0.71 -12.63
C TRP B 296 -16.02 -1.05 -12.99
N GLY B 297 -16.74 -0.02 -13.43
CA GLY B 297 -18.11 -0.18 -13.81
C GLY B 297 -19.16 -0.22 -12.71
N ASN B 298 -18.74 -0.01 -11.46
CA ASN B 298 -19.70 0.04 -10.38
C ASN B 298 -20.73 1.15 -10.61
N PRO B 299 -21.99 0.90 -10.22
CA PRO B 299 -23.04 1.85 -10.52
C PRO B 299 -22.94 3.10 -9.66
N VAL B 300 -23.36 4.23 -10.21
CA VAL B 300 -23.34 5.50 -9.49
C VAL B 300 -24.67 5.64 -8.78
N VAL B 301 -24.60 5.73 -7.45
CA VAL B 301 -25.79 5.81 -6.62
C VAL B 301 -26.61 7.05 -6.98
N PRO B 302 -27.95 6.94 -7.02
CA PRO B 302 -28.74 8.09 -7.53
C PRO B 302 -28.60 9.36 -6.70
N SER B 303 -28.38 9.23 -5.39
CA SER B 303 -28.14 10.41 -4.56
C SER B 303 -26.95 11.23 -5.00
N TRP B 304 -25.97 10.59 -5.64
CA TRP B 304 -24.82 11.30 -6.15
C TRP B 304 -25.22 12.34 -7.21
N TYR B 305 -26.24 11.99 -7.99
CA TYR B 305 -26.74 12.86 -9.02
C TYR B 305 -27.80 13.84 -8.54
N THR B 306 -28.51 13.55 -7.45
CA THR B 306 -29.62 14.39 -7.03
C THR B 306 -29.38 15.27 -5.81
N GLU B 307 -28.47 14.88 -4.92
CA GLU B 307 -28.30 15.56 -3.65
C GLU B 307 -27.04 16.43 -3.65
N ALA B 308 -27.16 17.63 -3.09
CA ALA B 308 -26.04 18.55 -2.98
C ALA B 308 -26.43 19.64 -1.99
N SER B 309 -25.44 20.36 -1.51
CA SER B 309 -25.67 21.38 -0.48
C SER B 309 -26.12 22.72 -1.04
N LYS B 310 -26.97 23.38 -0.27
CA LYS B 310 -27.32 24.75 -0.50
C LYS B 310 -26.07 25.63 -0.51
N VAL B 311 -26.16 26.77 -1.22
CA VAL B 311 -25.12 27.78 -1.10
C VAL B 311 -25.75 29.10 -0.67
N LEU B 312 -24.97 29.94 0.00
CA LEU B 312 -25.46 31.23 0.46
C LEU B 312 -25.01 32.36 -0.45
N ASP B 313 -25.80 33.43 -0.46
CA ASP B 313 -25.36 34.71 -0.96
C ASP B 313 -24.56 35.50 0.10
N LEU B 314 -24.15 36.72 -0.24
CA LEU B 314 -23.30 37.51 0.66
C LEU B 314 -24.01 37.99 1.92
N ASP B 315 -25.34 37.98 1.89
CA ASP B 315 -26.14 38.32 3.08
C ASP B 315 -26.34 37.11 3.98
N GLY B 316 -25.90 35.93 3.51
CA GLY B 316 -26.08 34.69 4.24
C GLY B 316 -27.42 34.00 4.02
N ASN B 317 -28.16 34.46 3.00
CA ASN B 317 -29.41 33.82 2.63
C ASN B 317 -29.14 32.76 1.57
N VAL B 318 -29.97 31.71 1.54
CA VAL B 318 -29.79 30.62 0.58
C VAL B 318 -30.09 31.15 -0.83
N GLN B 319 -29.22 30.81 -1.77
CA GLN B 319 -29.46 31.11 -3.18
C GLN B 319 -30.59 30.26 -3.76
N GLU B 320 -31.46 30.94 -4.49
CA GLU B 320 -32.50 30.29 -5.25
C GLU B 320 -31.91 29.28 -6.23
N ILE B 321 -32.57 28.15 -6.37
CA ILE B 321 -32.14 27.09 -7.27
C ILE B 321 -32.79 27.29 -8.63
N ILE B 322 -31.98 27.15 -9.67
CA ILE B 322 -32.44 27.22 -11.07
C ILE B 322 -32.37 25.79 -11.62
N GLU B 323 -33.47 25.36 -12.22
CA GLU B 323 -33.57 23.98 -12.70
C GLU B 323 -32.76 23.81 -13.99
N ARG B 324 -32.05 22.69 -14.06
CA ARG B 324 -31.41 22.24 -15.29
C ARG B 324 -32.48 21.84 -16.32
N THR B 325 -32.31 22.33 -17.55
CA THR B 325 -33.16 21.92 -18.67
C THR B 325 -32.45 20.99 -19.65
N ASP B 326 -31.12 21.02 -19.70
CA ASP B 326 -30.36 20.03 -20.44
C ASP B 326 -30.64 18.63 -19.86
N ASP B 327 -30.33 17.61 -20.65
CA ASP B 327 -30.55 16.22 -20.26
C ASP B 327 -29.84 15.88 -18.96
N SER B 328 -30.45 14.97 -18.21
CA SER B 328 -29.95 14.52 -16.91
C SER B 328 -29.04 13.33 -17.09
N GLU B 329 -27.83 13.40 -16.53
CA GLU B 329 -26.90 12.27 -16.56
C GLU B 329 -27.51 11.01 -15.92
N LEU B 330 -28.16 11.19 -14.79
CA LEU B 330 -28.91 10.08 -14.17
C LEU B 330 -29.88 9.47 -15.18
N GLU B 331 -30.72 10.30 -15.76
CA GLU B 331 -31.77 9.75 -16.63
C GLU B 331 -31.21 9.02 -17.84
N VAL B 332 -30.20 9.59 -18.46
CA VAL B 332 -29.69 9.04 -19.72
C VAL B 332 -28.80 7.81 -19.52
N THR B 333 -28.38 7.53 -18.28
CA THR B 333 -27.50 6.39 -18.01
C THR B 333 -28.15 5.28 -17.21
N ILE B 334 -28.89 5.63 -16.15
CA ILE B 334 -29.44 4.62 -15.24
C ILE B 334 -30.96 4.72 -15.04
N GLY B 335 -31.56 5.73 -15.65
CA GLY B 335 -33.00 5.92 -15.59
C GLY B 335 -33.72 4.98 -16.52
N ALA B 336 -35.02 5.17 -16.64
CA ALA B 336 -35.89 4.20 -17.33
C ALA B 336 -35.60 4.06 -18.81
N ASP B 337 -35.21 5.16 -19.46
CA ASP B 337 -34.82 5.16 -20.86
C ASP B 337 -33.31 5.34 -20.99
N GLY B 338 -32.58 5.01 -19.93
CA GLY B 338 -31.15 5.15 -19.92
C GLY B 338 -30.42 4.04 -20.67
N PHE B 339 -29.13 4.28 -20.87
CA PHE B 339 -28.27 3.33 -21.55
C PHE B 339 -26.84 3.54 -21.08
N SER B 340 -26.12 2.44 -20.85
N SER B 340 -26.12 2.44 -20.84
CA SER B 340 -24.67 2.49 -20.72
CA SER B 340 -24.66 2.53 -20.75
C SER B 340 -24.02 1.28 -21.36
C SER B 340 -24.01 1.29 -21.32
N PHE B 341 -22.76 1.44 -21.72
CA PHE B 341 -21.99 0.35 -22.32
C PHE B 341 -20.71 0.11 -21.57
N THR B 342 -20.21 -1.11 -21.69
CA THR B 342 -18.87 -1.42 -21.25
C THR B 342 -17.86 -1.23 -22.40
N ARG B 343 -18.19 -1.74 -23.58
CA ARG B 343 -17.39 -1.62 -24.80
C ARG B 343 -18.27 -0.96 -25.84
N ALA B 344 -17.80 0.18 -26.38
CA ALA B 344 -18.55 0.90 -27.42
C ALA B 344 -18.94 -0.04 -28.54
N GLY B 345 -20.24 -0.02 -28.89
CA GLY B 345 -20.79 -0.85 -29.94
C GLY B 345 -21.04 -2.30 -29.62
N ASP B 346 -20.80 -2.71 -28.37
CA ASP B 346 -21.00 -4.10 -27.98
C ASP B 346 -22.26 -4.16 -27.11
N GLU B 347 -23.24 -4.97 -27.52
CA GLU B 347 -24.43 -5.21 -26.72
C GLU B 347 -24.11 -5.94 -25.44
N ASP B 348 -23.17 -6.87 -25.54
CA ASP B 348 -22.74 -7.61 -24.39
C ASP B 348 -22.05 -6.65 -23.42
N GLY B 349 -22.51 -6.66 -22.17
CA GLY B 349 -22.02 -5.73 -21.16
C GLY B 349 -22.63 -4.34 -21.24
N SER B 350 -23.72 -4.21 -21.97
N SER B 350 -23.72 -4.21 -21.98
CA SER B 350 -24.48 -2.97 -21.96
CA SER B 350 -24.50 -2.98 -21.97
C SER B 350 -25.68 -3.09 -21.03
C SER B 350 -25.72 -3.09 -21.07
N TYR B 351 -26.24 -1.94 -20.68
CA TYR B 351 -27.29 -1.85 -19.66
C TYR B 351 -28.36 -0.94 -20.25
N HIS B 352 -29.60 -1.45 -20.28
CA HIS B 352 -30.71 -0.73 -20.84
C HIS B 352 -31.75 -0.50 -19.75
N GLY B 353 -31.98 0.77 -19.42
CA GLY B 353 -33.00 1.12 -18.44
C GLY B 353 -32.71 0.66 -17.03
N GLN B 354 -31.45 0.48 -16.69
CA GLN B 354 -31.07 0.14 -15.33
C GLN B 354 -29.59 0.42 -15.13
N ALA B 355 -29.16 0.27 -13.89
CA ALA B 355 -27.77 0.45 -13.53
C ALA B 355 -26.97 -0.83 -13.84
N SER B 356 -25.66 -0.70 -13.75
CA SER B 356 -24.77 -1.86 -13.87
C SER B 356 -24.87 -2.76 -12.65
N LYS B 357 -24.30 -3.95 -12.81
CA LYS B 357 -24.06 -4.90 -11.71
C LYS B 357 -25.36 -5.38 -11.05
N GLY B 358 -26.47 -5.36 -11.77
CA GLY B 358 -27.66 -6.03 -11.30
C GLY B 358 -28.65 -5.19 -10.49
N PHE B 359 -28.47 -3.87 -10.52
CA PHE B 359 -29.30 -2.95 -9.74
C PHE B 359 -30.16 -2.05 -10.63
N LYS B 360 -31.24 -1.56 -10.02
CA LYS B 360 -32.12 -0.53 -10.57
C LYS B 360 -32.25 0.57 -9.54
N LEU B 361 -32.65 1.76 -10.01
CA LEU B 361 -33.01 2.88 -9.14
C LEU B 361 -34.04 2.44 -8.09
N GLY B 362 -33.80 2.73 -6.81
CA GLY B 362 -34.84 2.56 -5.78
C GLY B 362 -36.13 3.32 -6.07
N GLU C 4 24.99 -34.11 22.91
CA GLU C 4 23.60 -34.12 22.33
C GLU C 4 22.54 -34.19 23.41
N ILE C 5 21.40 -33.58 23.13
CA ILE C 5 20.27 -33.61 24.05
C ILE C 5 19.39 -34.82 23.68
N PRO C 6 19.34 -35.88 24.53
CA PRO C 6 18.63 -37.06 24.04
C PRO C 6 17.11 -36.83 23.97
N LYS C 7 16.48 -37.47 23.01
CA LYS C 7 15.04 -37.40 22.90
C LYS C 7 14.37 -38.15 24.05
N PRO C 8 13.49 -37.48 24.80
CA PRO C 8 12.72 -38.19 25.83
C PRO C 8 11.86 -39.30 25.26
N VAL C 9 11.68 -40.37 26.04
CA VAL C 9 10.58 -41.31 25.77
C VAL C 9 9.20 -40.73 26.04
N ALA C 10 9.12 -39.79 26.99
CA ALA C 10 7.86 -39.06 27.23
C ALA C 10 7.43 -38.30 25.98
N PRO C 11 6.14 -38.33 25.64
CA PRO C 11 5.67 -37.62 24.45
C PRO C 11 5.83 -36.09 24.58
N ALA C 12 6.24 -35.46 23.49
CA ALA C 12 6.36 -34.00 23.46
C ALA C 12 4.99 -33.35 23.64
N PRO C 13 4.92 -32.23 24.38
CA PRO C 13 3.69 -31.42 24.34
C PRO C 13 3.41 -30.96 22.92
N ASP C 14 2.12 -30.88 22.58
CA ASP C 14 1.68 -30.37 21.27
C ASP C 14 1.62 -28.84 21.34
N ILE C 15 2.62 -28.21 20.75
CA ILE C 15 2.76 -26.77 20.79
C ILE C 15 2.04 -26.12 19.61
N LEU C 16 1.19 -25.13 19.90
CA LEU C 16 0.46 -24.43 18.84
C LEU C 16 1.29 -23.34 18.15
N ARG C 17 1.96 -22.54 18.96
CA ARG C 17 2.56 -21.28 18.50
C ARG C 17 3.26 -20.59 19.62
N CYS C 18 4.17 -19.69 19.27
CA CYS C 18 4.57 -18.67 20.21
C CYS C 18 3.38 -17.82 20.64
N ALA C 19 3.37 -17.41 21.90
CA ALA C 19 2.21 -16.72 22.46
C ALA C 19 2.52 -15.40 23.15
N TYR C 20 3.53 -15.36 24.02
CA TYR C 20 3.91 -14.11 24.65
C TYR C 20 5.33 -14.20 25.16
N ALA C 21 5.94 -13.05 25.39
CA ALA C 21 7.18 -12.97 26.14
C ALA C 21 6.99 -12.08 27.35
N GLU C 22 7.67 -12.44 28.44
CA GLU C 22 7.79 -11.57 29.61
C GLU C 22 9.20 -10.99 29.59
N LEU C 23 9.28 -9.67 29.44
CA LEU C 23 10.54 -8.91 29.46
C LEU C 23 10.60 -8.15 30.78
N VAL C 24 11.70 -8.30 31.50
CA VAL C 24 12.01 -7.40 32.60
C VAL C 24 12.60 -6.09 32.04
N VAL C 25 12.06 -4.98 32.55
CA VAL C 25 12.40 -3.61 32.14
C VAL C 25 12.78 -2.83 33.38
N THR C 26 13.65 -1.83 33.22
CA THR C 26 14.16 -1.09 34.40
C THR C 26 13.33 0.14 34.78
N ASP C 27 12.66 0.73 33.80
CA ASP C 27 11.84 1.94 34.01
C ASP C 27 10.52 1.70 33.29
N LEU C 28 9.50 1.33 34.07
CA LEU C 28 8.23 0.90 33.52
C LEU C 28 7.58 2.00 32.68
N ALA C 29 7.66 3.24 33.14
CA ALA C 29 7.03 4.35 32.40
C ALA C 29 7.70 4.59 31.05
N LYS C 30 9.03 4.51 31.01
CA LYS C 30 9.74 4.67 29.73
C LYS C 30 9.41 3.52 28.78
N SER C 31 9.34 2.32 29.33
CA SER C 31 8.97 1.16 28.51
C SER C 31 7.53 1.29 28.00
N ARG C 32 6.63 1.75 28.87
CA ARG C 32 5.26 2.01 28.46
C ARG C 32 5.18 2.98 27.30
N ASN C 33 5.95 4.08 27.40
N ASN C 33 5.97 4.05 27.37
CA ASN C 33 6.01 5.07 26.34
CA ASN C 33 5.93 5.03 26.31
C ASN C 33 6.34 4.37 25.01
C ASN C 33 6.39 4.45 24.96
N PHE C 34 7.37 3.53 25.00
CA PHE C 34 7.83 2.88 23.78
C PHE C 34 6.76 1.92 23.24
N TYR C 35 6.27 0.99 24.08
CA TYR C 35 5.41 -0.07 23.57
C TYR C 35 3.97 0.39 23.31
N VAL C 36 3.48 1.31 24.12
CA VAL C 36 2.13 1.83 23.95
C VAL C 36 2.10 3.08 23.08
N ASP C 37 2.81 4.11 23.48
CA ASP C 37 2.68 5.37 22.76
C ASP C 37 3.39 5.32 21.41
N VAL C 38 4.61 4.78 21.35
CA VAL C 38 5.30 4.74 20.04
C VAL C 38 4.69 3.61 19.19
N LEU C 39 4.68 2.39 19.73
CA LEU C 39 4.29 1.23 18.91
C LEU C 39 2.83 0.89 18.87
N GLY C 40 2.02 1.40 19.81
CA GLY C 40 0.56 1.25 19.72
C GLY C 40 0.01 -0.08 20.16
N LEU C 41 0.78 -0.84 20.94
CA LEU C 41 0.22 -2.06 21.50
C LEU C 41 -0.92 -1.74 22.46
N HIS C 42 -1.81 -2.70 22.65
CA HIS C 42 -3.06 -2.51 23.37
C HIS C 42 -2.97 -3.03 24.78
N VAL C 43 -3.42 -2.23 25.72
CA VAL C 43 -3.33 -2.61 27.15
C VAL C 43 -4.40 -3.61 27.55
N SER C 44 -3.93 -4.75 28.04
CA SER C 44 -4.80 -5.78 28.60
C SER C 44 -4.92 -5.73 30.13
N TYR C 45 -3.91 -5.13 30.78
CA TYR C 45 -3.91 -4.92 32.23
C TYR C 45 -2.70 -4.07 32.54
N GLU C 46 -2.79 -3.19 33.53
CA GLU C 46 -1.57 -2.57 34.03
C GLU C 46 -1.70 -2.15 35.48
N ASP C 47 -0.57 -2.17 36.15
CA ASP C 47 -0.45 -1.62 37.49
C ASP C 47 0.93 -0.99 37.63
N GLU C 48 1.36 -0.69 38.85
CA GLU C 48 2.69 -0.04 39.08
C GLU C 48 3.90 -0.93 38.82
N ASN C 49 3.66 -2.22 38.66
CA ASN C 49 4.73 -3.21 38.49
C ASN C 49 4.80 -3.84 37.12
N GLN C 50 3.66 -3.92 36.42
CA GLN C 50 3.62 -4.62 35.15
C GLN C 50 2.68 -3.96 34.16
N ILE C 51 3.00 -4.11 32.88
CA ILE C 51 2.10 -3.74 31.82
C ILE C 51 1.92 -4.97 30.93
N TYR C 52 0.66 -5.34 30.69
CA TYR C 52 0.26 -6.46 29.84
C TYR C 52 -0.27 -5.92 28.52
N LEU C 53 0.28 -6.38 27.40
CA LEU C 53 -0.01 -5.78 26.09
C LEU C 53 -0.32 -6.85 25.06
N ARG C 54 -1.20 -6.52 24.11
CA ARG C 54 -1.51 -7.40 23.02
C ARG C 54 -1.58 -6.70 21.68
N SER C 55 -1.41 -7.50 20.65
CA SER C 55 -1.55 -7.05 19.27
C SER C 55 -3.00 -6.97 18.81
N PHE C 56 -3.17 -6.36 17.64
CA PHE C 56 -4.49 -5.98 17.12
C PHE C 56 -5.42 -7.17 16.94
N GLU C 57 -4.88 -8.31 16.51
CA GLU C 57 -5.71 -9.46 16.17
C GLU C 57 -5.76 -10.54 17.24
N GLU C 58 -5.17 -10.27 18.39
CA GLU C 58 -5.04 -11.31 19.41
C GLU C 58 -6.33 -11.45 20.23
N PHE C 59 -6.66 -12.68 20.61
CA PHE C 59 -7.77 -12.93 21.54
C PHE C 59 -7.32 -13.49 22.89
N ILE C 60 -6.12 -14.07 22.97
CA ILE C 60 -5.60 -14.45 24.31
C ILE C 60 -5.20 -13.18 25.07
N HIS C 61 -4.96 -13.30 26.38
CA HIS C 61 -4.89 -12.13 27.23
C HIS C 61 -3.81 -11.15 26.79
N HIS C 62 -2.65 -11.64 26.39
CA HIS C 62 -1.54 -10.77 26.05
C HIS C 62 -0.52 -11.48 25.17
N ASN C 63 0.28 -10.68 24.49
CA ASN C 63 1.47 -11.13 23.77
C ASN C 63 2.79 -10.63 24.37
N LEU C 64 2.71 -9.70 25.34
CA LEU C 64 3.91 -9.11 25.93
C LEU C 64 3.57 -8.68 27.34
N VAL C 65 4.41 -9.11 28.28
CA VAL C 65 4.31 -8.62 29.64
C VAL C 65 5.62 -7.89 29.96
N LEU C 66 5.49 -6.63 30.38
CA LEU C 66 6.61 -5.82 30.82
C LEU C 66 6.59 -5.83 32.34
N THR C 67 7.64 -6.35 32.95
CA THR C 67 7.71 -6.49 34.40
C THR C 67 8.86 -5.66 34.93
N LYS C 68 8.59 -4.74 35.86
CA LYS C 68 9.66 -3.93 36.44
C LYS C 68 10.61 -4.81 37.23
N GLY C 69 11.91 -4.60 37.03
CA GLY C 69 12.91 -5.30 37.79
C GLY C 69 14.26 -4.63 37.70
N PRO C 70 15.23 -5.16 38.45
CA PRO C 70 16.53 -4.48 38.57
C PRO C 70 17.45 -4.64 37.34
N VAL C 71 17.30 -5.73 36.61
CA VAL C 71 18.18 -6.04 35.48
C VAL C 71 17.30 -6.45 34.28
N ALA C 72 17.40 -5.67 33.22
CA ALA C 72 16.61 -5.94 32.02
C ALA C 72 17.05 -7.29 31.43
N ALA C 73 16.08 -8.10 31.08
CA ALA C 73 16.31 -9.47 30.64
C ALA C 73 15.03 -10.10 30.16
N LEU C 74 15.16 -11.17 29.38
CA LEU C 74 14.01 -12.04 29.11
C LEU C 74 13.73 -12.88 30.35
N LYS C 75 12.49 -12.84 30.84
CA LYS C 75 12.11 -13.70 31.97
C LYS C 75 11.43 -15.00 31.54
N ALA C 76 10.66 -14.96 30.45
CA ALA C 76 10.05 -16.17 29.90
C ALA C 76 9.62 -15.94 28.46
N MET C 77 9.85 -16.95 27.63
N MET C 77 9.91 -16.95 27.62
CA MET C 77 9.27 -16.99 26.32
CA MET C 77 9.33 -17.09 26.29
C MET C 77 8.25 -18.12 26.30
C MET C 77 8.24 -18.14 26.39
N ALA C 78 6.99 -17.76 26.10
CA ALA C 78 5.85 -18.65 26.30
C ALA C 78 5.24 -19.13 25.00
N PHE C 79 4.98 -20.43 24.98
CA PHE C 79 4.31 -21.12 23.89
C PHE C 79 2.99 -21.68 24.40
N ARG C 80 1.95 -21.50 23.61
CA ARG C 80 0.66 -22.07 23.94
C ARG C 80 0.61 -23.50 23.41
N VAL C 81 0.08 -24.38 24.24
CA VAL C 81 -0.05 -25.79 23.85
C VAL C 81 -1.52 -26.12 23.59
N ARG C 82 -1.78 -27.26 22.95
CA ARG C 82 -3.11 -27.51 22.36
C ARG C 82 -4.19 -27.78 23.42
N THR C 83 -3.83 -28.47 24.50
CA THR C 83 -4.81 -28.93 25.50
C THR C 83 -4.23 -28.74 26.91
N PRO C 84 -5.11 -28.71 27.91
CA PRO C 84 -4.59 -28.72 29.27
C PRO C 84 -3.61 -29.86 29.59
N GLU C 85 -3.86 -31.04 29.02
CA GLU C 85 -3.02 -32.21 29.26
C GLU C 85 -1.60 -32.02 28.72
N ASP C 86 -1.45 -31.16 27.70
CA ASP C 86 -0.11 -30.87 27.19
C ASP C 86 0.81 -30.16 28.17
N VAL C 87 0.26 -29.49 29.19
CA VAL C 87 1.10 -28.90 30.22
C VAL C 87 1.74 -30.02 31.06
N ASP C 88 0.94 -31.01 31.44
CA ASP C 88 1.47 -32.22 32.07
C ASP C 88 2.54 -32.90 31.20
N LYS C 89 2.28 -33.01 29.90
CA LYS C 89 3.26 -33.64 29.00
C LYS C 89 4.56 -32.84 28.98
N ALA C 90 4.44 -31.50 28.91
CA ALA C 90 5.62 -30.65 28.98
C ALA C 90 6.43 -30.87 30.26
N GLU C 91 5.74 -30.97 31.40
CA GLU C 91 6.43 -31.20 32.67
C GLU C 91 7.20 -32.53 32.66
N ALA C 92 6.54 -33.60 32.22
CA ALA C 92 7.22 -34.91 32.16
C ALA C 92 8.41 -34.92 31.20
N TYR C 93 8.22 -34.24 30.06
CA TYR C 93 9.24 -34.16 29.03
C TYR C 93 10.51 -33.46 29.54
N TYR C 94 10.34 -32.29 30.16
CA TYR C 94 11.48 -31.55 30.65
C TYR C 94 12.10 -32.17 31.90
N GLN C 95 11.28 -32.82 32.73
CA GLN C 95 11.82 -33.60 33.84
C GLN C 95 12.73 -34.72 33.34
N GLU C 96 12.30 -35.40 32.28
CA GLU C 96 13.11 -36.46 31.70
C GLU C 96 14.43 -35.92 31.15
N LEU C 97 14.41 -34.72 30.57
CA LEU C 97 15.63 -34.06 30.12
C LEU C 97 16.56 -33.60 31.25
N GLY C 98 16.10 -33.67 32.49
CA GLY C 98 16.90 -33.28 33.63
C GLY C 98 16.92 -31.79 33.87
N CYS C 99 15.92 -31.09 33.33
CA CYS C 99 15.81 -29.64 33.49
C CYS C 99 15.05 -29.24 34.72
N ARG C 100 15.46 -28.11 35.30
CA ARG C 100 14.68 -27.51 36.36
C ARG C 100 13.34 -27.02 35.84
N THR C 101 12.29 -27.34 36.56
CA THR C 101 10.94 -26.93 36.21
C THR C 101 10.21 -26.33 37.41
N GLU C 102 9.26 -25.46 37.09
CA GLU C 102 8.35 -24.91 38.09
C GLU C 102 6.93 -24.86 37.54
N ARG C 103 5.99 -25.49 38.24
CA ARG C 103 4.60 -25.56 37.81
C ARG C 103 3.77 -24.67 38.73
N ARG C 104 3.02 -23.75 38.14
CA ARG C 104 2.07 -22.93 38.89
C ARG C 104 0.68 -23.12 38.30
N LYS C 105 -0.20 -23.74 39.08
CA LYS C 105 -1.52 -24.11 38.61
C LYS C 105 -2.39 -22.89 38.33
N ASP C 106 -2.03 -21.75 38.91
CA ASP C 106 -2.77 -20.50 38.69
C ASP C 106 -1.94 -19.48 37.90
N GLY C 107 -0.83 -19.92 37.32
CA GLY C 107 -0.02 -19.10 36.43
C GLY C 107 1.05 -18.24 37.11
N PHE C 108 1.98 -17.77 36.29
CA PHE C 108 3.04 -16.87 36.74
C PHE C 108 2.68 -15.40 36.53
N VAL C 109 1.87 -15.13 35.51
CA VAL C 109 1.44 -13.77 35.15
C VAL C 109 -0.06 -13.73 35.00
N LYS C 110 -0.63 -12.54 35.15
CA LYS C 110 -2.09 -12.43 35.03
C LYS C 110 -2.57 -12.87 33.65
N GLY C 111 -3.76 -13.49 33.60
CA GLY C 111 -4.39 -13.87 32.36
C GLY C 111 -3.87 -15.16 31.76
N ILE C 112 -2.96 -15.81 32.46
CA ILE C 112 -2.51 -17.17 32.14
C ILE C 112 -2.87 -18.04 33.35
N GLY C 113 -3.44 -19.23 33.08
CA GLY C 113 -3.72 -20.22 34.12
C GLY C 113 -2.58 -21.19 34.28
N ASP C 114 -2.93 -22.46 34.38
CA ASP C 114 -1.95 -23.50 34.70
C ASP C 114 -0.78 -23.44 33.70
N ALA C 115 0.42 -23.29 34.24
CA ALA C 115 1.62 -22.97 33.45
C ALA C 115 2.86 -23.66 34.00
N LEU C 116 3.70 -24.14 33.09
CA LEU C 116 4.98 -24.72 33.44
C LEU C 116 6.09 -23.82 32.88
N ARG C 117 7.01 -23.37 33.75
CA ARG C 117 8.25 -22.75 33.31
C ARG C 117 9.41 -23.71 33.53
N VAL C 118 10.36 -23.67 32.61
CA VAL C 118 11.52 -24.56 32.61
C VAL C 118 12.78 -23.78 32.25
N GLU C 119 13.91 -24.19 32.82
CA GLU C 119 15.22 -23.80 32.33
C GLU C 119 15.59 -24.85 31.32
N ASP C 120 15.42 -24.53 30.05
CA ASP C 120 15.53 -25.55 29.01
C ASP C 120 17.02 -25.95 28.81
N PRO C 121 17.28 -26.98 27.99
CA PRO C 121 18.67 -27.44 27.85
C PRO C 121 19.64 -26.44 27.25
N LEU C 122 19.13 -25.42 26.57
CA LEU C 122 19.96 -24.32 26.06
C LEU C 122 20.01 -23.11 27.00
N GLY C 123 19.41 -23.25 28.19
CA GLY C 123 19.46 -22.24 29.23
C GLY C 123 18.36 -21.20 29.11
N PHE C 124 17.35 -21.45 28.27
CA PHE C 124 16.29 -20.46 28.08
C PHE C 124 15.09 -20.74 28.96
N PRO C 125 14.46 -19.66 29.47
CA PRO C 125 13.26 -19.82 30.26
C PRO C 125 12.03 -19.94 29.36
N TYR C 126 11.61 -21.16 29.09
CA TYR C 126 10.39 -21.46 28.33
C TYR C 126 9.21 -21.59 29.28
N GLU C 127 8.05 -21.11 28.84
CA GLU C 127 6.79 -21.42 29.48
C GLU C 127 5.87 -22.14 28.52
N PHE C 128 5.12 -23.10 29.06
CA PHE C 128 4.06 -23.77 28.35
C PHE C 128 2.78 -23.63 29.12
N PHE C 129 1.72 -23.24 28.41
CA PHE C 129 0.39 -23.09 29.03
C PHE C 129 -0.67 -23.39 27.98
N PHE C 130 -1.85 -23.75 28.46
CA PHE C 130 -3.06 -23.77 27.64
C PHE C 130 -4.02 -22.65 28.08
N GLU C 131 -4.38 -22.62 29.35
CA GLU C 131 -5.44 -21.76 29.87
C GLU C 131 -5.01 -20.31 29.81
N THR C 132 -5.86 -19.48 29.20
CA THR C 132 -5.62 -18.05 29.20
C THR C 132 -6.98 -17.33 29.10
N THR C 133 -7.05 -16.18 29.74
CA THR C 133 -8.26 -15.34 29.73
C THR C 133 -8.44 -14.71 28.36
N HIS C 134 -9.55 -15.01 27.73
CA HIS C 134 -9.89 -14.40 26.46
C HIS C 134 -10.29 -12.94 26.67
N VAL C 135 -9.91 -12.11 25.72
CA VAL C 135 -10.21 -10.68 25.75
C VAL C 135 -10.88 -10.29 24.43
N GLU C 136 -11.27 -9.03 24.30
CA GLU C 136 -11.86 -8.56 23.06
C GLU C 136 -10.85 -8.66 21.93
N ARG C 137 -11.20 -9.41 20.91
CA ARG C 137 -10.33 -9.52 19.74
C ARG C 137 -10.53 -8.23 18.91
N LEU C 138 -9.47 -7.45 18.76
CA LEU C 138 -9.61 -6.09 18.22
C LEU C 138 -9.44 -6.06 16.70
N HIS C 139 -9.59 -7.20 16.02
CA HIS C 139 -9.17 -7.31 14.62
C HIS C 139 -9.98 -6.44 13.64
N MET C 140 -11.17 -6.01 14.05
CA MET C 140 -11.98 -5.11 13.24
C MET C 140 -12.17 -3.75 13.88
N ARG C 141 -11.40 -3.46 14.92
CA ARG C 141 -11.51 -2.17 15.63
C ARG C 141 -10.65 -1.13 14.89
N TYR C 142 -11.08 -0.79 13.68
CA TYR C 142 -10.34 0.14 12.87
C TYR C 142 -10.39 1.56 13.40
N ASP C 143 -11.28 1.83 14.36
CA ASP C 143 -11.25 3.06 15.13
C ASP C 143 -10.04 3.19 16.06
N LEU C 144 -9.39 2.06 16.36
CA LEU C 144 -8.19 2.01 17.17
C LEU C 144 -6.92 1.77 16.34
N TYR C 145 -7.06 1.46 15.06
CA TYR C 145 -5.95 1.03 14.22
C TYR C 145 -4.95 2.18 13.97
N SER C 146 -3.70 1.90 14.27
N SER C 146 -3.69 1.96 14.29
CA SER C 146 -2.58 2.80 14.03
CA SER C 146 -2.67 2.96 14.02
C SER C 146 -2.04 2.67 12.59
C SER C 146 -2.00 2.69 12.67
N ALA C 147 -1.47 3.75 12.07
CA ALA C 147 -0.76 3.66 10.82
C ALA C 147 0.42 2.67 10.86
N GLY C 148 0.91 2.37 12.07
CA GLY C 148 1.96 1.35 12.24
C GLY C 148 1.52 0.09 12.95
N GLU C 149 0.23 -0.25 12.85
CA GLU C 149 -0.35 -1.25 13.74
C GLU C 149 0.36 -2.61 13.73
N LEU C 150 0.70 -3.07 14.94
CA LEU C 150 1.21 -4.43 15.16
C LEU C 150 0.06 -5.40 15.35
N VAL C 151 -0.04 -6.37 14.45
CA VAL C 151 -1.28 -7.14 14.32
C VAL C 151 -1.21 -8.55 14.94
N ARG C 152 -0.01 -9.15 14.98
N ARG C 152 0.00 -9.11 15.02
CA ARG C 152 0.19 -10.47 15.59
CA ARG C 152 0.20 -10.43 15.62
C ARG C 152 1.56 -10.50 16.23
C ARG C 152 1.56 -10.44 16.28
N LEU C 153 1.71 -11.33 17.27
CA LEU C 153 3.03 -11.85 17.62
C LEU C 153 3.45 -12.91 16.63
N ASP C 154 4.65 -12.76 16.05
CA ASP C 154 5.09 -13.74 15.08
C ASP C 154 6.11 -14.77 15.58
N HIS C 155 7.17 -14.34 16.27
CA HIS C 155 8.24 -15.28 16.63
C HIS C 155 9.17 -14.72 17.66
N PHE C 156 10.00 -15.61 18.20
CA PHE C 156 11.17 -15.28 18.97
C PHE C 156 12.42 -15.64 18.17
N ASN C 157 13.55 -15.05 18.55
CA ASN C 157 14.85 -15.43 18.01
C ASN C 157 15.86 -15.49 19.16
N GLN C 158 16.50 -16.67 19.29
CA GLN C 158 17.39 -17.01 20.38
C GLN C 158 18.83 -17.08 19.90
N VAL C 159 19.75 -16.54 20.70
CA VAL C 159 21.17 -16.69 20.41
C VAL C 159 21.71 -17.88 21.22
N THR C 160 22.35 -18.84 20.55
CA THR C 160 22.81 -20.05 21.18
C THR C 160 24.09 -20.50 20.47
N PRO C 161 25.06 -21.07 21.22
CA PRO C 161 26.37 -21.29 20.60
C PRO C 161 26.48 -22.41 19.57
N ASP C 162 25.66 -23.45 19.73
CA ASP C 162 25.73 -24.66 18.92
C ASP C 162 24.36 -24.84 18.26
N VAL C 163 24.26 -24.44 17.00
CA VAL C 163 22.97 -24.40 16.36
C VAL C 163 22.46 -25.80 16.06
N PRO C 164 23.32 -26.72 15.54
CA PRO C 164 22.80 -28.08 15.35
C PRO C 164 22.26 -28.74 16.64
N ARG C 165 22.92 -28.52 17.78
CA ARG C 165 22.47 -29.11 19.03
C ARG C 165 21.08 -28.60 19.41
N GLY C 166 20.91 -27.28 19.27
CA GLY C 166 19.64 -26.68 19.58
C GLY C 166 18.56 -27.10 18.59
N ARG C 167 18.94 -27.16 17.32
CA ARG C 167 18.01 -27.54 16.26
C ARG C 167 17.41 -28.95 16.50
N LYS C 168 18.25 -29.91 16.85
CA LYS C 168 17.77 -31.28 17.04
C LYS C 168 16.82 -31.33 18.23
N TYR C 169 17.16 -30.61 19.30
CA TYR C 169 16.29 -30.51 20.48
C TYR C 169 14.92 -29.92 20.10
N LEU C 170 14.92 -28.84 19.31
CA LEU C 170 13.64 -28.26 18.91
C LEU C 170 12.86 -29.14 17.94
N GLU C 171 13.57 -29.86 17.06
CA GLU C 171 12.90 -30.84 16.20
C GLU C 171 12.20 -31.95 17.00
N ASP C 172 12.86 -32.44 18.03
CA ASP C 172 12.27 -33.42 18.92
C ASP C 172 10.99 -32.88 19.59
N LEU C 173 10.95 -31.57 19.86
CA LEU C 173 9.77 -30.90 20.39
C LEU C 173 8.67 -30.61 19.36
N GLY C 174 8.93 -30.93 18.11
CA GLY C 174 7.96 -30.88 17.02
C GLY C 174 8.12 -29.65 16.13
N PHE C 175 9.12 -28.80 16.40
CA PHE C 175 9.39 -27.68 15.50
C PHE C 175 10.00 -28.23 14.23
N ARG C 176 9.61 -27.69 13.08
CA ARG C 176 10.17 -28.13 11.80
C ARG C 176 11.02 -27.00 11.21
N VAL C 177 12.23 -27.31 10.80
CA VAL C 177 13.11 -26.32 10.20
C VAL C 177 12.61 -25.94 8.81
N THR C 178 12.54 -24.64 8.58
CA THR C 178 12.12 -24.10 7.29
C THR C 178 13.27 -23.59 6.45
N GLU C 179 14.19 -22.84 7.08
CA GLU C 179 15.35 -22.27 6.43
C GLU C 179 16.54 -22.33 7.39
N ASP C 180 17.73 -22.34 6.80
CA ASP C 180 18.96 -22.19 7.55
C ASP C 180 20.05 -21.57 6.72
N ILE C 181 21.14 -21.25 7.40
CA ILE C 181 22.35 -20.67 6.79
C ILE C 181 23.54 -21.57 7.18
N GLN C 182 24.28 -22.03 6.16
CA GLN C 182 25.40 -22.94 6.33
C GLN C 182 26.56 -22.43 5.44
N ASP C 183 27.76 -23.00 5.64
CA ASP C 183 28.82 -22.89 4.63
C ASP C 183 29.23 -24.25 4.07
N ASP C 184 30.11 -24.23 3.08
CA ASP C 184 30.55 -25.46 2.43
C ASP C 184 31.37 -26.35 3.37
N GLU C 185 31.94 -25.76 4.43
CA GLU C 185 32.69 -26.55 5.42
C GLU C 185 31.77 -27.34 6.35
N GLY C 186 30.47 -27.06 6.30
CA GLY C 186 29.49 -27.76 7.12
C GLY C 186 29.08 -27.06 8.40
N THR C 187 29.49 -25.80 8.58
CA THR C 187 29.07 -25.03 9.75
C THR C 187 27.66 -24.51 9.53
N THR C 188 26.86 -24.58 10.59
CA THR C 188 25.52 -23.96 10.59
C THR C 188 25.60 -22.68 11.41
N TYR C 189 25.14 -21.57 10.81
CA TYR C 189 25.16 -20.27 11.46
C TYR C 189 23.81 -19.84 12.08
N ALA C 190 22.72 -20.35 11.52
CA ALA C 190 21.37 -19.99 11.95
C ALA C 190 20.38 -20.97 11.39
N ALA C 191 19.27 -21.14 12.10
CA ALA C 191 18.15 -21.98 11.64
C ALA C 191 16.83 -21.38 12.14
N TRP C 192 15.77 -21.61 11.36
CA TRP C 192 14.43 -21.08 11.63
C TRP C 192 13.48 -22.25 11.68
N MET C 193 12.54 -22.26 12.62
CA MET C 193 11.70 -23.44 12.79
C MET C 193 10.32 -23.11 13.37
N HIS C 194 9.32 -23.87 12.97
CA HIS C 194 7.92 -23.49 13.18
C HIS C 194 7.04 -24.62 13.72
N ARG C 195 5.95 -24.19 14.37
CA ARG C 195 4.77 -24.99 14.65
C ARG C 195 3.53 -24.53 13.88
N LYS C 196 3.28 -23.20 13.87
CA LYS C 196 2.01 -22.68 13.35
C LYS C 196 1.87 -22.51 11.84
N GLY C 197 2.88 -22.80 11.07
CA GLY C 197 2.59 -22.82 9.59
C GLY C 197 2.98 -21.50 8.90
N THR C 198 3.80 -20.73 9.63
CA THR C 198 4.59 -19.65 9.04
C THR C 198 6.08 -20.05 9.09
N VAL C 199 6.98 -19.18 8.68
CA VAL C 199 8.40 -19.54 8.62
C VAL C 199 8.95 -19.95 9.99
N GLN C 200 8.43 -19.37 11.05
CA GLN C 200 9.05 -19.55 12.35
C GLN C 200 8.09 -19.26 13.51
N ASP C 201 8.27 -20.00 14.59
CA ASP C 201 7.82 -19.58 15.91
C ASP C 201 9.00 -19.25 16.82
N THR C 202 10.11 -19.94 16.63
CA THR C 202 11.38 -19.53 17.21
C THR C 202 12.47 -19.79 16.18
N ALA C 203 13.65 -19.28 16.48
CA ALA C 203 14.75 -19.29 15.54
C ALA C 203 16.02 -19.30 16.37
N LEU C 204 17.07 -19.92 15.84
CA LEU C 204 18.38 -19.94 16.49
C LEU C 204 19.39 -19.17 15.67
N THR C 205 20.05 -18.23 16.34
CA THR C 205 21.15 -17.46 15.76
C THR C 205 22.41 -17.92 16.47
N GLY C 206 23.42 -18.35 15.71
CA GLY C 206 24.69 -18.79 16.29
C GLY C 206 25.40 -17.66 16.97
N GLY C 207 25.71 -17.83 18.26
CA GLY C 207 26.45 -16.85 19.00
C GLY C 207 26.53 -17.20 20.48
N ASN C 208 27.10 -16.31 21.27
CA ASN C 208 27.24 -16.55 22.69
C ASN C 208 25.86 -16.52 23.33
N GLY C 209 25.53 -17.54 24.11
CA GLY C 209 24.19 -17.64 24.67
C GLY C 209 24.14 -18.47 25.91
N PRO C 210 22.97 -18.52 26.57
CA PRO C 210 21.67 -18.06 26.09
C PRO C 210 21.48 -16.53 26.14
N ARG C 211 21.06 -15.93 25.03
CA ARG C 211 20.60 -14.55 25.00
C ARG C 211 19.42 -14.48 24.04
N LEU C 212 18.51 -13.57 24.31
CA LEU C 212 17.36 -13.36 23.44
C LEU C 212 17.72 -12.35 22.37
N HIS C 213 17.72 -12.76 21.10
CA HIS C 213 18.03 -11.83 20.03
C HIS C 213 16.92 -10.83 19.79
N HIS C 214 15.69 -11.31 19.62
CA HIS C 214 14.54 -10.40 19.42
C HIS C 214 13.21 -11.09 19.63
N VAL C 215 12.20 -10.25 19.80
CA VAL C 215 10.80 -10.66 19.71
C VAL C 215 10.25 -9.98 18.47
N ALA C 216 9.48 -10.72 17.65
CA ALA C 216 8.95 -10.17 16.38
C ALA C 216 7.44 -10.09 16.38
N PHE C 217 6.93 -8.93 15.94
CA PHE C 217 5.51 -8.69 15.70
C PHE C 217 5.29 -8.44 14.21
N SER C 218 4.12 -8.82 13.71
N SER C 218 4.11 -8.85 13.74
CA SER C 218 3.83 -8.58 12.33
CA SER C 218 3.68 -8.66 12.36
C SER C 218 2.90 -7.41 12.12
C SER C 218 2.95 -7.35 12.15
N THR C 219 2.97 -6.87 10.91
CA THR C 219 1.99 -5.87 10.42
C THR C 219 1.19 -6.49 9.28
N HIS C 220 0.15 -5.79 8.86
CA HIS C 220 -0.59 -6.20 7.68
C HIS C 220 0.21 -5.99 6.39
N GLU C 221 0.79 -4.80 6.26
CA GLU C 221 1.39 -4.39 5.01
C GLU C 221 2.76 -3.75 5.23
N LYS C 222 3.50 -3.61 4.13
CA LYS C 222 4.83 -3.05 4.19
C LYS C 222 4.77 -1.57 4.61
N HIS C 223 3.77 -0.83 4.17
CA HIS C 223 3.69 0.57 4.56
C HIS C 223 3.56 0.79 6.06
N ASN C 224 3.02 -0.20 6.77
CA ASN C 224 2.89 -0.07 8.23
C ASN C 224 4.27 -0.10 8.89
N ILE C 225 5.20 -0.87 8.33
CA ILE C 225 6.57 -0.88 8.81
C ILE C 225 7.28 0.43 8.48
N ILE C 226 7.09 0.93 7.27
N ILE C 226 7.09 0.94 7.26
CA ILE C 226 7.64 2.23 6.88
CA ILE C 226 7.65 2.24 6.89
C ILE C 226 7.17 3.31 7.88
C ILE C 226 7.17 3.34 7.85
N GLN C 227 5.89 3.28 8.24
CA GLN C 227 5.35 4.27 9.17
C GLN C 227 6.05 4.26 10.53
N ILE C 228 6.40 3.07 11.01
CA ILE C 228 7.11 2.99 12.28
C ILE C 228 8.43 3.76 12.18
N CYS C 229 9.14 3.57 11.07
CA CYS C 229 10.39 4.31 10.85
C CYS C 229 10.11 5.82 10.83
N ASP C 230 9.10 6.20 10.06
CA ASP C 230 8.77 7.63 9.90
C ASP C 230 8.42 8.26 11.25
N LYS C 231 7.67 7.53 12.05
CA LYS C 231 7.25 7.99 13.39
C LYS C 231 8.48 8.18 14.29
N MET C 232 9.38 7.20 14.25
CA MET C 232 10.62 7.30 15.02
C MET C 232 11.48 8.50 14.61
N GLY C 233 11.52 8.80 13.30
CA GLY C 233 12.17 10.04 12.87
C GLY C 233 11.47 11.27 13.46
N ALA C 234 10.14 11.29 13.41
CA ALA C 234 9.41 12.46 13.94
C ALA C 234 9.60 12.65 15.45
N LEU C 235 9.72 11.54 16.15
CA LEU C 235 10.01 11.57 17.57
C LEU C 235 11.49 11.76 17.88
N ARG C 236 12.30 11.90 16.84
CA ARG C 236 13.72 12.13 16.97
C ARG C 236 14.37 11.01 17.80
N ILE C 237 13.95 9.77 17.52
CA ILE C 237 14.56 8.57 18.09
C ILE C 237 15.01 7.60 17.00
N SER C 238 15.46 8.16 15.88
CA SER C 238 15.95 7.34 14.79
C SER C 238 17.19 6.54 15.16
N ASP C 239 17.93 6.98 16.17
CA ASP C 239 19.04 6.19 16.68
C ASP C 239 18.63 4.83 17.26
N ARG C 240 17.34 4.65 17.54
CA ARG C 240 16.82 3.37 18.01
C ARG C 240 16.31 2.48 16.88
N ILE C 241 16.42 2.96 15.65
CA ILE C 241 16.34 2.09 14.47
C ILE C 241 17.71 1.47 14.24
N GLU C 242 17.79 0.15 14.44
CA GLU C 242 19.05 -0.58 14.36
C GLU C 242 19.42 -1.03 12.94
N ARG C 243 18.46 -1.68 12.28
CA ARG C 243 18.69 -2.35 11.01
C ARG C 243 17.40 -2.34 10.23
N GLY C 244 17.50 -2.07 8.93
CA GLY C 244 16.33 -2.01 8.07
C GLY C 244 15.82 -0.60 7.86
N PRO C 245 14.61 -0.48 7.29
CA PRO C 245 13.75 -1.57 6.84
C PRO C 245 14.35 -2.27 5.61
N GLY C 246 13.97 -3.53 5.43
CA GLY C 246 14.49 -4.31 4.33
C GLY C 246 13.57 -5.45 3.94
N ARG C 247 14.02 -6.19 2.93
CA ARG C 247 13.46 -7.49 2.56
C ARG C 247 14.46 -8.53 3.01
N HIS C 248 14.02 -9.51 3.79
CA HIS C 248 14.88 -10.63 4.15
C HIS C 248 15.06 -11.57 2.94
N GLY C 249 16.21 -12.22 2.86
CA GLY C 249 16.37 -13.39 1.99
C GLY C 249 15.68 -14.57 2.63
N VAL C 250 16.30 -15.11 3.67
CA VAL C 250 15.62 -16.05 4.56
C VAL C 250 14.27 -15.47 4.99
N SER C 251 13.22 -16.24 4.77
CA SER C 251 11.81 -15.93 5.12
C SER C 251 11.05 -15.11 4.09
N ASN C 252 11.78 -14.36 3.26
CA ASN C 252 11.19 -13.41 2.31
C ASN C 252 10.34 -12.32 2.93
N ALA C 253 10.46 -12.12 4.24
CA ALA C 253 9.62 -11.12 4.92
C ALA C 253 10.20 -9.71 4.78
N PHE C 254 9.31 -8.72 4.75
CA PHE C 254 9.69 -7.34 4.92
C PHE C 254 9.88 -7.06 6.41
N TYR C 255 10.93 -6.34 6.78
CA TYR C 255 11.37 -6.30 8.17
C TYR C 255 11.96 -4.96 8.60
N LEU C 256 12.06 -4.83 9.92
CA LEU C 256 12.67 -3.73 10.60
C LEU C 256 13.09 -4.19 11.99
N TYR C 257 14.28 -3.76 12.44
CA TYR C 257 14.70 -3.95 13.84
C TYR C 257 14.87 -2.62 14.57
N ILE C 258 14.23 -2.54 15.73
CA ILE C 258 14.30 -1.39 16.61
C ILE C 258 14.66 -1.81 18.04
N LEU C 259 15.10 -0.85 18.85
CA LEU C 259 15.59 -1.13 20.21
C LEU C 259 14.76 -0.40 21.25
N ASP C 260 14.26 -1.14 22.21
CA ASP C 260 13.48 -0.57 23.29
C ASP C 260 14.39 0.15 24.31
N PRO C 261 13.79 0.78 25.33
CA PRO C 261 14.64 1.59 26.25
C PRO C 261 15.72 0.83 27.02
N ASP C 262 15.54 -0.49 27.18
CA ASP C 262 16.56 -1.39 27.77
C ASP C 262 17.38 -2.14 26.74
N ASN C 263 17.32 -1.70 25.49
CA ASN C 263 17.98 -2.37 24.38
C ASN C 263 17.49 -3.75 24.03
N HIS C 264 16.29 -4.10 24.50
CA HIS C 264 15.62 -5.28 23.96
C HIS C 264 15.26 -4.99 22.50
N ARG C 265 15.60 -5.91 21.62
CA ARG C 265 15.38 -5.73 20.20
C ARG C 265 14.04 -6.29 19.80
N ILE C 266 13.29 -5.47 19.05
CA ILE C 266 12.01 -5.85 18.51
C ILE C 266 12.10 -5.85 16.99
N GLU C 267 11.67 -6.94 16.36
CA GLU C 267 11.54 -6.99 14.91
C GLU C 267 10.07 -6.73 14.54
N ILE C 268 9.90 -5.95 13.48
CA ILE C 268 8.60 -5.85 12.83
C ILE C 268 8.73 -6.56 11.48
N TYR C 269 7.72 -7.34 11.13
CA TYR C 269 7.86 -8.40 10.12
C TYR C 269 6.54 -8.58 9.39
N THR C 270 6.57 -8.81 8.08
CA THR C 270 5.34 -9.12 7.38
C THR C 270 5.61 -9.94 6.12
N GLN C 271 4.64 -10.78 5.75
CA GLN C 271 4.52 -11.38 4.43
C GLN C 271 5.61 -12.42 4.12
N ASP C 272 5.88 -13.26 5.12
CA ASP C 272 6.47 -14.55 4.84
C ASP C 272 5.43 -15.50 4.26
N TYR C 273 5.79 -16.78 4.14
CA TYR C 273 5.02 -17.73 3.34
C TYR C 273 4.55 -18.92 4.19
N TYR C 274 3.65 -19.71 3.61
CA TYR C 274 3.01 -20.85 4.27
C TYR C 274 3.92 -22.07 4.33
N THR C 275 4.01 -22.66 5.51
CA THR C 275 4.95 -23.77 5.73
C THR C 275 4.24 -25.02 6.29
N GLY C 276 2.91 -25.01 6.35
CA GLY C 276 2.18 -26.05 7.08
C GLY C 276 2.17 -27.45 6.48
N ASP C 277 2.59 -27.62 5.23
CA ASP C 277 2.69 -28.97 4.67
C ASP C 277 3.95 -29.65 5.25
N PRO C 278 3.87 -30.96 5.58
CA PRO C 278 4.95 -31.60 6.33
C PRO C 278 6.24 -31.78 5.53
N ASP C 279 6.12 -31.74 4.20
CA ASP C 279 7.26 -31.80 3.29
C ASP C 279 7.58 -30.41 2.70
N ASN C 280 7.16 -29.36 3.39
CA ASN C 280 7.55 -28.00 3.05
C ASN C 280 9.06 -27.96 2.71
N PRO C 281 9.42 -27.44 1.53
CA PRO C 281 10.82 -27.52 1.15
C PRO C 281 11.70 -26.64 2.03
N THR C 282 12.77 -27.23 2.55
N THR C 282 12.73 -27.24 2.61
CA THR C 282 13.73 -26.52 3.39
CA THR C 282 13.72 -26.47 3.32
C THR C 282 14.76 -25.79 2.51
C THR C 282 14.51 -25.62 2.33
N ILE C 283 15.05 -24.52 2.83
CA ILE C 283 15.93 -23.68 2.06
C ILE C 283 17.21 -23.44 2.85
N THR C 284 18.34 -23.75 2.24
CA THR C 284 19.66 -23.47 2.83
C THR C 284 20.35 -22.41 2.01
N TRP C 285 20.76 -21.33 2.68
CA TRP C 285 21.55 -20.30 2.09
C TRP C 285 23.02 -20.44 2.50
N ASN C 286 23.90 -20.06 1.59
CA ASN C 286 25.32 -19.95 1.91
C ASN C 286 25.59 -18.69 2.71
N VAL C 287 26.40 -18.82 3.76
CA VAL C 287 26.71 -17.68 4.63
C VAL C 287 27.36 -16.49 3.90
N HIS C 288 28.02 -16.74 2.76
CA HIS C 288 28.67 -15.67 2.02
C HIS C 288 27.78 -15.00 0.99
N ASP C 289 26.54 -15.47 0.88
CA ASP C 289 25.54 -14.86 0.01
C ASP C 289 25.06 -13.54 0.60
N ASN C 290 25.43 -12.41 -0.01
CA ASN C 290 25.05 -11.10 0.51
C ASN C 290 23.56 -10.74 0.35
N GLN C 291 22.78 -11.60 -0.29
CA GLN C 291 21.32 -11.44 -0.31
C GLN C 291 20.57 -12.32 0.69
N ARG C 292 21.27 -13.04 1.56
CA ARG C 292 20.63 -14.01 2.43
C ARG C 292 19.87 -13.35 3.59
N ARG C 293 20.39 -12.26 4.13
CA ARG C 293 19.80 -11.59 5.27
C ARG C 293 19.03 -10.34 4.87
N ASP C 294 19.65 -9.52 4.03
CA ASP C 294 18.95 -8.46 3.35
C ASP C 294 19.05 -8.77 1.88
N TRP C 295 17.88 -9.03 1.29
CA TRP C 295 17.76 -9.42 -0.12
C TRP C 295 18.31 -8.37 -1.09
N TRP C 296 18.27 -7.11 -0.64
CA TRP C 296 18.77 -5.98 -1.44
C TRP C 296 20.26 -5.73 -1.25
N GLY C 297 20.90 -6.57 -0.44
CA GLY C 297 22.34 -6.47 -0.24
C GLY C 297 22.78 -5.41 0.74
N ASN C 298 21.84 -4.79 1.46
CA ASN C 298 22.26 -3.82 2.44
C ASN C 298 23.05 -4.49 3.57
N PRO C 299 24.04 -3.79 4.10
CA PRO C 299 24.90 -4.45 5.09
C PRO C 299 24.20 -4.71 6.40
N VAL C 300 24.62 -5.77 7.08
CA VAL C 300 24.14 -6.06 8.45
C VAL C 300 25.11 -5.43 9.43
N VAL C 301 24.62 -4.43 10.18
CA VAL C 301 25.47 -3.73 11.15
C VAL C 301 26.00 -4.69 12.24
N PRO C 302 27.25 -4.47 12.71
CA PRO C 302 27.84 -5.45 13.63
C PRO C 302 27.04 -5.67 14.92
N SER C 303 26.41 -4.62 15.44
CA SER C 303 25.61 -4.74 16.66
C SER C 303 24.51 -5.79 16.54
N TRP C 304 24.01 -5.99 15.32
CA TRP C 304 22.97 -7.01 15.09
C TRP C 304 23.52 -8.40 15.37
N TYR C 305 24.81 -8.60 15.10
CA TYR C 305 25.42 -9.89 15.40
C TYR C 305 25.89 -10.03 16.84
N THR C 306 26.29 -8.92 17.47
CA THR C 306 26.98 -9.02 18.76
C THR C 306 26.07 -8.77 19.96
N GLU C 307 25.01 -7.97 19.81
CA GLU C 307 24.20 -7.52 20.94
C GLU C 307 22.90 -8.32 21.02
N ALA C 308 22.56 -8.73 22.25
CA ALA C 308 21.31 -9.41 22.53
C ALA C 308 21.01 -9.35 24.03
N SER C 309 19.79 -9.69 24.41
CA SER C 309 19.35 -9.54 25.78
C SER C 309 19.75 -10.73 26.63
N LYS C 310 20.09 -10.42 27.89
CA LYS C 310 20.25 -11.44 28.92
C LYS C 310 18.95 -12.22 29.07
N VAL C 311 19.08 -13.47 29.53
CA VAL C 311 17.91 -14.23 29.96
C VAL C 311 18.04 -14.65 31.41
N LEU C 312 16.90 -14.86 32.06
CA LEU C 312 16.88 -15.25 33.47
C LEU C 312 16.62 -16.72 33.66
N ASP C 313 17.13 -17.23 34.78
CA ASP C 313 16.71 -18.52 35.31
C ASP C 313 15.43 -18.38 36.14
N LEU C 314 14.95 -19.47 36.72
CA LEU C 314 13.65 -19.47 37.41
C LEU C 314 13.69 -18.73 38.73
N ASP C 315 14.90 -18.44 39.24
CA ASP C 315 15.08 -17.60 40.42
C ASP C 315 15.15 -16.11 40.09
N GLY C 316 15.11 -15.82 38.80
CA GLY C 316 15.28 -14.45 38.32
C GLY C 316 16.70 -13.95 38.22
N ASN C 317 17.66 -14.86 38.33
CA ASN C 317 19.05 -14.51 38.12
C ASN C 317 19.50 -14.68 36.68
N VAL C 318 20.44 -13.85 36.26
CA VAL C 318 20.92 -13.89 34.88
C VAL C 318 21.69 -15.18 34.62
N GLN C 319 21.34 -15.81 33.50
CA GLN C 319 22.01 -17.03 33.03
C GLN C 319 23.39 -16.74 32.50
N GLU C 320 24.37 -17.51 33.00
CA GLU C 320 25.73 -17.47 32.47
C GLU C 320 25.76 -17.82 30.99
N ILE C 321 26.73 -17.22 30.31
CA ILE C 321 26.81 -17.28 28.87
C ILE C 321 27.93 -18.26 28.49
N ILE C 322 27.65 -19.06 27.46
CA ILE C 322 28.61 -19.98 26.86
C ILE C 322 29.00 -19.40 25.49
N GLU C 323 30.31 -19.32 25.27
N GLU C 323 30.33 -19.24 25.30
CA GLU C 323 30.85 -18.69 24.08
CA GLU C 323 30.87 -18.70 24.05
C GLU C 323 30.82 -19.68 22.91
C GLU C 323 30.75 -19.71 22.92
N ARG C 324 30.33 -19.23 21.78
CA ARG C 324 30.34 -20.04 20.56
C ARG C 324 31.78 -20.39 20.18
N THR C 325 32.00 -21.65 19.83
CA THR C 325 33.28 -22.10 19.32
C THR C 325 33.29 -22.33 17.79
N ASP C 326 32.11 -22.57 17.22
CA ASP C 326 31.96 -22.60 15.75
C ASP C 326 32.29 -21.22 15.14
N ASP C 327 32.55 -21.20 13.83
CA ASP C 327 32.85 -19.93 13.15
C ASP C 327 31.73 -18.90 13.32
N SER C 328 32.14 -17.62 13.32
CA SER C 328 31.25 -16.48 13.52
C SER C 328 30.78 -15.95 12.16
N GLU C 329 29.48 -15.80 12.03
CA GLU C 329 28.90 -15.24 10.81
C GLU C 329 29.43 -13.82 10.54
N LEU C 330 29.49 -13.00 11.58
CA LEU C 330 30.11 -11.68 11.48
C LEU C 330 31.51 -11.80 10.87
N GLU C 331 32.34 -12.67 11.43
CA GLU C 331 33.75 -12.70 11.05
C GLU C 331 33.93 -13.18 9.62
N VAL C 332 33.14 -14.19 9.21
CA VAL C 332 33.34 -14.77 7.90
C VAL C 332 32.67 -13.95 6.78
N THR C 333 31.88 -12.94 7.13
CA THR C 333 31.20 -12.12 6.12
C THR C 333 31.68 -10.66 6.05
N ILE C 334 31.83 -10.00 7.20
CA ILE C 334 32.08 -8.55 7.22
C ILE C 334 33.32 -8.18 8.03
N GLY C 335 33.96 -9.16 8.66
CA GLY C 335 35.20 -8.90 9.40
C GLY C 335 36.40 -8.87 8.48
N ALA C 336 37.58 -8.70 9.07
CA ALA C 336 38.76 -8.40 8.29
C ALA C 336 39.13 -9.52 7.30
N ASP C 337 38.84 -10.77 7.64
CA ASP C 337 39.08 -11.91 6.75
C ASP C 337 37.77 -12.47 6.13
N GLY C 338 36.68 -11.70 6.25
CA GLY C 338 35.38 -12.13 5.75
C GLY C 338 35.20 -11.80 4.28
N PHE C 339 34.16 -12.40 3.69
CA PHE C 339 33.70 -11.98 2.39
C PHE C 339 32.25 -12.35 2.14
N SER C 340 31.69 -11.63 1.16
CA SER C 340 30.41 -11.97 0.62
C SER C 340 30.32 -11.66 -0.87
N PHE C 341 29.32 -12.26 -1.50
CA PHE C 341 29.09 -12.11 -2.92
C PHE C 341 27.66 -11.71 -3.23
N THR C 342 27.49 -11.05 -4.36
CA THR C 342 26.18 -10.82 -4.95
C THR C 342 25.79 -11.99 -5.84
N ARG C 343 26.71 -12.38 -6.72
CA ARG C 343 26.55 -13.55 -7.56
C ARG C 343 27.70 -14.50 -7.25
N ALA C 344 27.37 -15.74 -6.90
CA ALA C 344 28.39 -16.72 -6.53
C ALA C 344 29.41 -16.83 -7.68
N GLY C 345 30.69 -16.74 -7.34
CA GLY C 345 31.76 -16.89 -8.33
C GLY C 345 32.14 -15.61 -9.05
N ASP C 346 31.46 -14.50 -8.75
CA ASP C 346 31.72 -13.23 -9.44
C ASP C 346 32.38 -12.26 -8.45
N GLU C 347 33.58 -11.80 -8.78
CA GLU C 347 34.27 -10.79 -7.97
C GLU C 347 33.60 -9.42 -8.03
N ASP C 348 32.97 -9.12 -9.15
CA ASP C 348 32.18 -7.91 -9.27
C ASP C 348 30.96 -8.04 -8.36
N GLY C 349 30.76 -7.06 -7.47
CA GLY C 349 29.71 -7.15 -6.45
C GLY C 349 30.05 -8.02 -5.25
N SER C 350 31.32 -8.40 -5.11
CA SER C 350 31.77 -9.10 -3.92
C SER C 350 32.46 -8.12 -2.99
N TYR C 351 32.52 -8.49 -1.72
CA TYR C 351 33.07 -7.63 -0.68
C TYR C 351 34.05 -8.44 0.15
N HIS C 352 35.24 -7.89 0.39
CA HIS C 352 36.31 -8.64 1.05
C HIS C 352 36.84 -7.79 2.17
N GLY C 353 36.75 -8.30 3.41
CA GLY C 353 37.27 -7.58 4.57
C GLY C 353 36.46 -6.34 4.89
N GLN C 354 35.23 -6.33 4.41
CA GLN C 354 34.42 -5.12 4.23
C GLN C 354 32.99 -5.57 4.18
N ALA C 355 32.07 -4.75 4.69
CA ALA C 355 30.65 -4.96 4.41
C ALA C 355 30.31 -4.38 3.03
N SER C 356 29.08 -4.64 2.60
CA SER C 356 28.55 -4.17 1.34
C SER C 356 28.34 -2.67 1.33
N LYS C 357 28.21 -2.12 0.12
CA LYS C 357 27.71 -0.74 -0.11
C LYS C 357 28.61 0.34 0.50
N ILE D 5 -26.22 -36.69 8.74
CA ILE D 5 -25.05 -37.49 8.23
C ILE D 5 -24.28 -38.06 9.44
N PRO D 6 -24.21 -39.39 9.58
CA PRO D 6 -23.63 -39.91 10.81
C PRO D 6 -22.11 -39.73 10.88
N LYS D 7 -21.55 -39.68 12.08
CA LYS D 7 -20.10 -39.69 12.28
C LYS D 7 -19.60 -41.13 12.16
N PRO D 8 -18.73 -41.39 11.16
CA PRO D 8 -18.15 -42.73 11.05
C PRO D 8 -17.40 -43.16 12.29
N VAL D 9 -17.34 -44.46 12.50
CA VAL D 9 -16.38 -45.06 13.41
C VAL D 9 -14.94 -44.92 12.92
N ALA D 10 -14.74 -45.11 11.62
CA ALA D 10 -13.43 -44.92 10.98
C ALA D 10 -12.88 -43.51 11.23
N PRO D 11 -11.58 -43.40 11.55
CA PRO D 11 -11.02 -42.08 11.82
C PRO D 11 -11.01 -41.19 10.56
N ALA D 12 -11.26 -39.91 10.74
CA ALA D 12 -11.17 -38.97 9.63
C ALA D 12 -9.72 -38.85 9.12
N PRO D 13 -9.57 -38.62 7.81
CA PRO D 13 -8.23 -38.27 7.35
C PRO D 13 -7.80 -36.94 7.94
N ASP D 14 -6.50 -36.79 8.18
CA ASP D 14 -5.91 -35.54 8.62
C ASP D 14 -5.70 -34.62 7.40
N ILE D 15 -6.59 -33.65 7.25
CA ILE D 15 -6.55 -32.73 6.11
C ILE D 15 -5.69 -31.53 6.47
N LEU D 16 -4.73 -31.22 5.60
CA LEU D 16 -3.85 -30.04 5.81
C LEU D 16 -4.51 -28.72 5.40
N ARG D 17 -5.11 -28.71 4.22
CA ARG D 17 -5.53 -27.47 3.56
C ARG D 17 -6.25 -27.80 2.25
N CYS D 18 -7.04 -26.86 1.74
CA CYS D 18 -7.36 -26.89 0.33
C CYS D 18 -6.08 -26.83 -0.49
N ALA D 19 -6.07 -27.52 -1.63
CA ALA D 19 -4.85 -27.60 -2.43
C ALA D 19 -5.03 -27.21 -3.89
N TYR D 20 -6.08 -27.72 -4.55
CA TYR D 20 -6.37 -27.30 -5.92
C TYR D 20 -7.82 -27.59 -6.27
N ALA D 21 -8.30 -26.94 -7.33
CA ALA D 21 -9.58 -27.29 -7.96
C ALA D 21 -9.33 -27.67 -9.40
N GLU D 22 -10.09 -28.64 -9.87
CA GLU D 22 -10.16 -28.92 -11.30
C GLU D 22 -11.50 -28.39 -11.80
N LEU D 23 -11.42 -27.42 -12.71
CA LEU D 23 -12.56 -26.80 -13.37
C LEU D 23 -12.59 -27.26 -14.81
N VAL D 24 -13.76 -27.71 -15.25
CA VAL D 24 -14.01 -27.94 -16.66
C VAL D 24 -14.37 -26.62 -17.30
N VAL D 25 -13.71 -26.36 -18.43
CA VAL D 25 -13.88 -25.14 -19.19
C VAL D 25 -14.18 -25.51 -20.64
N THR D 26 -14.90 -24.63 -21.34
CA THR D 26 -15.37 -24.96 -22.68
C THR D 26 -14.39 -24.57 -23.78
N ASP D 27 -13.65 -23.49 -23.60
CA ASP D 27 -12.70 -22.97 -24.57
C ASP D 27 -11.38 -22.75 -23.84
N LEU D 28 -10.47 -23.68 -24.02
CA LEU D 28 -9.22 -23.65 -23.28
C LEU D 28 -8.38 -22.39 -23.53
N ALA D 29 -8.36 -21.90 -24.76
CA ALA D 29 -7.59 -20.71 -25.09
C ALA D 29 -8.17 -19.47 -24.41
N LYS D 30 -9.49 -19.34 -24.41
CA LYS D 30 -10.10 -18.19 -23.74
C LYS D 30 -9.89 -18.24 -22.22
N SER D 31 -9.96 -19.44 -21.65
CA SER D 31 -9.70 -19.62 -20.23
C SER D 31 -8.23 -19.33 -19.90
N ARG D 32 -7.32 -19.77 -20.77
CA ARG D 32 -5.90 -19.45 -20.60
C ARG D 32 -5.67 -17.93 -20.57
N ASN D 33 -6.30 -17.23 -21.50
CA ASN D 33 -6.13 -15.80 -21.55
C ASN D 33 -6.51 -15.17 -20.21
N PHE D 34 -7.60 -15.63 -19.64
CA PHE D 34 -8.08 -15.07 -18.37
C PHE D 34 -7.14 -15.38 -17.22
N TYR D 35 -6.84 -16.67 -17.01
CA TYR D 35 -6.07 -17.06 -15.83
C TYR D 35 -4.56 -16.76 -15.92
N VAL D 36 -4.00 -16.83 -17.15
CA VAL D 36 -2.58 -16.58 -17.33
C VAL D 36 -2.36 -15.09 -17.68
N ASP D 37 -2.97 -14.61 -18.74
CA ASP D 37 -2.67 -13.26 -19.20
C ASP D 37 -3.32 -12.17 -18.36
N VAL D 38 -4.57 -12.35 -17.95
CA VAL D 38 -5.20 -11.33 -17.14
C VAL D 38 -4.73 -11.47 -15.69
N LEU D 39 -4.85 -12.67 -15.13
CA LEU D 39 -4.62 -12.89 -13.69
C LEU D 39 -3.19 -13.24 -13.31
N GLY D 40 -2.37 -13.65 -14.28
CA GLY D 40 -0.98 -13.88 -14.02
C GLY D 40 -0.58 -15.17 -13.32
N LEU D 41 -1.45 -16.17 -13.28
CA LEU D 41 -1.05 -17.44 -12.70
C LEU D 41 0.05 -18.11 -13.52
N HIS D 42 0.77 -19.00 -12.86
CA HIS D 42 1.99 -19.58 -13.43
C HIS D 42 1.75 -20.99 -13.96
N VAL D 43 2.22 -21.26 -15.17
CA VAL D 43 1.95 -22.53 -15.84
C VAL D 43 2.94 -23.57 -15.31
N SER D 44 2.37 -24.67 -14.80
CA SER D 44 3.15 -25.87 -14.41
C SER D 44 3.23 -26.92 -15.52
N TYR D 45 2.18 -26.98 -16.33
CA TYR D 45 2.08 -27.91 -17.46
C TYR D 45 0.91 -27.43 -18.31
N GLU D 46 1.02 -27.61 -19.61
CA GLU D 46 -0.17 -27.45 -20.45
C GLU D 46 -0.07 -28.24 -21.73
N ASP D 47 -1.21 -28.67 -22.23
CA ASP D 47 -1.31 -29.27 -23.55
C ASP D 47 -2.66 -28.86 -24.17
N GLU D 48 -3.08 -29.54 -25.23
CA GLU D 48 -4.35 -29.22 -25.90
C GLU D 48 -5.59 -29.49 -25.05
N ASN D 49 -5.44 -30.27 -23.98
CA ASN D 49 -6.56 -30.72 -23.16
C ASN D 49 -6.68 -30.01 -21.82
N GLN D 50 -5.54 -29.62 -21.27
CA GLN D 50 -5.48 -29.07 -19.91
C GLN D 50 -4.42 -28.01 -19.73
N ILE D 51 -4.67 -27.13 -18.76
CA ILE D 51 -3.70 -26.15 -18.29
C ILE D 51 -3.61 -26.27 -16.77
N TYR D 52 -2.37 -26.46 -16.29
CA TYR D 52 -2.08 -26.62 -14.88
C TYR D 52 -1.41 -25.34 -14.41
N LEU D 53 -1.97 -24.75 -13.35
CA LEU D 53 -1.60 -23.40 -12.90
C LEU D 53 -1.32 -23.40 -11.42
N ARG D 54 -0.35 -22.57 -11.01
CA ARG D 54 -0.06 -22.39 -9.61
C ARG D 54 0.14 -20.93 -9.27
N SER D 55 -0.07 -20.63 -8.00
CA SER D 55 0.19 -19.30 -7.48
C SER D 55 1.67 -19.05 -7.18
N PHE D 56 1.99 -17.79 -6.87
CA PHE D 56 3.38 -17.32 -6.77
C PHE D 56 4.17 -18.07 -5.70
N GLU D 57 3.53 -18.42 -4.60
CA GLU D 57 4.26 -19.01 -3.45
C GLU D 57 4.13 -20.52 -3.33
N GLU D 58 3.48 -21.15 -4.32
CA GLU D 58 3.19 -22.59 -4.21
C GLU D 58 4.40 -23.45 -4.59
N PHE D 59 4.58 -24.56 -3.88
CA PHE D 59 5.58 -25.55 -4.24
C PHE D 59 5.01 -26.87 -4.73
N ILE D 60 3.75 -27.17 -4.38
CA ILE D 60 3.11 -28.35 -4.99
C ILE D 60 2.81 -28.06 -6.47
N HIS D 61 2.45 -29.10 -7.23
CA HIS D 61 2.47 -28.97 -8.68
C HIS D 61 1.53 -27.86 -9.21
N HIS D 62 0.34 -27.76 -8.63
CA HIS D 62 -0.65 -26.81 -9.10
C HIS D 62 -1.70 -26.51 -8.04
N ASN D 63 -2.34 -25.35 -8.22
CA ASN D 63 -3.54 -24.95 -7.46
C ASN D 63 -4.85 -24.93 -8.30
N LEU D 64 -4.71 -25.07 -9.62
CA LEU D 64 -5.85 -25.02 -10.51
C LEU D 64 -5.54 -25.81 -11.75
N VAL D 65 -6.47 -26.69 -12.11
CA VAL D 65 -6.39 -27.45 -13.36
C VAL D 65 -7.59 -27.05 -14.19
N LEU D 66 -7.32 -26.54 -15.39
CA LEU D 66 -8.37 -26.23 -16.36
C LEU D 66 -8.41 -27.38 -17.35
N THR D 67 -9.55 -28.07 -17.39
CA THR D 67 -9.74 -29.25 -18.24
C THR D 67 -10.80 -28.95 -19.30
N LYS D 68 -10.43 -29.10 -20.58
CA LYS D 68 -11.42 -28.86 -21.64
C LYS D 68 -12.50 -29.93 -21.55
N GLY D 69 -13.75 -29.47 -21.66
CA GLY D 69 -14.90 -30.38 -21.73
C GLY D 69 -16.14 -29.70 -22.22
N PRO D 70 -17.21 -30.48 -22.40
CA PRO D 70 -18.39 -29.96 -23.07
C PRO D 70 -19.24 -29.02 -22.20
N VAL D 71 -19.18 -29.23 -20.89
CA VAL D 71 -20.04 -28.54 -19.95
C VAL D 71 -19.20 -28.01 -18.80
N ALA D 72 -19.14 -26.69 -18.69
CA ALA D 72 -18.33 -26.08 -17.65
C ALA D 72 -18.91 -26.42 -16.29
N ALA D 73 -18.03 -26.75 -15.35
CA ALA D 73 -18.42 -27.31 -14.05
C ALA D 73 -17.19 -27.50 -13.19
N LEU D 74 -17.40 -27.61 -11.89
CA LEU D 74 -16.36 -28.12 -11.00
C LEU D 74 -16.28 -29.62 -11.17
N LYS D 75 -15.08 -30.12 -11.47
CA LYS D 75 -14.86 -31.59 -11.51
C LYS D 75 -14.32 -32.15 -10.20
N ALA D 76 -13.46 -31.39 -9.49
CA ALA D 76 -12.95 -31.85 -8.20
C ALA D 76 -12.45 -30.68 -7.39
N MET D 77 -12.79 -30.66 -6.10
N MET D 77 -12.82 -30.67 -6.10
CA MET D 77 -12.09 -29.79 -5.17
CA MET D 77 -12.18 -29.84 -5.07
C MET D 77 -11.22 -30.63 -4.26
C MET D 77 -11.20 -30.74 -4.32
N ALA D 78 -9.92 -30.38 -4.33
CA ALA D 78 -8.89 -31.26 -3.75
C ALA D 78 -8.31 -30.67 -2.50
N PHE D 79 -8.21 -31.53 -1.50
CA PHE D 79 -7.56 -31.24 -0.24
C PHE D 79 -6.33 -32.13 -0.05
N ARG D 80 -5.22 -31.53 0.37
CA ARG D 80 -4.05 -32.32 0.68
C ARG D 80 -4.15 -32.84 2.10
N VAL D 81 -3.78 -34.12 2.27
CA VAL D 81 -3.76 -34.74 3.57
C VAL D 81 -2.34 -34.94 4.08
N ARG D 82 -2.20 -35.24 5.37
CA ARG D 82 -0.88 -35.11 6.01
C ARG D 82 0.12 -36.21 5.58
N THR D 83 -0.38 -37.42 5.38
CA THR D 83 0.46 -38.59 5.09
C THR D 83 -0.18 -39.44 3.98
N PRO D 84 0.63 -40.32 3.35
CA PRO D 84 0.04 -41.29 2.42
C PRO D 84 -1.07 -42.11 3.06
N GLU D 85 -0.89 -42.49 4.32
CA GLU D 85 -1.86 -43.31 5.03
C GLU D 85 -3.21 -42.59 5.20
N ASP D 86 -3.21 -41.25 5.18
CA ASP D 86 -4.48 -40.52 5.28
C ASP D 86 -5.37 -40.66 4.04
N VAL D 87 -4.78 -41.01 2.89
CA VAL D 87 -5.60 -41.35 1.72
C VAL D 87 -6.39 -42.66 1.97
N ASP D 88 -5.73 -43.65 2.55
CA ASP D 88 -6.45 -44.85 3.00
C ASP D 88 -7.52 -44.52 4.03
N LYS D 89 -7.20 -43.62 4.98
CA LYS D 89 -8.22 -43.24 5.96
C LYS D 89 -9.42 -42.56 5.31
N ALA D 90 -9.17 -41.67 4.34
CA ALA D 90 -10.26 -41.04 3.59
C ALA D 90 -11.12 -42.09 2.88
N GLU D 91 -10.48 -43.10 2.28
CA GLU D 91 -11.24 -44.11 1.55
C GLU D 91 -12.16 -44.89 2.48
N ALA D 92 -11.63 -45.29 3.63
CA ALA D 92 -12.41 -46.05 4.61
C ALA D 92 -13.54 -45.18 5.18
N TYR D 93 -13.26 -43.90 5.38
CA TYR D 93 -14.21 -42.97 6.01
C TYR D 93 -15.43 -42.77 5.08
N TYR D 94 -15.15 -42.49 3.81
CA TYR D 94 -16.24 -42.27 2.86
C TYR D 94 -16.97 -43.55 2.49
N GLN D 95 -16.27 -44.68 2.51
CA GLN D 95 -16.94 -45.99 2.36
C GLN D 95 -17.94 -46.24 3.49
N GLU D 96 -17.55 -45.92 4.72
CA GLU D 96 -18.48 -46.07 5.86
C GLU D 96 -19.69 -45.16 5.72
N LEU D 97 -19.47 -43.95 5.18
CA LEU D 97 -20.56 -43.01 4.88
C LEU D 97 -21.48 -43.50 3.75
N GLY D 98 -21.08 -44.55 3.04
CA GLY D 98 -21.89 -45.04 1.93
C GLY D 98 -21.73 -44.23 0.66
N CYS D 99 -20.63 -43.50 0.54
CA CYS D 99 -20.40 -42.68 -0.64
C CYS D 99 -19.65 -43.44 -1.70
N ARG D 100 -19.93 -43.08 -2.95
CA ARG D 100 -19.15 -43.57 -4.07
C ARG D 100 -17.74 -43.04 -4.01
N THR D 101 -16.77 -43.94 -4.18
CA THR D 101 -15.37 -43.56 -4.21
C THR D 101 -14.68 -44.17 -5.44
N GLU D 102 -13.60 -43.49 -5.83
CA GLU D 102 -12.69 -44.00 -6.84
C GLU D 102 -11.25 -43.65 -6.45
N ARG D 103 -10.42 -44.68 -6.43
CA ARG D 103 -9.02 -44.59 -6.00
C ARG D 103 -8.14 -44.80 -7.24
N ARG D 104 -7.23 -43.85 -7.49
CA ARG D 104 -6.20 -44.02 -8.51
C ARG D 104 -4.81 -43.86 -7.94
N LYS D 105 -4.04 -44.94 -7.95
CA LYS D 105 -2.71 -44.96 -7.36
C LYS D 105 -1.74 -44.01 -8.03
N ASP D 106 -2.00 -43.70 -9.30
CA ASP D 106 -1.15 -42.77 -10.01
C ASP D 106 -1.85 -41.45 -10.35
N GLY D 107 -2.95 -41.15 -9.66
CA GLY D 107 -3.58 -39.85 -9.74
C GLY D 107 -4.61 -39.69 -10.83
N PHE D 108 -5.43 -38.65 -10.71
CA PHE D 108 -6.43 -38.27 -11.72
C PHE D 108 -5.92 -37.19 -12.67
N VAL D 109 -5.00 -36.37 -12.19
CA VAL D 109 -4.43 -35.25 -12.93
C VAL D 109 -2.91 -35.28 -12.72
N LYS D 110 -2.20 -34.70 -13.68
CA LYS D 110 -0.74 -34.69 -13.67
C LYS D 110 -0.23 -33.99 -12.44
N GLY D 111 0.87 -34.50 -11.87
CA GLY D 111 1.51 -33.91 -10.70
C GLY D 111 0.87 -34.26 -9.37
N ILE D 112 -0.14 -35.14 -9.42
CA ILE D 112 -0.72 -35.74 -8.22
C ILE D 112 -0.52 -37.23 -8.31
N GLY D 113 -0.14 -37.83 -7.19
CA GLY D 113 0.05 -39.29 -7.12
C GLY D 113 -1.22 -39.94 -6.60
N ASP D 114 -1.04 -40.92 -5.72
CA ASP D 114 -2.13 -41.68 -5.16
C ASP D 114 -3.24 -40.74 -4.64
N ALA D 115 -4.45 -40.91 -5.17
CA ALA D 115 -5.56 -39.99 -4.91
C ALA D 115 -6.90 -40.70 -4.86
N LEU D 116 -7.75 -40.20 -3.98
CA LEU D 116 -9.12 -40.70 -3.81
C LEU D 116 -10.06 -39.59 -4.18
N ARG D 117 -10.98 -39.87 -5.12
CA ARG D 117 -12.12 -38.99 -5.37
C ARG D 117 -13.39 -39.60 -4.84
N VAL D 118 -14.25 -38.76 -4.28
CA VAL D 118 -15.51 -39.20 -3.71
C VAL D 118 -16.63 -38.26 -4.16
N GLU D 119 -17.83 -38.80 -4.32
CA GLU D 119 -19.07 -38.01 -4.36
C GLU D 119 -19.56 -37.91 -2.92
N ASP D 120 -19.33 -36.75 -2.30
CA ASP D 120 -19.52 -36.65 -0.86
C ASP D 120 -21.02 -36.58 -0.52
N PRO D 121 -21.37 -36.60 0.78
CA PRO D 121 -22.80 -36.61 1.14
C PRO D 121 -23.61 -35.40 0.68
N LEU D 122 -22.92 -34.30 0.39
CA LEU D 122 -23.58 -33.10 -0.15
C LEU D 122 -23.55 -33.05 -1.67
N GLY D 123 -23.09 -34.13 -2.32
CA GLY D 123 -23.04 -34.18 -3.76
C GLY D 123 -21.80 -33.59 -4.41
N PHE D 124 -20.80 -33.22 -3.61
CA PHE D 124 -19.60 -32.58 -4.14
C PHE D 124 -18.48 -33.57 -4.43
N PRO D 125 -17.74 -33.32 -5.53
CA PRO D 125 -16.61 -34.17 -5.87
C PRO D 125 -15.38 -33.69 -5.11
N TYR D 126 -15.05 -34.39 -4.03
CA TYR D 126 -13.86 -34.10 -3.27
C TYR D 126 -12.73 -35.04 -3.68
N GLU D 127 -11.52 -34.51 -3.71
CA GLU D 127 -10.31 -35.35 -3.81
C GLU D 127 -9.47 -35.21 -2.55
N PHE D 128 -8.88 -36.34 -2.14
CA PHE D 128 -7.85 -36.37 -1.10
C PHE D 128 -6.60 -37.00 -1.65
N PHE D 129 -5.46 -36.35 -1.41
CA PHE D 129 -4.15 -36.85 -1.88
C PHE D 129 -3.08 -36.38 -0.90
N PHE D 130 -1.97 -37.11 -0.87
CA PHE D 130 -0.73 -36.64 -0.29
C PHE D 130 0.35 -36.34 -1.34
N GLU D 131 0.61 -37.35 -2.18
N GLU D 131 0.63 -37.35 -2.16
CA GLU D 131 1.69 -37.33 -3.15
CA GLU D 131 1.77 -37.30 -3.08
C GLU D 131 1.49 -36.26 -4.21
C GLU D 131 1.51 -36.28 -4.19
N THR D 132 2.48 -35.37 -4.37
CA THR D 132 2.44 -34.38 -5.44
C THR D 132 3.87 -34.03 -5.85
N THR D 133 4.04 -33.78 -7.15
CA THR D 133 5.32 -33.35 -7.72
C THR D 133 5.63 -31.92 -7.29
N HIS D 134 6.74 -31.75 -6.58
CA HIS D 134 7.20 -30.41 -6.23
C HIS D 134 7.75 -29.68 -7.45
N VAL D 135 7.56 -28.37 -7.46
CA VAL D 135 8.01 -27.50 -8.52
C VAL D 135 8.80 -26.33 -7.91
N GLU D 136 9.37 -25.49 -8.77
CA GLU D 136 10.10 -24.32 -8.29
C GLU D 136 9.17 -23.39 -7.54
N ARG D 137 9.45 -23.16 -6.27
CA ARG D 137 8.64 -22.25 -5.49
C ARG D 137 9.03 -20.83 -5.91
N LEU D 138 8.08 -20.10 -6.48
CA LEU D 138 8.38 -18.80 -7.10
C LEU D 138 8.34 -17.60 -6.14
N HIS D 139 8.33 -17.84 -4.84
CA HIS D 139 7.99 -16.79 -3.88
C HIS D 139 8.95 -15.60 -3.84
N MET D 140 10.16 -15.76 -4.38
CA MET D 140 11.11 -14.63 -4.46
C MET D 140 11.44 -14.25 -5.90
N ARG D 141 10.62 -14.71 -6.83
CA ARG D 141 10.83 -14.42 -8.25
C ARG D 141 10.19 -13.08 -8.61
N TYR D 142 10.74 -12.02 -8.03
CA TYR D 142 10.21 -10.70 -8.23
C TYR D 142 10.40 -10.17 -9.66
N ASP D 143 11.26 -10.83 -10.43
CA ASP D 143 11.34 -10.60 -11.87
C ASP D 143 10.08 -11.02 -12.64
N LEU D 144 9.26 -11.88 -12.01
CA LEU D 144 7.96 -12.32 -12.54
C LEU D 144 6.75 -11.62 -11.89
N TYR D 145 6.94 -11.02 -10.72
CA TYR D 145 5.83 -10.58 -9.88
C TYR D 145 5.01 -9.53 -10.59
N SER D 146 3.71 -9.76 -10.71
N SER D 146 3.71 -9.78 -10.63
CA SER D 146 2.84 -8.77 -11.33
CA SER D 146 2.71 -8.91 -11.23
C SER D 146 2.22 -7.88 -10.27
C SER D 146 2.21 -7.88 -10.22
N ALA D 147 1.79 -6.71 -10.72
CA ALA D 147 1.10 -5.76 -9.85
C ALA D 147 -0.18 -6.32 -9.23
N GLY D 148 -0.73 -7.39 -9.82
CA GLY D 148 -1.89 -8.09 -9.28
C GLY D 148 -1.62 -9.49 -8.77
N GLU D 149 -0.38 -9.78 -8.35
CA GLU D 149 0.03 -11.19 -8.18
C GLU D 149 -0.84 -11.98 -7.19
N LEU D 150 -1.29 -13.14 -7.65
CA LEU D 150 -1.94 -14.13 -6.81
C LEU D 150 -0.92 -15.06 -6.16
N VAL D 151 -0.87 -15.02 -4.83
CA VAL D 151 0.24 -15.61 -4.10
C VAL D 151 -0.05 -16.98 -3.49
N ARG D 152 -1.32 -17.24 -3.16
N ARG D 152 -1.31 -17.25 -3.13
CA ARG D 152 -1.73 -18.55 -2.62
CA ARG D 152 -1.70 -18.56 -2.56
C ARG D 152 -3.12 -18.91 -3.14
C ARG D 152 -3.12 -18.91 -3.00
N LEU D 153 -3.43 -20.20 -3.08
CA LEU D 153 -4.83 -20.66 -3.00
C LEU D 153 -5.31 -20.53 -1.57
N ASP D 154 -6.41 -19.87 -1.34
CA ASP D 154 -6.93 -19.74 0.00
C ASP D 154 -8.10 -20.66 0.37
N HIS D 155 -9.13 -20.78 -0.47
CA HIS D 155 -10.31 -21.52 -0.06
C HIS D 155 -11.24 -21.80 -1.21
N PHE D 156 -12.16 -22.72 -0.95
CA PHE D 156 -13.34 -22.94 -1.78
C PHE D 156 -14.58 -22.44 -1.05
N ASN D 157 -15.64 -22.24 -1.81
CA ASN D 157 -16.94 -21.94 -1.21
C ASN D 157 -18.02 -22.66 -2.01
N GLN D 158 -18.85 -23.41 -1.27
CA GLN D 158 -19.83 -24.37 -1.80
C GLN D 158 -21.26 -23.90 -1.51
N VAL D 159 -22.13 -23.99 -2.51
CA VAL D 159 -23.55 -23.73 -2.32
C VAL D 159 -24.25 -25.04 -1.99
N THR D 160 -24.95 -25.06 -0.87
CA THR D 160 -25.64 -26.27 -0.44
C THR D 160 -26.93 -25.87 0.28
N PRO D 161 -28.00 -26.68 0.18
CA PRO D 161 -29.31 -26.16 0.63
C PRO D 161 -29.51 -26.12 2.14
N ASP D 162 -28.87 -27.04 2.86
CA ASP D 162 -29.05 -27.21 4.31
C ASP D 162 -27.70 -27.01 4.96
N VAL D 163 -27.46 -25.80 5.47
CA VAL D 163 -26.14 -25.47 5.96
C VAL D 163 -25.79 -26.25 7.24
N PRO D 164 -26.71 -26.35 8.21
CA PRO D 164 -26.32 -27.15 9.40
C PRO D 164 -25.95 -28.61 9.11
N ARG D 165 -26.65 -29.22 8.16
CA ARG D 165 -26.37 -30.61 7.80
C ARG D 165 -24.95 -30.71 7.25
N GLY D 166 -24.58 -29.78 6.37
CA GLY D 166 -23.26 -29.75 5.82
C GLY D 166 -22.20 -29.41 6.84
N ARG D 167 -22.53 -28.48 7.73
CA ARG D 167 -21.60 -28.04 8.76
C ARG D 167 -21.20 -29.18 9.69
N LYS D 168 -22.19 -29.94 10.14
CA LYS D 168 -21.95 -31.08 11.03
C LYS D 168 -21.00 -32.10 10.39
N TYR D 169 -21.29 -32.44 9.13
CA TYR D 169 -20.46 -33.36 8.37
C TYR D 169 -19.02 -32.87 8.24
N LEU D 170 -18.84 -31.59 7.92
CA LEU D 170 -17.50 -31.05 7.84
C LEU D 170 -16.79 -30.98 9.19
N GLU D 171 -17.53 -30.75 10.27
CA GLU D 171 -16.94 -30.78 11.60
C GLU D 171 -16.42 -32.18 11.94
N ASP D 172 -17.19 -33.20 11.56
CA ASP D 172 -16.73 -34.59 11.80
C ASP D 172 -15.47 -34.90 11.02
N LEU D 173 -15.33 -34.26 9.85
CA LEU D 173 -14.14 -34.37 9.02
C LEU D 173 -12.93 -33.61 9.56
N GLY D 174 -13.14 -32.78 10.60
CA GLY D 174 -12.07 -32.07 11.27
C GLY D 174 -12.02 -30.58 10.98
N PHE D 175 -12.88 -30.10 10.09
CA PHE D 175 -12.97 -28.66 9.87
C PHE D 175 -13.57 -27.99 11.12
N ARG D 176 -13.08 -26.79 11.46
CA ARG D 176 -13.63 -26.05 12.58
C ARG D 176 -14.27 -24.79 12.08
N VAL D 177 -15.49 -24.55 12.54
CA VAL D 177 -16.22 -23.34 12.17
C VAL D 177 -15.59 -22.13 12.83
N THR D 178 -15.39 -21.10 12.02
CA THR D 178 -14.83 -19.84 12.48
C THR D 178 -15.90 -18.76 12.56
N GLU D 179 -16.70 -18.61 11.51
CA GLU D 179 -17.75 -17.62 11.45
C GLU D 179 -18.99 -18.24 10.82
N ASP D 180 -20.15 -17.64 11.11
CA ASP D 180 -21.40 -18.01 10.46
C ASP D 180 -22.38 -16.83 10.46
N ILE D 181 -23.45 -17.01 9.67
CA ILE D 181 -24.51 -16.03 9.56
C ILE D 181 -25.82 -16.75 9.87
N GLN D 182 -26.55 -16.20 10.83
CA GLN D 182 -27.84 -16.76 11.28
C GLN D 182 -28.87 -15.63 11.44
N ASP D 183 -30.15 -15.99 11.62
CA ASP D 183 -31.10 -15.01 12.10
C ASP D 183 -31.65 -15.34 13.48
N ASP D 184 -32.50 -14.45 13.99
CA ASP D 184 -33.01 -14.61 15.35
C ASP D 184 -33.97 -15.78 15.51
N GLU D 185 -34.51 -16.27 14.41
CA GLU D 185 -35.44 -17.38 14.42
C GLU D 185 -34.75 -18.70 14.09
N GLY D 186 -33.41 -18.75 14.17
CA GLY D 186 -32.70 -20.01 14.19
C GLY D 186 -32.29 -20.58 12.83
N THR D 187 -32.45 -19.79 11.75
CA THR D 187 -32.00 -20.19 10.42
C THR D 187 -30.51 -19.83 10.22
N THR D 188 -29.79 -20.75 9.61
CA THR D 188 -28.39 -20.56 9.24
C THR D 188 -28.31 -20.35 7.74
N TYR D 189 -27.60 -19.29 7.35
CA TYR D 189 -27.47 -18.87 5.95
C TYR D 189 -26.10 -19.20 5.36
N ALA D 190 -25.08 -19.31 6.20
CA ALA D 190 -23.71 -19.52 5.74
C ALA D 190 -22.82 -19.88 6.92
N ALA D 191 -21.76 -20.63 6.62
CA ALA D 191 -20.75 -21.01 7.61
C ALA D 191 -19.38 -21.13 6.94
N TRP D 192 -18.33 -20.81 7.70
CA TRP D 192 -16.95 -20.81 7.22
C TRP D 192 -16.17 -21.76 8.12
N MET D 193 -15.28 -22.56 7.54
CA MET D 193 -14.58 -23.56 8.34
C MET D 193 -13.20 -23.92 7.80
N HIS D 194 -12.28 -24.30 8.69
CA HIS D 194 -10.87 -24.34 8.36
C HIS D 194 -10.17 -25.59 8.86
N ARG D 195 -9.07 -25.91 8.17
CA ARG D 195 -8.03 -26.77 8.71
C ARG D 195 -6.70 -26.05 8.93
N LYS D 196 -6.30 -25.19 8.00
CA LYS D 196 -4.93 -24.63 8.00
C LYS D 196 -4.65 -23.41 8.89
N GLY D 197 -5.60 -22.94 9.63
CA GLY D 197 -5.30 -21.85 10.59
C GLY D 197 -5.52 -20.43 10.03
N THR D 198 -6.27 -20.38 8.94
CA THR D 198 -6.86 -19.16 8.42
C THR D 198 -8.38 -19.27 8.62
N VAL D 199 -9.13 -18.28 8.18
CA VAL D 199 -10.59 -18.31 8.43
C VAL D 199 -11.27 -19.51 7.78
N GLN D 200 -10.76 -19.96 6.63
CA GLN D 200 -11.48 -20.97 5.86
C GLN D 200 -10.58 -21.76 4.95
N ASP D 201 -10.90 -23.04 4.81
CA ASP D 201 -10.47 -23.82 3.67
C ASP D 201 -11.61 -24.19 2.73
N THR D 202 -12.79 -24.38 3.31
CA THR D 202 -14.02 -24.36 2.56
C THR D 202 -15.10 -23.65 3.36
N ALA D 203 -16.21 -23.38 2.71
CA ALA D 203 -17.25 -22.56 3.28
C ALA D 203 -18.54 -22.98 2.60
N LEU D 204 -19.63 -22.81 3.33
CA LEU D 204 -20.95 -23.19 2.86
C LEU D 204 -21.80 -21.92 2.74
N THR D 205 -22.41 -21.75 1.58
CA THR D 205 -23.37 -20.71 1.30
C THR D 205 -24.72 -21.38 1.06
N GLY D 206 -25.71 -20.99 1.84
CA GLY D 206 -27.05 -21.53 1.69
C GLY D 206 -27.63 -21.23 0.31
N GLY D 207 -28.12 -22.27 -0.37
CA GLY D 207 -28.75 -22.09 -1.68
C GLY D 207 -28.96 -23.42 -2.34
N ASN D 208 -29.58 -23.40 -3.51
CA ASN D 208 -29.78 -24.64 -4.25
C ASN D 208 -28.42 -25.24 -4.59
N GLY D 209 -28.27 -26.55 -4.40
CA GLY D 209 -26.99 -27.20 -4.65
C GLY D 209 -27.07 -28.70 -4.79
N PRO D 210 -25.92 -29.35 -5.05
CA PRO D 210 -24.55 -28.80 -4.98
C PRO D 210 -24.18 -27.89 -6.16
N ARG D 211 -23.62 -26.72 -5.84
CA ARG D 211 -22.98 -25.87 -6.83
C ARG D 211 -21.72 -25.29 -6.19
N LEU D 212 -20.75 -24.96 -7.02
CA LEU D 212 -19.53 -24.32 -6.53
C LEU D 212 -19.70 -22.82 -6.59
N HIS D 213 -19.62 -22.16 -5.45
CA HIS D 213 -19.79 -20.73 -5.43
C HIS D 213 -18.55 -20.02 -5.98
N HIS D 214 -17.38 -20.33 -5.44
CA HIS D 214 -16.12 -19.74 -5.90
C HIS D 214 -14.90 -20.52 -5.43
N VAL D 215 -13.78 -20.21 -6.11
CA VAL D 215 -12.43 -20.51 -5.67
C VAL D 215 -11.75 -19.19 -5.36
N ALA D 216 -11.03 -19.14 -4.24
CA ALA D 216 -10.41 -17.91 -3.77
C ALA D 216 -8.88 -18.02 -3.75
N PHE D 217 -8.24 -17.00 -4.31
CA PHE D 217 -6.79 -16.83 -4.25
C PHE D 217 -6.45 -15.58 -3.43
N SER D 218 -5.30 -15.63 -2.77
CA SER D 218 -4.81 -14.54 -1.93
C SER D 218 -3.88 -13.63 -2.73
N THR D 219 -3.80 -12.35 -2.31
CA THR D 219 -2.69 -11.45 -2.65
C THR D 219 -1.94 -11.08 -1.39
N HIS D 220 -0.77 -10.48 -1.57
CA HIS D 220 -0.05 -9.91 -0.44
C HIS D 220 -0.76 -8.72 0.20
N GLU D 221 -1.18 -7.77 -0.64
CA GLU D 221 -1.64 -6.47 -0.15
C GLU D 221 -2.94 -6.08 -0.84
N LYS D 222 -3.59 -5.10 -0.24
CA LYS D 222 -4.88 -4.64 -0.76
C LYS D 222 -4.70 -3.99 -2.14
N HIS D 223 -3.58 -3.28 -2.35
CA HIS D 223 -3.36 -2.61 -3.65
C HIS D 223 -3.28 -3.62 -4.79
N ASN D 224 -2.89 -4.87 -4.48
CA ASN D 224 -2.82 -5.89 -5.54
C ASN D 224 -4.22 -6.21 -6.07
N ILE D 225 -5.20 -6.22 -5.18
CA ILE D 225 -6.59 -6.44 -5.56
C ILE D 225 -7.14 -5.23 -6.37
N ILE D 226 -6.81 -4.03 -5.90
N ILE D 226 -6.81 -4.03 -5.91
CA ILE D 226 -7.17 -2.84 -6.63
CA ILE D 226 -7.19 -2.83 -6.65
C ILE D 226 -6.63 -2.87 -8.07
C ILE D 226 -6.64 -2.89 -8.08
N GLN D 227 -5.39 -3.32 -8.22
CA GLN D 227 -4.77 -3.43 -9.55
C GLN D 227 -5.52 -4.41 -10.48
N ILE D 228 -6.01 -5.51 -9.93
CA ILE D 228 -6.81 -6.43 -10.77
C ILE D 228 -8.02 -5.70 -11.37
N CYS D 229 -8.70 -4.92 -10.54
CA CYS D 229 -9.84 -4.13 -11.00
C CYS D 229 -9.41 -3.13 -12.07
N ASP D 230 -8.31 -2.42 -11.80
CA ASP D 230 -7.80 -1.42 -12.74
C ASP D 230 -7.45 -2.06 -14.08
N LYS D 231 -6.81 -3.23 -14.02
CA LYS D 231 -6.41 -3.94 -15.23
C LYS D 231 -7.63 -4.39 -16.04
N MET D 232 -8.65 -4.88 -15.34
CA MET D 232 -9.88 -5.27 -16.00
C MET D 232 -10.58 -4.06 -16.66
N GLY D 233 -10.52 -2.90 -16.01
CA GLY D 233 -11.02 -1.67 -16.68
C GLY D 233 -10.22 -1.36 -17.95
N ALA D 234 -8.90 -1.45 -17.86
CA ALA D 234 -8.07 -1.16 -19.03
C ALA D 234 -8.31 -2.14 -20.19
N LEU D 235 -8.58 -3.39 -19.87
CA LEU D 235 -8.91 -4.42 -20.84
C LEU D 235 -10.37 -4.33 -21.30
N ARG D 236 -11.10 -3.36 -20.77
CA ARG D 236 -12.50 -3.16 -21.10
C ARG D 236 -13.33 -4.41 -20.87
N ILE D 237 -13.03 -5.08 -19.75
CA ILE D 237 -13.78 -6.24 -19.27
C ILE D 237 -14.30 -6.01 -17.84
N SER D 238 -14.62 -4.76 -17.53
CA SER D 238 -15.17 -4.42 -16.21
C SER D 238 -16.50 -5.10 -15.94
N ASP D 239 -17.19 -5.54 -17.00
CA ASP D 239 -18.42 -6.30 -16.81
C ASP D 239 -18.20 -7.68 -16.20
N ARG D 240 -16.95 -8.12 -16.18
CA ARG D 240 -16.58 -9.38 -15.52
C ARG D 240 -16.15 -9.20 -14.06
N ILE D 241 -16.18 -7.95 -13.59
CA ILE D 241 -16.09 -7.67 -12.15
C ILE D 241 -17.50 -7.76 -11.61
N GLU D 242 -17.73 -8.80 -10.82
CA GLU D 242 -19.08 -9.05 -10.30
C GLU D 242 -19.42 -8.17 -9.09
N ARG D 243 -18.50 -8.16 -8.13
CA ARG D 243 -18.78 -7.60 -6.82
C ARG D 243 -17.46 -7.18 -6.17
N GLY D 244 -17.44 -5.98 -5.60
CA GLY D 244 -16.26 -5.46 -4.93
C GLY D 244 -15.59 -4.37 -5.72
N PRO D 245 -14.36 -4.01 -5.31
CA PRO D 245 -13.66 -4.55 -4.18
C PRO D 245 -14.27 -4.10 -2.87
N GLY D 246 -14.02 -4.85 -1.81
CA GLY D 246 -14.58 -4.51 -0.51
C GLY D 246 -13.77 -5.00 0.65
N ARG D 247 -14.27 -4.72 1.87
CA ARG D 247 -13.81 -5.35 3.11
C ARG D 247 -14.95 -6.25 3.53
N HIS D 248 -14.63 -7.52 3.80
CA HIS D 248 -15.63 -8.41 4.36
C HIS D 248 -15.87 -8.11 5.84
N GLY D 249 -17.10 -8.31 6.29
CA GLY D 249 -17.39 -8.46 7.71
C GLY D 249 -16.86 -9.81 8.18
N VAL D 250 -17.59 -10.85 7.81
CA VAL D 250 -17.15 -12.22 8.02
C VAL D 250 -15.77 -12.41 7.34
N SER D 251 -14.80 -12.83 8.13
CA SER D 251 -13.39 -13.03 7.73
C SER D 251 -12.48 -11.81 7.86
N ASN D 252 -13.07 -10.61 7.77
CA ASN D 252 -12.33 -9.35 7.82
C ASN D 252 -11.35 -9.18 6.65
N ALA D 253 -11.50 -9.99 5.60
CA ALA D 253 -10.58 -9.92 4.49
C ALA D 253 -10.98 -8.85 3.46
N PHE D 254 -9.97 -8.27 2.79
CA PHE D 254 -10.20 -7.41 1.63
C PHE D 254 -10.47 -8.35 0.45
N TYR D 255 -11.43 -8.02 -0.40
CA TYR D 255 -11.95 -8.98 -1.36
C TYR D 255 -12.38 -8.39 -2.69
N LEU D 256 -12.50 -9.29 -3.67
CA LEU D 256 -13.05 -8.99 -4.98
C LEU D 256 -13.61 -10.26 -5.57
N TYR D 257 -14.73 -10.17 -6.30
CA TYR D 257 -15.25 -11.33 -7.06
C TYR D 257 -15.31 -11.00 -8.55
N ILE D 258 -14.74 -11.89 -9.34
CA ILE D 258 -14.67 -11.77 -10.78
C ILE D 258 -15.19 -13.06 -11.42
N LEU D 259 -15.50 -12.99 -12.73
CA LEU D 259 -16.08 -14.11 -13.43
C LEU D 259 -15.20 -14.50 -14.60
N ASP D 260 -14.87 -15.80 -14.66
CA ASP D 260 -14.06 -16.33 -15.76
C ASP D 260 -14.94 -16.53 -17.03
N PRO D 261 -14.34 -16.97 -18.16
CA PRO D 261 -15.11 -17.03 -19.41
C PRO D 261 -16.33 -17.97 -19.38
N ASP D 262 -16.32 -18.95 -18.50
CA ASP D 262 -17.45 -19.87 -18.29
C ASP D 262 -18.34 -19.49 -17.08
N ASN D 263 -18.15 -18.26 -16.57
N ASN D 263 -18.16 -18.26 -16.57
CA ASN D 263 -18.88 -17.76 -15.39
CA ASN D 263 -18.86 -17.76 -15.38
C ASN D 263 -18.48 -18.39 -14.08
C ASN D 263 -18.56 -18.51 -14.10
N HIS D 264 -17.39 -19.18 -14.04
CA HIS D 264 -16.86 -19.62 -12.76
C HIS D 264 -16.38 -18.38 -12.01
N ARG D 265 -16.78 -18.27 -10.75
CA ARG D 265 -16.48 -17.13 -9.92
C ARG D 265 -15.16 -17.36 -9.17
N ILE D 266 -14.29 -16.35 -9.26
CA ILE D 266 -13.02 -16.32 -8.58
C ILE D 266 -13.04 -15.17 -7.58
N GLU D 267 -12.71 -15.46 -6.33
CA GLU D 267 -12.50 -14.43 -5.31
C GLU D 267 -11.02 -14.14 -5.18
N ILE D 268 -10.69 -12.86 -5.04
CA ILE D 268 -9.35 -12.47 -4.65
C ILE D 268 -9.49 -11.93 -3.23
N TYR D 269 -8.51 -12.24 -2.37
CA TYR D 269 -8.69 -12.20 -0.93
C TYR D 269 -7.37 -11.84 -0.24
N THR D 270 -7.42 -11.05 0.83
CA THR D 270 -6.20 -10.86 1.62
C THR D 270 -6.52 -10.43 3.04
N GLN D 271 -5.63 -10.80 3.94
CA GLN D 271 -5.56 -10.25 5.30
C GLN D 271 -6.73 -10.59 6.20
N ASP D 272 -7.11 -11.87 6.18
CA ASP D 272 -7.86 -12.45 7.28
C ASP D 272 -6.92 -12.79 8.45
N TYR D 273 -7.44 -13.50 9.46
CA TYR D 273 -6.76 -13.59 10.75
C TYR D 273 -6.44 -15.07 11.09
N TYR D 274 -5.65 -15.26 12.13
CA TYR D 274 -5.18 -16.56 12.57
C TYR D 274 -6.26 -17.28 13.40
N THR D 275 -6.48 -18.55 13.06
CA THR D 275 -7.52 -19.34 13.69
C THR D 275 -7.02 -20.65 14.28
N GLY D 276 -5.70 -20.83 14.31
CA GLY D 276 -5.12 -22.17 14.66
C GLY D 276 -5.28 -22.62 16.09
N ASP D 277 -5.63 -21.74 17.01
CA ASP D 277 -5.86 -22.17 18.40
C ASP D 277 -7.21 -22.90 18.47
N PRO D 278 -7.28 -23.99 19.26
CA PRO D 278 -8.49 -24.82 19.22
C PRO D 278 -9.74 -24.17 19.80
N ASP D 279 -9.56 -23.16 20.66
CA ASP D 279 -10.64 -22.39 21.24
C ASP D 279 -10.79 -21.03 20.55
N ASN D 280 -10.32 -20.94 19.32
CA ASN D 280 -10.50 -19.76 18.50
C ASN D 280 -11.96 -19.28 18.64
N PRO D 281 -12.17 -18.00 18.98
CA PRO D 281 -13.57 -17.56 19.19
C PRO D 281 -14.38 -17.57 17.90
N THR D 282 -15.53 -18.23 17.93
CA THR D 282 -16.42 -18.19 16.78
C THR D 282 -17.14 -16.85 16.75
N ILE D 283 -17.50 -16.44 15.56
CA ILE D 283 -18.24 -15.17 15.38
C ILE D 283 -19.51 -15.45 14.58
N THR D 284 -20.66 -15.05 15.14
CA THR D 284 -21.94 -15.22 14.45
C THR D 284 -22.50 -13.84 14.17
N TRP D 285 -22.83 -13.62 12.91
CA TRP D 285 -23.44 -12.38 12.46
C TRP D 285 -24.93 -12.61 12.21
N ASN D 286 -25.70 -11.55 12.46
CA ASN D 286 -27.11 -11.56 12.09
C ASN D 286 -27.27 -11.30 10.60
N VAL D 287 -28.15 -12.04 9.95
CA VAL D 287 -28.33 -11.91 8.51
C VAL D 287 -28.77 -10.52 8.06
N HIS D 288 -29.41 -9.78 8.96
CA HIS D 288 -29.89 -8.42 8.63
C HIS D 288 -28.84 -7.34 8.86
N ASP D 289 -27.68 -7.73 9.37
CA ASP D 289 -26.57 -6.79 9.60
C ASP D 289 -25.92 -6.43 8.27
N ASN D 290 -26.13 -5.20 7.83
CA ASN D 290 -25.63 -4.77 6.53
C ASN D 290 -24.11 -4.59 6.47
N GLN D 291 -23.38 -4.82 7.58
CA GLN D 291 -21.92 -4.85 7.51
C GLN D 291 -21.35 -6.27 7.51
N ARG D 292 -22.19 -7.30 7.45
CA ARG D 292 -21.69 -8.66 7.65
C ARG D 292 -20.94 -9.19 6.43
N ARG D 293 -21.35 -8.79 5.23
CA ARG D 293 -20.73 -9.30 4.00
C ARG D 293 -19.77 -8.28 3.40
N ASP D 294 -20.25 -7.04 3.30
CA ASP D 294 -19.42 -5.91 3.00
C ASP D 294 -19.47 -4.99 4.22
N TRP D 295 -18.32 -4.85 4.86
CA TRP D 295 -18.18 -4.10 6.11
C TRP D 295 -18.55 -2.63 5.94
N TRP D 296 -18.40 -2.13 4.70
CA TRP D 296 -18.69 -0.73 4.39
C TRP D 296 -20.15 -0.52 4.00
N GLY D 297 -20.92 -1.59 4.03
CA GLY D 297 -22.34 -1.57 3.74
C GLY D 297 -22.69 -1.53 2.28
N ASN D 298 -21.72 -1.77 1.40
CA ASN D 298 -22.06 -1.79 -0.01
C ASN D 298 -22.99 -2.95 -0.31
N PRO D 299 -23.91 -2.76 -1.26
CA PRO D 299 -24.90 -3.80 -1.50
C PRO D 299 -24.31 -5.05 -2.12
N VAL D 300 -24.87 -6.20 -1.78
CA VAL D 300 -24.47 -7.46 -2.39
C VAL D 300 -25.29 -7.69 -3.64
N VAL D 301 -24.57 -7.79 -4.76
CA VAL D 301 -25.21 -7.91 -6.06
C VAL D 301 -26.04 -9.22 -6.10
N PRO D 302 -27.25 -9.17 -6.67
CA PRO D 302 -28.12 -10.35 -6.60
C PRO D 302 -27.52 -11.62 -7.21
N SER D 303 -26.73 -11.49 -8.27
CA SER D 303 -26.09 -12.66 -8.88
C SER D 303 -25.21 -13.43 -7.92
N TRP D 304 -24.66 -12.71 -6.94
CA TRP D 304 -23.83 -13.36 -5.93
C TRP D 304 -24.64 -14.41 -5.16
N TYR D 305 -25.91 -14.10 -4.92
CA TYR D 305 -26.79 -15.04 -4.24
C TYR D 305 -27.42 -16.11 -5.14
N THR D 306 -27.48 -15.89 -6.44
CA THR D 306 -28.25 -16.77 -7.31
C THR D 306 -27.42 -17.66 -8.22
N GLU D 307 -26.25 -17.16 -8.62
CA GLU D 307 -25.45 -17.82 -9.63
C GLU D 307 -24.30 -18.58 -9.00
N ALA D 308 -24.04 -19.76 -9.53
CA ALA D 308 -22.91 -20.57 -9.10
C ALA D 308 -22.69 -21.67 -10.12
N SER D 309 -21.51 -22.33 -10.06
CA SER D 309 -21.14 -23.34 -11.05
C SER D 309 -21.74 -24.71 -10.76
N LYS D 310 -22.09 -25.41 -11.84
CA LYS D 310 -22.42 -26.82 -11.77
C LYS D 310 -21.26 -27.62 -11.19
N VAL D 311 -21.57 -28.74 -10.55
CA VAL D 311 -20.55 -29.73 -10.16
C VAL D 311 -20.82 -31.08 -10.81
N LEU D 312 -19.75 -31.84 -11.03
CA LEU D 312 -19.82 -33.14 -11.67
C LEU D 312 -19.75 -34.27 -10.64
N ASP D 313 -20.39 -35.39 -11.01
CA ASP D 313 -20.13 -36.66 -10.34
C ASP D 313 -18.88 -37.36 -10.92
N LEU D 314 -18.57 -38.56 -10.43
CA LEU D 314 -17.32 -39.20 -10.81
C LEU D 314 -17.32 -39.73 -12.24
N ASP D 315 -18.51 -39.83 -12.85
CA ASP D 315 -18.60 -40.11 -14.29
C ASP D 315 -18.51 -38.88 -15.20
N GLY D 316 -18.42 -37.69 -14.61
CA GLY D 316 -18.37 -36.46 -15.37
C GLY D 316 -19.73 -35.91 -15.72
N ASN D 317 -20.80 -36.46 -15.14
CA ASN D 317 -22.14 -35.95 -15.36
C ASN D 317 -22.50 -34.91 -14.31
N VAL D 318 -23.30 -33.93 -14.70
CA VAL D 318 -23.68 -32.85 -13.79
C VAL D 318 -24.57 -33.43 -12.68
N GLN D 319 -24.24 -33.09 -11.43
CA GLN D 319 -25.10 -33.39 -10.29
C GLN D 319 -26.43 -32.64 -10.30
N GLU D 320 -27.50 -33.37 -10.01
CA GLU D 320 -28.82 -32.77 -9.86
C GLU D 320 -28.83 -31.80 -8.68
N ILE D 321 -29.58 -30.73 -8.87
CA ILE D 321 -29.74 -29.66 -7.89
C ILE D 321 -30.93 -29.96 -6.99
N ILE D 322 -30.72 -29.80 -5.69
CA ILE D 322 -31.75 -29.84 -4.65
C ILE D 322 -32.03 -28.44 -4.15
N GLU D 323 -33.33 -28.10 -4.07
CA GLU D 323 -33.72 -26.76 -3.72
C GLU D 323 -33.62 -26.50 -2.22
N ARG D 324 -33.07 -25.34 -1.87
CA ARG D 324 -33.12 -24.85 -0.49
C ARG D 324 -34.56 -24.57 -0.09
N THR D 325 -34.95 -25.05 1.09
CA THR D 325 -36.25 -24.75 1.69
C THR D 325 -36.18 -23.74 2.84
N ASP D 326 -35.04 -23.64 3.53
CA ASP D 326 -34.82 -22.56 4.49
C ASP D 326 -34.88 -21.20 3.79
N ASP D 327 -35.01 -20.14 4.59
CA ASP D 327 -35.15 -18.79 4.03
C ASP D 327 -33.94 -18.39 3.18
N SER D 328 -34.20 -17.51 2.22
CA SER D 328 -33.19 -17.05 1.28
C SER D 328 -32.52 -15.77 1.81
N GLU D 329 -31.20 -15.77 1.90
CA GLU D 329 -30.50 -14.55 2.30
C GLU D 329 -30.81 -13.34 1.42
N LEU D 330 -30.85 -13.54 0.11
CA LEU D 330 -31.25 -12.50 -0.83
C LEU D 330 -32.60 -11.93 -0.39
N GLU D 331 -33.58 -12.80 -0.23
CA GLU D 331 -34.94 -12.33 -0.03
C GLU D 331 -35.08 -11.57 1.29
N VAL D 332 -34.44 -12.07 2.34
CA VAL D 332 -34.66 -11.47 3.66
C VAL D 332 -33.84 -10.19 3.87
N THR D 333 -32.91 -9.90 2.97
CA THR D 333 -32.06 -8.72 3.11
C THR D 333 -32.30 -7.64 2.04
N ILE D 334 -32.38 -8.03 0.76
CA ILE D 334 -32.44 -7.05 -0.34
C ILE D 334 -33.65 -7.19 -1.26
N GLY D 335 -34.48 -8.20 -1.04
CA GLY D 335 -35.68 -8.37 -1.86
C GLY D 335 -36.75 -7.40 -1.39
N ALA D 336 -37.91 -7.43 -2.04
CA ALA D 336 -38.97 -6.47 -1.75
C ALA D 336 -39.50 -6.58 -0.29
N ASP D 337 -39.36 -7.75 0.34
CA ASP D 337 -39.77 -7.94 1.74
C ASP D 337 -38.59 -8.00 2.69
N GLY D 338 -37.40 -7.68 2.19
CA GLY D 338 -36.17 -7.81 2.96
C GLY D 338 -35.91 -6.57 3.80
N PHE D 339 -34.94 -6.68 4.70
CA PHE D 339 -34.41 -5.48 5.34
C PHE D 339 -33.01 -5.74 5.81
N SER D 340 -32.29 -4.65 6.00
CA SER D 340 -31.01 -4.71 6.66
C SER D 340 -30.82 -3.43 7.48
N PHE D 341 -29.89 -3.47 8.43
CA PHE D 341 -29.59 -2.35 9.30
C PHE D 341 -28.09 -2.04 9.31
N THR D 342 -27.75 -0.81 9.65
CA THR D 342 -26.39 -0.40 9.95
C THR D 342 -26.09 -0.59 11.44
N ARG D 343 -27.00 -0.11 12.27
CA ARG D 343 -26.95 -0.27 13.74
C ARG D 343 -28.19 -1.03 14.16
N ALA D 344 -27.98 -2.12 14.90
CA ALA D 344 -29.09 -2.96 15.31
C ALA D 344 -30.11 -2.12 16.09
N GLY D 345 -31.38 -2.24 15.69
CA GLY D 345 -32.44 -1.47 16.33
C GLY D 345 -32.64 -0.02 15.89
N ASP D 346 -31.81 0.48 14.98
CA ASP D 346 -31.89 1.88 14.53
C ASP D 346 -32.52 1.93 13.15
N GLU D 347 -33.60 2.69 13.03
CA GLU D 347 -34.23 2.91 11.75
C GLU D 347 -33.34 3.75 10.82
N ASP D 348 -32.61 4.70 11.38
CA ASP D 348 -31.65 5.47 10.57
C ASP D 348 -30.58 4.54 10.05
N GLY D 349 -30.34 4.57 8.76
CA GLY D 349 -29.33 3.68 8.19
C GLY D 349 -29.85 2.27 7.96
N SER D 350 -31.17 2.09 8.02
N SER D 350 -31.17 2.10 8.03
CA SER D 350 -31.76 0.82 7.66
CA SER D 350 -31.77 0.82 7.67
C SER D 350 -32.43 0.87 6.29
C SER D 350 -32.39 0.87 6.28
N TYR D 351 -32.57 -0.31 5.69
CA TYR D 351 -33.03 -0.43 4.31
C TYR D 351 -34.15 -1.45 4.30
N HIS D 352 -35.28 -1.07 3.71
CA HIS D 352 -36.45 -1.94 3.69
C HIS D 352 -36.93 -2.08 2.26
N GLY D 353 -36.96 -3.31 1.78
CA GLY D 353 -37.48 -3.61 0.45
C GLY D 353 -36.52 -3.25 -0.67
N GLN D 354 -35.28 -2.97 -0.31
CA GLN D 354 -34.24 -2.67 -1.28
C GLN D 354 -32.89 -2.80 -0.65
N ALA D 355 -31.86 -2.71 -1.50
CA ALA D 355 -30.51 -2.81 -1.03
C ALA D 355 -30.02 -1.48 -0.46
N SER D 356 -28.84 -1.53 0.12
CA SER D 356 -28.23 -0.32 0.65
C SER D 356 -27.88 0.62 -0.49
N LYS D 357 -27.57 1.87 -0.10
CA LYS D 357 -26.97 2.88 -0.97
C LYS D 357 -27.87 3.34 -2.12
N GLY D 358 -29.17 3.01 -2.09
CA GLY D 358 -30.14 3.63 -3.01
C GLY D 358 -30.60 2.78 -4.18
N PHE D 359 -30.22 1.51 -4.18
CA PHE D 359 -30.57 0.58 -5.27
C PHE D 359 -31.66 -0.41 -4.86
N LYS D 360 -32.54 -0.77 -5.80
CA LYS D 360 -33.34 -1.99 -5.67
C LYS D 360 -32.85 -3.05 -6.65
N LEU D 361 -33.42 -4.25 -6.55
CA LEU D 361 -33.02 -5.35 -7.42
C LEU D 361 -33.34 -4.98 -8.86
N GLY D 362 -32.40 -5.28 -9.78
CA GLY D 362 -32.63 -5.09 -11.21
C GLY D 362 -33.37 -6.27 -11.79
FE FE2 E . 16.83 13.86 -5.85
O1 P6G F . 25.48 14.08 -32.55
C2 P6G F . 25.63 12.66 -32.63
C3 P6G F . 25.41 12.04 -31.26
O4 P6G F . 26.69 11.77 -30.71
C5 P6G F . 26.70 10.83 -29.65
C6 P6G F . 26.69 11.52 -28.28
O7 P6G F . 26.76 12.94 -28.38
C8 P6G F . 28.09 13.46 -28.20
C9 P6G F . 28.55 14.19 -29.44
O10 P6G F . 27.71 15.34 -29.62
C11 P6G F . 28.09 16.05 -30.77
C12 P6G F . 27.25 17.32 -30.79
O13 P6G F . 25.91 16.93 -31.03
C14 P6G F . 25.04 18.05 -31.24
C15 P6G F . 23.69 17.57 -31.73
O16 P6G F . 23.08 16.78 -30.69
C17 P6G F . 21.96 16.03 -31.15
C18 P6G F . 21.34 15.28 -29.98
O19 P6G F . 22.14 14.13 -29.63
CL CL G . 19.42 12.91 0.31
FE FE2 H . -14.46 15.32 -7.13
CA CA I . -27.18 10.16 -28.08
O1 P6G J . -22.20 36.82 10.75
C2 P6G J . -21.63 35.50 10.75
C3 P6G J . -22.78 34.51 10.72
O4 P6G J . -22.39 33.18 10.43
C5 P6G J . -23.51 32.29 10.58
C6 P6G J . -23.62 31.44 9.33
O7 P6G J . -23.71 32.30 8.21
C8 P6G J . -25.04 32.52 7.74
C9 P6G J . -25.38 33.99 7.93
O10 P6G J . -24.43 34.79 7.25
C11 P6G J . -24.65 36.17 7.48
C12 P6G J . -23.68 36.99 6.62
O13 P6G J . -22.37 36.85 7.12
C14 P6G J . -21.35 37.50 6.35
C15 P6G J . -20.03 37.51 7.12
O16 P6G J . -19.64 36.15 7.24
C17 P6G J . -18.41 35.98 7.91
C18 P6G J . -17.91 34.53 7.77
O19 P6G J . -18.86 33.64 8.36
O1 P6G K . -16.64 15.01 -28.25
C2 P6G K . -17.98 14.79 -27.76
C3 P6G K . -18.92 14.36 -28.88
O4 P6G K . -18.51 13.11 -29.44
C5 P6G K . -19.36 12.63 -30.48
C6 P6G K . -18.86 11.27 -30.95
O7 P6G K . -18.93 10.28 -29.90
C8 P6G K . -18.01 9.20 -30.10
C9 P6G K . -18.12 8.16 -28.98
O10 P6G K . -19.19 7.25 -29.21
C11 P6G K . -19.26 6.25 -28.17
C12 P6G K . -20.20 5.10 -28.54
O13 P6G K . -19.79 4.52 -29.80
C14 P6G K . -20.68 3.48 -30.18
C15 P6G K . -20.24 2.82 -31.48
O16 P6G K . -19.06 2.08 -31.24
C17 P6G K . -18.51 1.47 -32.38
C18 P6G K . -17.16 0.86 -32.04
O19 P6G K . -16.21 1.90 -31.88
CL CL L . -17.39 10.35 -10.73
FE FE2 M . 13.30 -12.54 13.19
O1 P6G N . 8.90 -11.84 42.11
C2 P6G N . 8.47 -11.15 40.91
C3 P6G N . 9.76 -10.64 40.30
O4 P6G N . 9.60 -9.68 39.28
C5 P6G N . 10.72 -8.82 39.12
C6 P6G N . 11.43 -9.11 37.83
O7 P6G N . 11.80 -10.48 37.79
C8 P6G N . 13.15 -10.76 38.10
C9 P6G N . 13.13 -11.47 39.43
O10 P6G N . 12.48 -12.75 39.32
C11 P6G N . 12.36 -13.40 40.57
C12 P6G N . 11.65 -14.70 40.38
O13 P6G N . 10.31 -14.47 39.97
C14 P6G N . 9.64 -15.70 39.72
C15 P6G N . 8.16 -15.48 39.51
O16 P6G N . 7.98 -14.62 38.40
C17 P6G N . 6.61 -14.32 38.18
C18 P6G N . 6.55 -13.57 36.87
O19 P6G N . 7.27 -12.34 36.88
C1 4NC O . 14.06 -13.26 10.50
C2 4NC O . 15.27 -12.63 11.12
C3 4NC O . 16.44 -12.56 10.39
C4 4NC O . 16.45 -13.02 9.05
C5 4NC O . 15.31 -13.61 8.48
C6 4NC O . 14.11 -13.77 9.21
O7 4NC O . 12.96 -13.27 11.28
O8 4NC O . 15.15 -12.11 12.37
N9 4NC O . 17.57 -12.74 8.28
O10 4NC O . 17.52 -13.07 7.01
O11 4NC O . 18.46 -11.63 8.78
FE FE2 P . -14.88 -16.61 -0.09
O1 P6G Q . -12.23 -38.70 -19.59
C2 P6G Q . -11.43 -37.79 -18.83
C3 P6G Q . -11.36 -36.43 -19.52
O4 P6G Q . -12.57 -35.74 -19.26
C5 P6G Q . -12.43 -34.34 -19.38
C6 P6G Q . -13.76 -33.62 -19.20
O7 P6G Q . -14.30 -33.82 -17.86
C8 P6G Q . -15.70 -34.11 -17.87
C9 P6G Q . -15.94 -35.58 -18.22
O10 P6G Q . -15.48 -36.41 -17.14
C11 P6G Q . -15.45 -37.81 -17.45
C12 P6G Q . -14.94 -38.61 -16.24
O13 P6G Q . -13.55 -38.38 -16.05
C14 P6G Q . -13.02 -39.03 -14.89
C15 P6G Q . -11.50 -38.92 -14.93
O16 P6G Q . -11.19 -37.55 -14.72
C17 P6G Q . -9.79 -37.31 -14.83
C18 P6G Q . -9.49 -35.88 -14.44
O19 P6G Q . -10.08 -35.00 -15.43
CL CL R . -19.51 -11.95 1.56
#